data_1PHT
# 
_entry.id   1PHT 
# 
_audit_conform.dict_name       mmcif_pdbx.dic 
_audit_conform.dict_version    5.386 
_audit_conform.dict_location   http://mmcif.pdb.org/dictionaries/ascii/mmcif_pdbx.dic 
# 
loop_
_database_2.database_id 
_database_2.database_code 
_database_2.pdbx_database_accession 
_database_2.pdbx_DOI 
PDB   1PHT         pdb_00001pht 10.2210/pdb1pht/pdb 
WWPDB D_1000175686 ?            ?                   
# 
loop_
_pdbx_audit_revision_history.ordinal 
_pdbx_audit_revision_history.data_content_type 
_pdbx_audit_revision_history.major_revision 
_pdbx_audit_revision_history.minor_revision 
_pdbx_audit_revision_history.revision_date 
1 'Structure model' 1 0 1995-12-07 
2 'Structure model' 1 1 2008-03-24 
3 'Structure model' 1 2 2011-07-13 
4 'Structure model' 1 3 2024-02-14 
# 
_pdbx_audit_revision_details.ordinal             1 
_pdbx_audit_revision_details.revision_ordinal    1 
_pdbx_audit_revision_details.data_content_type   'Structure model' 
_pdbx_audit_revision_details.provider            repository 
_pdbx_audit_revision_details.type                'Initial release' 
_pdbx_audit_revision_details.description         ? 
_pdbx_audit_revision_details.details             ? 
# 
loop_
_pdbx_audit_revision_group.ordinal 
_pdbx_audit_revision_group.revision_ordinal 
_pdbx_audit_revision_group.data_content_type 
_pdbx_audit_revision_group.group 
1 2 'Structure model' 'Version format compliance' 
2 3 'Structure model' 'Version format compliance' 
3 4 'Structure model' 'Data collection'           
4 4 'Structure model' 'Database references'       
5 4 'Structure model' Other                       
# 
loop_
_pdbx_audit_revision_category.ordinal 
_pdbx_audit_revision_category.revision_ordinal 
_pdbx_audit_revision_category.data_content_type 
_pdbx_audit_revision_category.category 
1 4 'Structure model' chem_comp_atom       
2 4 'Structure model' chem_comp_bond       
3 4 'Structure model' database_2           
4 4 'Structure model' pdbx_database_status 
# 
loop_
_pdbx_audit_revision_item.ordinal 
_pdbx_audit_revision_item.revision_ordinal 
_pdbx_audit_revision_item.data_content_type 
_pdbx_audit_revision_item.item 
1 4 'Structure model' '_database_2.pdbx_DOI'                
2 4 'Structure model' '_database_2.pdbx_database_accession' 
3 4 'Structure model' '_pdbx_database_status.process_site'  
# 
_pdbx_database_status.status_code                     REL 
_pdbx_database_status.entry_id                        1PHT 
_pdbx_database_status.recvd_initial_deposition_date   1995-08-17 
_pdbx_database_status.deposit_site                    ? 
_pdbx_database_status.process_site                    BNL 
_pdbx_database_status.SG_entry                        . 
_pdbx_database_status.pdb_format_compatible           Y 
_pdbx_database_status.status_code_mr                  ? 
_pdbx_database_status.status_code_sf                  ? 
_pdbx_database_status.status_code_cs                  ? 
_pdbx_database_status.status_code_nmr_data            ? 
_pdbx_database_status.methods_development_category    ? 
# 
loop_
_audit_author.name 
_audit_author.pdbx_ordinal 
'Liang, J.'       1 
'Chen, J.K.'      2 
'Schreiber, S.L.' 3 
'Clardy, J.'      4 
# 
loop_
_citation.id 
_citation.title 
_citation.journal_abbrev 
_citation.journal_volume 
_citation.page_first 
_citation.page_last 
_citation.year 
_citation.journal_id_ASTM 
_citation.country 
_citation.journal_id_ISSN 
_citation.journal_id_CSD 
_citation.book_publisher 
_citation.pdbx_database_id_PubMed 
_citation.pdbx_database_id_DOI 
primary 'Crystal structure of P13K SH3 domain at 20 angstroms resolution.'         J.Mol.Biol.             257 632 643 1996 JMOBAK 
UK 0022-2836 0070 ? 8648629 10.1006/jmbi.1996.0190 
1       'Structural Basis for the Binding of Proline-Rich Peptides to SH3 Domains' 'Cell(Cambridge,Mass.)' 76  933 ?   1994 CELLB5 
US 0092-8674 0998 ? ?       ?                      
# 
loop_
_citation_author.citation_id 
_citation_author.name 
_citation_author.ordinal 
_citation_author.identifier_ORCID 
primary 'Liang, J.'       1 ? 
primary 'Chen, J.K.'      2 ? 
primary 'Schreiber, S.T.' 3 ? 
primary 'Clardy, J.'      4 ? 
1       'Yu, H.'          5 ? 
1       'Chen, J.K.'      6 ? 
1       'Dalgarno, D.C.'  7 ? 
1       'Brauer, A.W.'    8 ? 
1       'Schreiber, S.L.' 9 ? 
# 
loop_
_entity.id 
_entity.type 
_entity.src_method 
_entity.pdbx_description 
_entity.formula_weight 
_entity.pdbx_number_of_molecules 
_entity.pdbx_ec 
_entity.pdbx_mutation 
_entity.pdbx_fragment 
_entity.details 
1 polymer man 'PHOSPHATIDYLINOSITOL 3-KINASE P85-ALPHA SUBUNIT' 9630.584 1  ? ? ? ? 
2 water   nat water                                             18.015   59 ? ? ? ? 
# 
_entity_name_com.entity_id   1 
_entity_name_com.name        'PI3K SH3' 
# 
_entity_poly.entity_id                      1 
_entity_poly.type                           'polypeptide(L)' 
_entity_poly.nstd_linkage                   no 
_entity_poly.nstd_monomer                   no 
_entity_poly.pdbx_seq_one_letter_code       
;MSAEGYQYRALYDYKKEREEDIDLHLGDILTVNKGSLVALGFSDGQEARPEEIGWLNGYNETTGERGDFPGTYVEYIGRK
KISPP
;
_entity_poly.pdbx_seq_one_letter_code_can   
;MSAEGYQYRALYDYKKEREEDIDLHLGDILTVNKGSLVALGFSDGQEARPEEIGWLNGYNETTGERGDFPGTYVEYIGRK
KISPP
;
_entity_poly.pdbx_strand_id                 A 
_entity_poly.pdbx_target_identifier         ? 
# 
_pdbx_entity_nonpoly.entity_id   2 
_pdbx_entity_nonpoly.name        water 
_pdbx_entity_nonpoly.comp_id     HOH 
# 
loop_
_entity_poly_seq.entity_id 
_entity_poly_seq.num 
_entity_poly_seq.mon_id 
_entity_poly_seq.hetero 
1 1  MET n 
1 2  SER n 
1 3  ALA n 
1 4  GLU n 
1 5  GLY n 
1 6  TYR n 
1 7  GLN n 
1 8  TYR n 
1 9  ARG n 
1 10 ALA n 
1 11 LEU n 
1 12 TYR n 
1 13 ASP n 
1 14 TYR n 
1 15 LYS n 
1 16 LYS n 
1 17 GLU n 
1 18 ARG n 
1 19 GLU n 
1 20 GLU n 
1 21 ASP n 
1 22 ILE n 
1 23 ASP n 
1 24 LEU n 
1 25 HIS n 
1 26 LEU n 
1 27 GLY n 
1 28 ASP n 
1 29 ILE n 
1 30 LEU n 
1 31 THR n 
1 32 VAL n 
1 33 ASN n 
1 34 LYS n 
1 35 GLY n 
1 36 SER n 
1 37 LEU n 
1 38 VAL n 
1 39 ALA n 
1 40 LEU n 
1 41 GLY n 
1 42 PHE n 
1 43 SER n 
1 44 ASP n 
1 45 GLY n 
1 46 GLN n 
1 47 GLU n 
1 48 ALA n 
1 49 ARG n 
1 50 PRO n 
1 51 GLU n 
1 52 GLU n 
1 53 ILE n 
1 54 GLY n 
1 55 TRP n 
1 56 LEU n 
1 57 ASN n 
1 58 GLY n 
1 59 TYR n 
1 60 ASN n 
1 61 GLU n 
1 62 THR n 
1 63 THR n 
1 64 GLY n 
1 65 GLU n 
1 66 ARG n 
1 67 GLY n 
1 68 ASP n 
1 69 PHE n 
1 70 PRO n 
1 71 GLY n 
1 72 THR n 
1 73 TYR n 
1 74 VAL n 
1 75 GLU n 
1 76 TYR n 
1 77 ILE n 
1 78 GLY n 
1 79 ARG n 
1 80 LYS n 
1 81 LYS n 
1 82 ILE n 
1 83 SER n 
1 84 PRO n 
1 85 PRO n 
# 
_entity_src_gen.entity_id                          1 
_entity_src_gen.pdbx_src_id                        1 
_entity_src_gen.pdbx_alt_source_flag               sample 
_entity_src_gen.pdbx_seq_type                      ? 
_entity_src_gen.pdbx_beg_seq_num                   ? 
_entity_src_gen.pdbx_end_seq_num                   ? 
_entity_src_gen.gene_src_common_name               human 
_entity_src_gen.gene_src_genus                     Homo 
_entity_src_gen.pdbx_gene_src_gene                 'PI3K SH3 FROM CDNA LIBRARY OF' 
_entity_src_gen.gene_src_species                   ? 
_entity_src_gen.gene_src_strain                    ? 
_entity_src_gen.gene_src_tissue                    ? 
_entity_src_gen.gene_src_tissue_fraction           ? 
_entity_src_gen.gene_src_details                   ? 
_entity_src_gen.pdbx_gene_src_fragment             ? 
_entity_src_gen.pdbx_gene_src_scientific_name      'Homo sapiens' 
_entity_src_gen.pdbx_gene_src_ncbi_taxonomy_id     9606 
_entity_src_gen.pdbx_gene_src_variant              ? 
_entity_src_gen.pdbx_gene_src_cell_line            'BL21(DE3)' 
_entity_src_gen.pdbx_gene_src_atcc                 ? 
_entity_src_gen.pdbx_gene_src_organ                ? 
_entity_src_gen.pdbx_gene_src_organelle            ? 
_entity_src_gen.pdbx_gene_src_cell                 ? 
_entity_src_gen.pdbx_gene_src_cellular_location    ? 
_entity_src_gen.host_org_common_name               ? 
_entity_src_gen.pdbx_host_org_scientific_name      'Escherichia coli BL21(DE3)' 
_entity_src_gen.pdbx_host_org_ncbi_taxonomy_id     469008 
_entity_src_gen.host_org_genus                     Escherichia 
_entity_src_gen.pdbx_host_org_gene                 'PI3K SH3 FROM CDNA LIBRARY OF' 
_entity_src_gen.pdbx_host_org_organ                ? 
_entity_src_gen.host_org_species                   'Escherichia coli' 
_entity_src_gen.pdbx_host_org_tissue               ? 
_entity_src_gen.pdbx_host_org_tissue_fraction      ? 
_entity_src_gen.pdbx_host_org_strain               'BL21(DE3)' 
_entity_src_gen.pdbx_host_org_variant              ? 
_entity_src_gen.pdbx_host_org_cell_line            ? 
_entity_src_gen.pdbx_host_org_atcc                 ? 
_entity_src_gen.pdbx_host_org_culture_collection   ? 
_entity_src_gen.pdbx_host_org_cell                 ? 
_entity_src_gen.pdbx_host_org_organelle            ? 
_entity_src_gen.pdbx_host_org_cellular_location    ? 
_entity_src_gen.pdbx_host_org_vector_type          ? 
_entity_src_gen.pdbx_host_org_vector               ? 
_entity_src_gen.host_org_details                   ? 
_entity_src_gen.expression_system_id               ? 
_entity_src_gen.plasmid_name                       PLM1-SH3 
_entity_src_gen.plasmid_details                    ? 
_entity_src_gen.pdbx_description                   NOVAGEN 
# 
loop_
_chem_comp.id 
_chem_comp.type 
_chem_comp.mon_nstd_flag 
_chem_comp.name 
_chem_comp.pdbx_synonyms 
_chem_comp.formula 
_chem_comp.formula_weight 
ALA 'L-peptide linking' y ALANINE         ? 'C3 H7 N O2'     89.093  
ARG 'L-peptide linking' y ARGININE        ? 'C6 H15 N4 O2 1' 175.209 
ASN 'L-peptide linking' y ASPARAGINE      ? 'C4 H8 N2 O3'    132.118 
ASP 'L-peptide linking' y 'ASPARTIC ACID' ? 'C4 H7 N O4'     133.103 
GLN 'L-peptide linking' y GLUTAMINE       ? 'C5 H10 N2 O3'   146.144 
GLU 'L-peptide linking' y 'GLUTAMIC ACID' ? 'C5 H9 N O4'     147.129 
GLY 'peptide linking'   y GLYCINE         ? 'C2 H5 N O2'     75.067  
HIS 'L-peptide linking' y HISTIDINE       ? 'C6 H10 N3 O2 1' 156.162 
HOH non-polymer         . WATER           ? 'H2 O'           18.015  
ILE 'L-peptide linking' y ISOLEUCINE      ? 'C6 H13 N O2'    131.173 
LEU 'L-peptide linking' y LEUCINE         ? 'C6 H13 N O2'    131.173 
LYS 'L-peptide linking' y LYSINE          ? 'C6 H15 N2 O2 1' 147.195 
MET 'L-peptide linking' y METHIONINE      ? 'C5 H11 N O2 S'  149.211 
PHE 'L-peptide linking' y PHENYLALANINE   ? 'C9 H11 N O2'    165.189 
PRO 'L-peptide linking' y PROLINE         ? 'C5 H9 N O2'     115.130 
SER 'L-peptide linking' y SERINE          ? 'C3 H7 N O3'     105.093 
THR 'L-peptide linking' y THREONINE       ? 'C4 H9 N O3'     119.119 
TRP 'L-peptide linking' y TRYPTOPHAN      ? 'C11 H12 N2 O2'  204.225 
TYR 'L-peptide linking' y TYROSINE        ? 'C9 H11 N O3'    181.189 
VAL 'L-peptide linking' y VALINE          ? 'C5 H11 N O2'    117.146 
# 
loop_
_pdbx_poly_seq_scheme.asym_id 
_pdbx_poly_seq_scheme.entity_id 
_pdbx_poly_seq_scheme.seq_id 
_pdbx_poly_seq_scheme.mon_id 
_pdbx_poly_seq_scheme.ndb_seq_num 
_pdbx_poly_seq_scheme.pdb_seq_num 
_pdbx_poly_seq_scheme.auth_seq_num 
_pdbx_poly_seq_scheme.pdb_mon_id 
_pdbx_poly_seq_scheme.auth_mon_id 
_pdbx_poly_seq_scheme.pdb_strand_id 
_pdbx_poly_seq_scheme.pdb_ins_code 
_pdbx_poly_seq_scheme.hetero 
A 1 1  MET 1  1  ?  ?   ?   A . n 
A 1 2  SER 2  2  ?  ?   ?   A . n 
A 1 3  ALA 3  3  3  ALA ALA A . n 
A 1 4  GLU 4  4  4  GLU GLU A . n 
A 1 5  GLY 5  5  5  GLY GLY A . n 
A 1 6  TYR 6  6  6  TYR TYR A . n 
A 1 7  GLN 7  7  7  GLN GLN A . n 
A 1 8  TYR 8  8  8  TYR TYR A . n 
A 1 9  ARG 9  9  9  ARG ARG A . n 
A 1 10 ALA 10 10 10 ALA ALA A . n 
A 1 11 LEU 11 11 11 LEU LEU A . n 
A 1 12 TYR 12 12 12 TYR TYR A . n 
A 1 13 ASP 13 13 13 ASP ASP A . n 
A 1 14 TYR 14 14 14 TYR TYR A . n 
A 1 15 LYS 15 15 15 LYS LYS A . n 
A 1 16 LYS 16 16 16 LYS LYS A . n 
A 1 17 GLU 17 17 17 GLU GLU A . n 
A 1 18 ARG 18 18 18 ARG ARG A . n 
A 1 19 GLU 19 19 19 GLU GLU A . n 
A 1 20 GLU 20 20 20 GLU GLU A . n 
A 1 21 ASP 21 21 21 ASP ASP A . n 
A 1 22 ILE 22 22 22 ILE ILE A . n 
A 1 23 ASP 23 23 23 ASP ASP A . n 
A 1 24 LEU 24 24 24 LEU LEU A . n 
A 1 25 HIS 25 25 25 HIS HIS A . n 
A 1 26 LEU 26 26 26 LEU LEU A . n 
A 1 27 GLY 27 27 27 GLY GLY A . n 
A 1 28 ASP 28 28 28 ASP ASP A . n 
A 1 29 ILE 29 29 29 ILE ILE A . n 
A 1 30 LEU 30 30 30 LEU LEU A . n 
A 1 31 THR 31 31 31 THR THR A . n 
A 1 32 VAL 32 32 32 VAL VAL A . n 
A 1 33 ASN 33 33 33 ASN ASN A . n 
A 1 34 LYS 34 34 34 LYS LYS A . n 
A 1 35 GLY 35 35 35 GLY GLY A . n 
A 1 36 SER 36 36 36 SER SER A . n 
A 1 37 LEU 37 37 37 LEU LEU A . n 
A 1 38 VAL 38 38 38 VAL VAL A . n 
A 1 39 ALA 39 39 39 ALA ALA A . n 
A 1 40 LEU 40 40 40 LEU LEU A . n 
A 1 41 GLY 41 41 41 GLY GLY A . n 
A 1 42 PHE 42 42 42 PHE PHE A . n 
A 1 43 SER 43 43 43 SER SER A . n 
A 1 44 ASP 44 44 44 ASP ASP A . n 
A 1 45 GLY 45 45 45 GLY GLY A . n 
A 1 46 GLN 46 46 46 GLN GLN A . n 
A 1 47 GLU 47 47 47 GLU GLU A . n 
A 1 48 ALA 48 48 48 ALA ALA A . n 
A 1 49 ARG 49 49 49 ARG ARG A . n 
A 1 50 PRO 50 50 50 PRO PRO A . n 
A 1 51 GLU 51 51 51 GLU GLU A . n 
A 1 52 GLU 52 52 52 GLU GLU A . n 
A 1 53 ILE 53 53 53 ILE ILE A . n 
A 1 54 GLY 54 54 54 GLY GLY A . n 
A 1 55 TRP 55 55 55 TRP TRP A . n 
A 1 56 LEU 56 56 56 LEU LEU A . n 
A 1 57 ASN 57 57 57 ASN ASN A . n 
A 1 58 GLY 58 58 58 GLY GLY A . n 
A 1 59 TYR 59 59 59 TYR TYR A . n 
A 1 60 ASN 60 60 60 ASN ASN A . n 
A 1 61 GLU 61 61 61 GLU GLU A . n 
A 1 62 THR 62 62 62 THR THR A . n 
A 1 63 THR 63 63 63 THR THR A . n 
A 1 64 GLY 64 64 64 GLY GLY A . n 
A 1 65 GLU 65 65 65 GLU GLU A . n 
A 1 66 ARG 66 66 66 ARG ARG A . n 
A 1 67 GLY 67 67 67 GLY GLY A . n 
A 1 68 ASP 68 68 68 ASP ASP A . n 
A 1 69 PHE 69 69 69 PHE PHE A . n 
A 1 70 PRO 70 70 70 PRO PRO A . n 
A 1 71 GLY 71 71 71 GLY GLY A . n 
A 1 72 THR 72 72 72 THR THR A . n 
A 1 73 TYR 73 73 73 TYR TYR A . n 
A 1 74 VAL 74 74 74 VAL VAL A . n 
A 1 75 GLU 75 75 75 GLU GLU A . n 
A 1 76 TYR 76 76 76 TYR TYR A . n 
A 1 77 ILE 77 77 77 ILE ILE A . n 
A 1 78 GLY 78 78 78 GLY GLY A . n 
A 1 79 ARG 79 79 79 ARG ARG A . n 
A 1 80 LYS 80 80 80 LYS LYS A . n 
A 1 81 LYS 81 81 81 LYS LYS A . n 
A 1 82 ILE 82 82 82 ILE ILE A . n 
A 1 83 SER 83 83 83 SER SER A . n 
A 1 84 PRO 84 84 84 PRO PRO A . n 
A 1 85 PRO 85 85 85 PRO PRO A . n 
# 
loop_
_pdbx_nonpoly_scheme.asym_id 
_pdbx_nonpoly_scheme.entity_id 
_pdbx_nonpoly_scheme.mon_id 
_pdbx_nonpoly_scheme.ndb_seq_num 
_pdbx_nonpoly_scheme.pdb_seq_num 
_pdbx_nonpoly_scheme.auth_seq_num 
_pdbx_nonpoly_scheme.pdb_mon_id 
_pdbx_nonpoly_scheme.auth_mon_id 
_pdbx_nonpoly_scheme.pdb_strand_id 
_pdbx_nonpoly_scheme.pdb_ins_code 
B 2 HOH 1  86  1  HOH HOH A . 
B 2 HOH 2  87  2  HOH HOH A . 
B 2 HOH 3  88  3  HOH HOH A . 
B 2 HOH 4  89  4  HOH HOH A . 
B 2 HOH 5  90  5  HOH HOH A . 
B 2 HOH 6  91  6  HOH HOH A . 
B 2 HOH 7  92  7  HOH HOH A . 
B 2 HOH 8  93  8  HOH HOH A . 
B 2 HOH 9  94  9  HOH HOH A . 
B 2 HOH 10 95  10 HOH HOH A . 
B 2 HOH 11 96  11 HOH HOH A . 
B 2 HOH 12 97  12 HOH HOH A . 
B 2 HOH 13 98  13 HOH HOH A . 
B 2 HOH 14 99  14 HOH HOH A . 
B 2 HOH 15 100 15 HOH HOH A . 
B 2 HOH 16 101 16 HOH HOH A . 
B 2 HOH 17 102 17 HOH HOH A . 
B 2 HOH 18 103 18 HOH HOH A . 
B 2 HOH 19 104 19 HOH HOH A . 
B 2 HOH 20 105 20 HOH HOH A . 
B 2 HOH 21 106 21 HOH HOH A . 
B 2 HOH 22 107 22 HOH HOH A . 
B 2 HOH 23 108 23 HOH HOH A . 
B 2 HOH 24 109 24 HOH HOH A . 
B 2 HOH 25 110 25 HOH HOH A . 
B 2 HOH 26 111 26 HOH HOH A . 
B 2 HOH 27 112 27 HOH HOH A . 
B 2 HOH 28 113 28 HOH HOH A . 
B 2 HOH 29 114 29 HOH HOH A . 
B 2 HOH 30 115 30 HOH HOH A . 
B 2 HOH 31 116 31 HOH HOH A . 
B 2 HOH 32 117 32 HOH HOH A . 
B 2 HOH 33 118 33 HOH HOH A . 
B 2 HOH 34 119 34 HOH HOH A . 
B 2 HOH 35 120 35 HOH HOH A . 
B 2 HOH 36 121 36 HOH HOH A . 
B 2 HOH 37 122 37 HOH HOH A . 
B 2 HOH 38 123 38 HOH HOH A . 
B 2 HOH 39 124 39 HOH HOH A . 
B 2 HOH 40 125 40 HOH HOH A . 
B 2 HOH 41 126 41 HOH HOH A . 
B 2 HOH 42 127 42 HOH HOH A . 
B 2 HOH 43 128 43 HOH HOH A . 
B 2 HOH 44 129 44 HOH HOH A . 
B 2 HOH 45 130 45 HOH HOH A . 
B 2 HOH 46 131 46 HOH HOH A . 
B 2 HOH 47 132 47 HOH HOH A . 
B 2 HOH 48 133 48 HOH HOH A . 
B 2 HOH 49 134 49 HOH HOH A . 
B 2 HOH 50 135 50 HOH HOH A . 
B 2 HOH 51 136 51 HOH HOH A . 
B 2 HOH 52 137 52 HOH HOH A . 
B 2 HOH 53 138 53 HOH HOH A . 
B 2 HOH 54 139 54 HOH HOH A . 
B 2 HOH 55 140 55 HOH HOH A . 
B 2 HOH 56 141 56 HOH HOH A . 
B 2 HOH 57 142 57 HOH HOH A . 
B 2 HOH 58 143 58 HOH HOH A . 
B 2 HOH 59 144 59 HOH HOH A . 
# 
loop_
_software.name 
_software.classification 
_software.version 
_software.citation_id 
_software.pdbx_ordinal 
X-PLOR 'model building' 3.1 ? 1 
X-PLOR refinement       3.1 ? 2 
DENZO  'data reduction' .   ? 3 
X-PLOR phasing          3.1 ? 4 
# 
_cell.entry_id           1PHT 
_cell.length_a           47.000 
_cell.length_b           47.000 
_cell.length_c           92.300 
_cell.angle_alpha        90.00 
_cell.angle_beta         90.00 
_cell.angle_gamma        90.00 
_cell.Z_PDB              8 
_cell.pdbx_unique_axis   ? 
# 
_symmetry.entry_id                         1PHT 
_symmetry.space_group_name_H-M             'P 43 21 2' 
_symmetry.pdbx_full_space_group_name_H-M   ? 
_symmetry.cell_setting                     ? 
_symmetry.Int_Tables_number                96 
# 
_exptl.entry_id          1PHT 
_exptl.method            'X-RAY DIFFRACTION' 
_exptl.crystals_number   1 
# 
_exptl_crystal.id                    1 
_exptl_crystal.density_meas          ? 
_exptl_crystal.density_Matthews      2.65 
_exptl_crystal.density_percent_sol   53.50 
_exptl_crystal.description           ? 
# 
_diffrn.id                     1 
_diffrn.ambient_temp           ? 
_diffrn.ambient_temp_details   ? 
_diffrn.crystal_id             1 
# 
_diffrn_detector.diffrn_id              1 
_diffrn_detector.detector               'AREA DETECTOR' 
_diffrn_detector.type                   'XUONG-HAMLIN MULTIWIRE' 
_diffrn_detector.pdbx_collection_date   1995-04-16 
_diffrn_detector.details                ? 
# 
_diffrn_radiation.diffrn_id                        1 
_diffrn_radiation.wavelength_id                    1 
_diffrn_radiation.pdbx_monochromatic_or_laue_m_l   M 
_diffrn_radiation.monochromator                    ? 
_diffrn_radiation.pdbx_diffrn_protocol             ? 
_diffrn_radiation.pdbx_scattering_type             x-ray 
# 
_diffrn_radiation_wavelength.id           1 
_diffrn_radiation_wavelength.wavelength   1.5418 
_diffrn_radiation_wavelength.wt           1.0 
# 
_diffrn_source.diffrn_id                   1 
_diffrn_source.source                      ? 
_diffrn_source.type                        ? 
_diffrn_source.pdbx_synchrotron_site       ? 
_diffrn_source.pdbx_synchrotron_beamline   ? 
_diffrn_source.pdbx_wavelength             ? 
_diffrn_source.pdbx_wavelength_list        1.5418 
# 
_reflns.entry_id                     1PHT 
_reflns.observed_criterion_sigma_I   2 
_reflns.observed_criterion_sigma_F   ? 
_reflns.d_resolution_low             8.0 
_reflns.d_resolution_high            2.0 
_reflns.number_obs                   6918 
_reflns.number_all                   ? 
_reflns.percent_possible_obs         96. 
_reflns.pdbx_Rmerge_I_obs            0.035 
_reflns.pdbx_Rsym_value              ? 
_reflns.pdbx_netI_over_sigmaI        ? 
_reflns.B_iso_Wilson_estimate        ? 
_reflns.pdbx_redundancy              4. 
_reflns.pdbx_diffrn_id               1 
_reflns.pdbx_ordinal                 1 
# 
_refine.entry_id                                 1PHT 
_refine.ls_number_reflns_obs                     6918 
_refine.ls_number_reflns_all                     ? 
_refine.pdbx_ls_sigma_I                          ? 
_refine.pdbx_ls_sigma_F                          2.0 
_refine.pdbx_data_cutoff_high_absF               ? 
_refine.pdbx_data_cutoff_low_absF                ? 
_refine.pdbx_data_cutoff_high_rms_absF           ? 
_refine.ls_d_res_low                             8.0 
_refine.ls_d_res_high                            2.0 
_refine.ls_percent_reflns_obs                    96.0 
_refine.ls_R_factor_obs                          0.223 
_refine.ls_R_factor_all                          ? 
_refine.ls_R_factor_R_work                       0.223 
_refine.ls_R_factor_R_free                       0.258 
_refine.ls_R_factor_R_free_error                 ? 
_refine.ls_R_factor_R_free_error_details         ? 
_refine.ls_percent_reflns_R_free                 ? 
_refine.ls_number_reflns_R_free                  ? 
_refine.ls_number_parameters                     ? 
_refine.ls_number_restraints                     ? 
_refine.occupancy_min                            ? 
_refine.occupancy_max                            ? 
_refine.B_iso_mean                               24.1 
_refine.aniso_B[1][1]                            ? 
_refine.aniso_B[2][2]                            ? 
_refine.aniso_B[3][3]                            ? 
_refine.aniso_B[1][2]                            ? 
_refine.aniso_B[1][3]                            ? 
_refine.aniso_B[2][3]                            ? 
_refine.solvent_model_details                    ? 
_refine.solvent_model_param_ksol                 ? 
_refine.solvent_model_param_bsol                 ? 
_refine.pdbx_ls_cross_valid_method               ? 
_refine.details                                  
;SOLVENT MOLECULES WITH TEMPERATURE FACTORS GREATER THAN 50
ANGSTROMS**2 MAY NOT BE WELL DEFINED.
;
_refine.pdbx_starting_model                      ? 
_refine.pdbx_method_to_determine_struct          ? 
_refine.pdbx_isotropic_thermal_model             ? 
_refine.pdbx_stereochemistry_target_values       ? 
_refine.pdbx_stereochem_target_val_spec_case     ? 
_refine.pdbx_R_Free_selection_details            ? 
_refine.pdbx_overall_ESU_R                       ? 
_refine.pdbx_overall_ESU_R_Free                  ? 
_refine.overall_SU_ML                            ? 
_refine.overall_SU_B                             ? 
_refine.pdbx_refine_id                           'X-RAY DIFFRACTION' 
_refine.pdbx_diffrn_id                           1 
_refine.pdbx_TLS_residual_ADP_flag               ? 
_refine.correlation_coeff_Fo_to_Fc               ? 
_refine.correlation_coeff_Fo_to_Fc_free          ? 
_refine.pdbx_solvent_vdw_probe_radii             ? 
_refine.pdbx_solvent_ion_probe_radii             ? 
_refine.pdbx_solvent_shrinkage_radii             ? 
_refine.pdbx_overall_phase_error                 ? 
_refine.overall_SU_R_Cruickshank_DPI             ? 
_refine.pdbx_overall_SU_R_free_Cruickshank_DPI   ? 
_refine.pdbx_overall_SU_R_Blow_DPI               ? 
_refine.pdbx_overall_SU_R_free_Blow_DPI          ? 
# 
_refine_analyze.entry_id                        1PHT 
_refine_analyze.Luzzati_coordinate_error_obs    0. 
_refine_analyze.Luzzati_sigma_a_obs             ? 
_refine_analyze.Luzzati_d_res_low_obs           ? 
_refine_analyze.Luzzati_coordinate_error_free   ? 
_refine_analyze.Luzzati_sigma_a_free            ? 
_refine_analyze.Luzzati_d_res_low_free          ? 
_refine_analyze.number_disordered_residues      ? 
_refine_analyze.occupancy_sum_hydrogen          ? 
_refine_analyze.occupancy_sum_non_hydrogen      ? 
_refine_analyze.pdbx_refine_id                  'X-RAY DIFFRACTION' 
# 
_refine_hist.pdbx_refine_id                   'X-RAY DIFFRACTION' 
_refine_hist.cycle_id                         LAST 
_refine_hist.pdbx_number_atoms_protein        814 
_refine_hist.pdbx_number_atoms_nucleic_acid   0 
_refine_hist.pdbx_number_atoms_ligand         0 
_refine_hist.number_atoms_solvent             177 
_refine_hist.number_atoms_total               991 
_refine_hist.d_res_high                       2.0 
_refine_hist.d_res_low                        8.0 
# 
loop_
_refine_ls_restr.type 
_refine_ls_restr.dev_ideal 
_refine_ls_restr.dev_ideal_target 
_refine_ls_restr.weight 
_refine_ls_restr.number 
_refine_ls_restr.pdbx_refine_id 
_refine_ls_restr.pdbx_restraint_function 
x_bond_d                0.007 ? ? ? 'X-RAY DIFFRACTION' ? 
x_bond_d_na             ?     ? ? ? 'X-RAY DIFFRACTION' ? 
x_bond_d_prot           ?     ? ? ? 'X-RAY DIFFRACTION' ? 
x_angle_d               ?     ? ? ? 'X-RAY DIFFRACTION' ? 
x_angle_d_na            ?     ? ? ? 'X-RAY DIFFRACTION' ? 
x_angle_d_prot          ?     ? ? ? 'X-RAY DIFFRACTION' ? 
x_angle_deg             1.367 ? ? ? 'X-RAY DIFFRACTION' ? 
x_angle_deg_na          ?     ? ? ? 'X-RAY DIFFRACTION' ? 
x_angle_deg_prot        ?     ? ? ? 'X-RAY DIFFRACTION' ? 
x_dihedral_angle_d      27.02 ? ? ? 'X-RAY DIFFRACTION' ? 
x_dihedral_angle_d_na   ?     ? ? ? 'X-RAY DIFFRACTION' ? 
x_dihedral_angle_d_prot ?     ? ? ? 'X-RAY DIFFRACTION' ? 
x_improper_angle_d      1.205 ? ? ? 'X-RAY DIFFRACTION' ? 
x_improper_angle_d_na   ?     ? ? ? 'X-RAY DIFFRACTION' ? 
x_improper_angle_d_prot ?     ? ? ? 'X-RAY DIFFRACTION' ? 
x_mcbond_it             ?     ? ? ? 'X-RAY DIFFRACTION' ? 
x_mcangle_it            ?     ? ? ? 'X-RAY DIFFRACTION' ? 
x_scbond_it             ?     ? ? ? 'X-RAY DIFFRACTION' ? 
x_scangle_it            ?     ? ? ? 'X-RAY DIFFRACTION' ? 
# 
_struct.entry_id                  1PHT 
_struct.title                     'PHOSPHATIDYLINOSITOL 3-KINASE P85-ALPHA SUBUNIT SH3 DOMAIN, RESIDUES 1-85' 
_struct.pdbx_model_details        ? 
_struct.pdbx_CASP_flag            ? 
_struct.pdbx_model_type_details   ? 
# 
_struct_keywords.entry_id        1PHT 
_struct_keywords.pdbx_keywords   PHOSPHOTRANSFERASE 
_struct_keywords.text            'PHOSPHATIDYLINOSITOL 3-KINASE, P85-ALPHA SUBUNIT, SH3 DOMAIN, PHOSPHOTRANSFERASE' 
# 
loop_
_struct_asym.id 
_struct_asym.pdbx_blank_PDB_chainid_flag 
_struct_asym.pdbx_modified 
_struct_asym.entity_id 
_struct_asym.details 
A N N 1 ? 
B N N 2 ? 
# 
_struct_ref.id                         1 
_struct_ref.db_name                    UNP 
_struct_ref.db_code                    P85A_HUMAN 
_struct_ref.entity_id                  1 
_struct_ref.pdbx_db_accession          P27986 
_struct_ref.pdbx_align_begin           1 
_struct_ref.pdbx_seq_one_letter_code   
;MSAEGYQYRALYDYKKEREEDIDLHLGDILTVNKGSLVALGFSDGQEARPEEIGWLNGYNETTGERGDFPGTYVEYIGRK
KISPPTPKPRPPRPLPVAPGSSKTEADVEQQALTLPDLAEQFAPPDIAPPLLIKLVEAIEKKGLECSTLYRTQSSSNLAE
LRQLLDCDTPSVDLEMIDVHVLADAFKRYLLDLPNPVIPAAVYSEMISLAPEVQSSEEYIQLLKKLIRSPSIPHQYWLTL
QYLLKHFFKLSQTSSKNLLNARVLSEIFSPMLFRFSAASSDNTENLIKVIEILISTEWNERQPAPALPPKPPKPTTVANN
GMNNNMSLQNAEWYWGDISREEVNEKLRDTADGTFLVRDASTKMHGDYTLTLRKGGNNKLIKIFHRDGKYGFSDPLTFSS
VVELINHYRNESLAQYNPKLDVKLLYPVSKYQQDQVVKEDNIEAVGKKLHEYNTQFQEKSREYDRLYEEYTRTSQEIQMK
RTAIEAFNETIKIFEEQCQTQERYSKEYIEKFKREGNEKEIQRIMHNYDKLKSRISEIIDSRRRLEEDLKKQAAEYREID
KRMNSIKPDLIQLRKTRDQYLMWLTQKGVRQKKLNEWLGNENTEDQYSLVEDDEDLPHHDEKTWNVGSSNRNKAENLLRG
KRDGTFLVRESSKQGCYACSVVVDGEVKHCVINKTATGYGFAEPYNLYSSLKELVLHYQHTSLVQHNDSLNVTLAYPVYA
QQRR
;
_struct_ref.pdbx_db_isoform            ? 
# 
_struct_ref_seq.align_id                      1 
_struct_ref_seq.ref_id                        1 
_struct_ref_seq.pdbx_PDB_id_code              1PHT 
_struct_ref_seq.pdbx_strand_id                A 
_struct_ref_seq.seq_align_beg                 1 
_struct_ref_seq.pdbx_seq_align_beg_ins_code   ? 
_struct_ref_seq.seq_align_end                 85 
_struct_ref_seq.pdbx_seq_align_end_ins_code   ? 
_struct_ref_seq.pdbx_db_accession             P27986 
_struct_ref_seq.db_align_beg                  1 
_struct_ref_seq.pdbx_db_align_beg_ins_code    ? 
_struct_ref_seq.db_align_end                  85 
_struct_ref_seq.pdbx_db_align_end_ins_code    ? 
_struct_ref_seq.pdbx_auth_seq_align_beg       1 
_struct_ref_seq.pdbx_auth_seq_align_end       85 
# 
_pdbx_struct_assembly.id                   1 
_pdbx_struct_assembly.details              author_defined_assembly 
_pdbx_struct_assembly.method_details       ? 
_pdbx_struct_assembly.oligomeric_details   monomeric 
_pdbx_struct_assembly.oligomeric_count     1 
# 
_pdbx_struct_assembly_gen.assembly_id       1 
_pdbx_struct_assembly_gen.oper_expression   1 
_pdbx_struct_assembly_gen.asym_id_list      A,B 
# 
_pdbx_struct_oper_list.id                   1 
_pdbx_struct_oper_list.type                 'identity operation' 
_pdbx_struct_oper_list.name                 1_555 
_pdbx_struct_oper_list.symmetry_operation   x,y,z 
_pdbx_struct_oper_list.matrix[1][1]         1.0000000000 
_pdbx_struct_oper_list.matrix[1][2]         0.0000000000 
_pdbx_struct_oper_list.matrix[1][3]         0.0000000000 
_pdbx_struct_oper_list.vector[1]            0.0000000000 
_pdbx_struct_oper_list.matrix[2][1]         0.0000000000 
_pdbx_struct_oper_list.matrix[2][2]         1.0000000000 
_pdbx_struct_oper_list.matrix[2][3]         0.0000000000 
_pdbx_struct_oper_list.vector[2]            0.0000000000 
_pdbx_struct_oper_list.matrix[3][1]         0.0000000000 
_pdbx_struct_oper_list.matrix[3][2]         0.0000000000 
_pdbx_struct_oper_list.matrix[3][3]         1.0000000000 
_pdbx_struct_oper_list.vector[3]            0.0000000000 
# 
_struct_biol.id                    1 
_struct_biol.details               
;SYMMETRY
 THE CRYSTALLOGRAPHIC SYMMETRY TRANSFORMATIONS PRESENTED
 BELOW GENERATE THE SUBUNITS OF THE POLYMERIC MOLECULE.

 APPLIED TO RESIDUES:           3 ..  85
 SYMMETRY1   1 -1.000000  0.000000  0.000000        3.00000
 SYMMETRY2   1  0.000000  1.000000  0.000000        1.00000
 SYMMETRY3   1  0.000000  0.000000 -1.000000        3.00000

 SYMMETRY1   2  0.000000  1.000000  0.000000        0.00000
 SYMMETRY2   2  1.000000  0.000000  0.000000        0.00000
 SYMMETRY3   2  0.000000  0.000000 -1.000000        1.00000
;
_struct_biol.pdbx_parent_biol_id   ? 
# 
loop_
_struct_conf.conf_type_id 
_struct_conf.id 
_struct_conf.pdbx_PDB_helix_id 
_struct_conf.beg_label_comp_id 
_struct_conf.beg_label_asym_id 
_struct_conf.beg_label_seq_id 
_struct_conf.pdbx_beg_PDB_ins_code 
_struct_conf.end_label_comp_id 
_struct_conf.end_label_asym_id 
_struct_conf.end_label_seq_id 
_struct_conf.pdbx_end_PDB_ins_code 
_struct_conf.beg_auth_comp_id 
_struct_conf.beg_auth_asym_id 
_struct_conf.beg_auth_seq_id 
_struct_conf.end_auth_comp_id 
_struct_conf.end_auth_asym_id 
_struct_conf.end_auth_seq_id 
_struct_conf.pdbx_PDB_helix_class 
_struct_conf.details 
_struct_conf.pdbx_PDB_helix_length 
HELX_P HELX_P1 1 LYS A 34 ? LEU A 40 ? LYS A 34 LEU A 40 1 ? 7 
HELX_P HELX_P2 2 GLN A 46 ? ALA A 48 ? GLN A 46 ALA A 48 5 ? 3 
HELX_P HELX_P3 3 PRO A 50 ? ILE A 53 ? PRO A 50 ILE A 53 1 ? 4 
HELX_P HELX_P4 4 GLY A 71 ? TYR A 73 ? GLY A 71 TYR A 73 5 ? 3 
# 
_struct_conf_type.id          HELX_P 
_struct_conf_type.criteria    ? 
_struct_conf_type.reference   ? 
# 
loop_
_struct_sheet.id 
_struct_sheet.type 
_struct_sheet.number_strands 
_struct_sheet.details 
A ? 3 ? 
B ? 2 ? 
# 
loop_
_struct_sheet_order.sheet_id 
_struct_sheet_order.range_id_1 
_struct_sheet_order.range_id_2 
_struct_sheet_order.offset 
_struct_sheet_order.sense 
A 1 2 ? anti-parallel 
A 2 3 ? anti-parallel 
B 1 2 ? anti-parallel 
# 
loop_
_struct_sheet_range.sheet_id 
_struct_sheet_range.id 
_struct_sheet_range.beg_label_comp_id 
_struct_sheet_range.beg_label_asym_id 
_struct_sheet_range.beg_label_seq_id 
_struct_sheet_range.pdbx_beg_PDB_ins_code 
_struct_sheet_range.end_label_comp_id 
_struct_sheet_range.end_label_asym_id 
_struct_sheet_range.end_label_seq_id 
_struct_sheet_range.pdbx_end_PDB_ins_code 
_struct_sheet_range.beg_auth_comp_id 
_struct_sheet_range.beg_auth_asym_id 
_struct_sheet_range.beg_auth_seq_id 
_struct_sheet_range.end_auth_comp_id 
_struct_sheet_range.end_auth_asym_id 
_struct_sheet_range.end_auth_seq_id 
A 1 ILE A 29 ? ASN A 33 ? ILE A 29 ASN A 33 
A 2 GLU A 4  ? ALA A 10 ? GLU A 4  ALA A 10 
A 3 VAL A 74 ? LYS A 81 ? VAL A 74 LYS A 81 
B 1 TRP A 55 ? ASN A 60 ? TRP A 55 ASN A 60 
B 2 GLU A 65 ? PRO A 70 ? GLU A 65 PRO A 70 
# 
loop_
_pdbx_struct_sheet_hbond.sheet_id 
_pdbx_struct_sheet_hbond.range_id_1 
_pdbx_struct_sheet_hbond.range_id_2 
_pdbx_struct_sheet_hbond.range_1_label_atom_id 
_pdbx_struct_sheet_hbond.range_1_label_comp_id 
_pdbx_struct_sheet_hbond.range_1_label_asym_id 
_pdbx_struct_sheet_hbond.range_1_label_seq_id 
_pdbx_struct_sheet_hbond.range_1_PDB_ins_code 
_pdbx_struct_sheet_hbond.range_1_auth_atom_id 
_pdbx_struct_sheet_hbond.range_1_auth_comp_id 
_pdbx_struct_sheet_hbond.range_1_auth_asym_id 
_pdbx_struct_sheet_hbond.range_1_auth_seq_id 
_pdbx_struct_sheet_hbond.range_2_label_atom_id 
_pdbx_struct_sheet_hbond.range_2_label_comp_id 
_pdbx_struct_sheet_hbond.range_2_label_asym_id 
_pdbx_struct_sheet_hbond.range_2_label_seq_id 
_pdbx_struct_sheet_hbond.range_2_PDB_ins_code 
_pdbx_struct_sheet_hbond.range_2_auth_atom_id 
_pdbx_struct_sheet_hbond.range_2_auth_comp_id 
_pdbx_struct_sheet_hbond.range_2_auth_asym_id 
_pdbx_struct_sheet_hbond.range_2_auth_seq_id 
A 1 2 O LEU A 30 ? O LEU A 30 N TYR A 8  ? N TYR A 8  
A 2 3 O GLY A 5  ? O GLY A 5  N LYS A 80 ? N LYS A 80 
B 1 2 O LEU A 56 ? O LEU A 56 N PHE A 69 ? N PHE A 69 
# 
_pdbx_validate_torsion.id              1 
_pdbx_validate_torsion.PDB_model_num   1 
_pdbx_validate_torsion.auth_comp_id    ASP 
_pdbx_validate_torsion.auth_asym_id    A 
_pdbx_validate_torsion.auth_seq_id     44 
_pdbx_validate_torsion.PDB_ins_code    ? 
_pdbx_validate_torsion.label_alt_id    ? 
_pdbx_validate_torsion.phi             59.09 
_pdbx_validate_torsion.psi             -126.25 
# 
loop_
_pdbx_unobs_or_zero_occ_residues.id 
_pdbx_unobs_or_zero_occ_residues.PDB_model_num 
_pdbx_unobs_or_zero_occ_residues.polymer_flag 
_pdbx_unobs_or_zero_occ_residues.occupancy_flag 
_pdbx_unobs_or_zero_occ_residues.auth_asym_id 
_pdbx_unobs_or_zero_occ_residues.auth_comp_id 
_pdbx_unobs_or_zero_occ_residues.auth_seq_id 
_pdbx_unobs_or_zero_occ_residues.PDB_ins_code 
_pdbx_unobs_or_zero_occ_residues.label_asym_id 
_pdbx_unobs_or_zero_occ_residues.label_comp_id 
_pdbx_unobs_or_zero_occ_residues.label_seq_id 
1 1 Y 1 A MET 1 ? A MET 1 
2 1 Y 1 A SER 2 ? A SER 2 
# 
loop_
_chem_comp_atom.comp_id 
_chem_comp_atom.atom_id 
_chem_comp_atom.type_symbol 
_chem_comp_atom.pdbx_aromatic_flag 
_chem_comp_atom.pdbx_stereo_config 
_chem_comp_atom.pdbx_ordinal 
ALA N    N N N 1   
ALA CA   C N S 2   
ALA C    C N N 3   
ALA O    O N N 4   
ALA CB   C N N 5   
ALA OXT  O N N 6   
ALA H    H N N 7   
ALA H2   H N N 8   
ALA HA   H N N 9   
ALA HB1  H N N 10  
ALA HB2  H N N 11  
ALA HB3  H N N 12  
ALA HXT  H N N 13  
ARG N    N N N 14  
ARG CA   C N S 15  
ARG C    C N N 16  
ARG O    O N N 17  
ARG CB   C N N 18  
ARG CG   C N N 19  
ARG CD   C N N 20  
ARG NE   N N N 21  
ARG CZ   C N N 22  
ARG NH1  N N N 23  
ARG NH2  N N N 24  
ARG OXT  O N N 25  
ARG H    H N N 26  
ARG H2   H N N 27  
ARG HA   H N N 28  
ARG HB2  H N N 29  
ARG HB3  H N N 30  
ARG HG2  H N N 31  
ARG HG3  H N N 32  
ARG HD2  H N N 33  
ARG HD3  H N N 34  
ARG HE   H N N 35  
ARG HH11 H N N 36  
ARG HH12 H N N 37  
ARG HH21 H N N 38  
ARG HH22 H N N 39  
ARG HXT  H N N 40  
ASN N    N N N 41  
ASN CA   C N S 42  
ASN C    C N N 43  
ASN O    O N N 44  
ASN CB   C N N 45  
ASN CG   C N N 46  
ASN OD1  O N N 47  
ASN ND2  N N N 48  
ASN OXT  O N N 49  
ASN H    H N N 50  
ASN H2   H N N 51  
ASN HA   H N N 52  
ASN HB2  H N N 53  
ASN HB3  H N N 54  
ASN HD21 H N N 55  
ASN HD22 H N N 56  
ASN HXT  H N N 57  
ASP N    N N N 58  
ASP CA   C N S 59  
ASP C    C N N 60  
ASP O    O N N 61  
ASP CB   C N N 62  
ASP CG   C N N 63  
ASP OD1  O N N 64  
ASP OD2  O N N 65  
ASP OXT  O N N 66  
ASP H    H N N 67  
ASP H2   H N N 68  
ASP HA   H N N 69  
ASP HB2  H N N 70  
ASP HB3  H N N 71  
ASP HD2  H N N 72  
ASP HXT  H N N 73  
GLN N    N N N 74  
GLN CA   C N S 75  
GLN C    C N N 76  
GLN O    O N N 77  
GLN CB   C N N 78  
GLN CG   C N N 79  
GLN CD   C N N 80  
GLN OE1  O N N 81  
GLN NE2  N N N 82  
GLN OXT  O N N 83  
GLN H    H N N 84  
GLN H2   H N N 85  
GLN HA   H N N 86  
GLN HB2  H N N 87  
GLN HB3  H N N 88  
GLN HG2  H N N 89  
GLN HG3  H N N 90  
GLN HE21 H N N 91  
GLN HE22 H N N 92  
GLN HXT  H N N 93  
GLU N    N N N 94  
GLU CA   C N S 95  
GLU C    C N N 96  
GLU O    O N N 97  
GLU CB   C N N 98  
GLU CG   C N N 99  
GLU CD   C N N 100 
GLU OE1  O N N 101 
GLU OE2  O N N 102 
GLU OXT  O N N 103 
GLU H    H N N 104 
GLU H2   H N N 105 
GLU HA   H N N 106 
GLU HB2  H N N 107 
GLU HB3  H N N 108 
GLU HG2  H N N 109 
GLU HG3  H N N 110 
GLU HE2  H N N 111 
GLU HXT  H N N 112 
GLY N    N N N 113 
GLY CA   C N N 114 
GLY C    C N N 115 
GLY O    O N N 116 
GLY OXT  O N N 117 
GLY H    H N N 118 
GLY H2   H N N 119 
GLY HA2  H N N 120 
GLY HA3  H N N 121 
GLY HXT  H N N 122 
HIS N    N N N 123 
HIS CA   C N S 124 
HIS C    C N N 125 
HIS O    O N N 126 
HIS CB   C N N 127 
HIS CG   C Y N 128 
HIS ND1  N Y N 129 
HIS CD2  C Y N 130 
HIS CE1  C Y N 131 
HIS NE2  N Y N 132 
HIS OXT  O N N 133 
HIS H    H N N 134 
HIS H2   H N N 135 
HIS HA   H N N 136 
HIS HB2  H N N 137 
HIS HB3  H N N 138 
HIS HD1  H N N 139 
HIS HD2  H N N 140 
HIS HE1  H N N 141 
HIS HE2  H N N 142 
HIS HXT  H N N 143 
HOH O    O N N 144 
HOH H1   H N N 145 
HOH H2   H N N 146 
ILE N    N N N 147 
ILE CA   C N S 148 
ILE C    C N N 149 
ILE O    O N N 150 
ILE CB   C N S 151 
ILE CG1  C N N 152 
ILE CG2  C N N 153 
ILE CD1  C N N 154 
ILE OXT  O N N 155 
ILE H    H N N 156 
ILE H2   H N N 157 
ILE HA   H N N 158 
ILE HB   H N N 159 
ILE HG12 H N N 160 
ILE HG13 H N N 161 
ILE HG21 H N N 162 
ILE HG22 H N N 163 
ILE HG23 H N N 164 
ILE HD11 H N N 165 
ILE HD12 H N N 166 
ILE HD13 H N N 167 
ILE HXT  H N N 168 
LEU N    N N N 169 
LEU CA   C N S 170 
LEU C    C N N 171 
LEU O    O N N 172 
LEU CB   C N N 173 
LEU CG   C N N 174 
LEU CD1  C N N 175 
LEU CD2  C N N 176 
LEU OXT  O N N 177 
LEU H    H N N 178 
LEU H2   H N N 179 
LEU HA   H N N 180 
LEU HB2  H N N 181 
LEU HB3  H N N 182 
LEU HG   H N N 183 
LEU HD11 H N N 184 
LEU HD12 H N N 185 
LEU HD13 H N N 186 
LEU HD21 H N N 187 
LEU HD22 H N N 188 
LEU HD23 H N N 189 
LEU HXT  H N N 190 
LYS N    N N N 191 
LYS CA   C N S 192 
LYS C    C N N 193 
LYS O    O N N 194 
LYS CB   C N N 195 
LYS CG   C N N 196 
LYS CD   C N N 197 
LYS CE   C N N 198 
LYS NZ   N N N 199 
LYS OXT  O N N 200 
LYS H    H N N 201 
LYS H2   H N N 202 
LYS HA   H N N 203 
LYS HB2  H N N 204 
LYS HB3  H N N 205 
LYS HG2  H N N 206 
LYS HG3  H N N 207 
LYS HD2  H N N 208 
LYS HD3  H N N 209 
LYS HE2  H N N 210 
LYS HE3  H N N 211 
LYS HZ1  H N N 212 
LYS HZ2  H N N 213 
LYS HZ3  H N N 214 
LYS HXT  H N N 215 
MET N    N N N 216 
MET CA   C N S 217 
MET C    C N N 218 
MET O    O N N 219 
MET CB   C N N 220 
MET CG   C N N 221 
MET SD   S N N 222 
MET CE   C N N 223 
MET OXT  O N N 224 
MET H    H N N 225 
MET H2   H N N 226 
MET HA   H N N 227 
MET HB2  H N N 228 
MET HB3  H N N 229 
MET HG2  H N N 230 
MET HG3  H N N 231 
MET HE1  H N N 232 
MET HE2  H N N 233 
MET HE3  H N N 234 
MET HXT  H N N 235 
PHE N    N N N 236 
PHE CA   C N S 237 
PHE C    C N N 238 
PHE O    O N N 239 
PHE CB   C N N 240 
PHE CG   C Y N 241 
PHE CD1  C Y N 242 
PHE CD2  C Y N 243 
PHE CE1  C Y N 244 
PHE CE2  C Y N 245 
PHE CZ   C Y N 246 
PHE OXT  O N N 247 
PHE H    H N N 248 
PHE H2   H N N 249 
PHE HA   H N N 250 
PHE HB2  H N N 251 
PHE HB3  H N N 252 
PHE HD1  H N N 253 
PHE HD2  H N N 254 
PHE HE1  H N N 255 
PHE HE2  H N N 256 
PHE HZ   H N N 257 
PHE HXT  H N N 258 
PRO N    N N N 259 
PRO CA   C N S 260 
PRO C    C N N 261 
PRO O    O N N 262 
PRO CB   C N N 263 
PRO CG   C N N 264 
PRO CD   C N N 265 
PRO OXT  O N N 266 
PRO H    H N N 267 
PRO HA   H N N 268 
PRO HB2  H N N 269 
PRO HB3  H N N 270 
PRO HG2  H N N 271 
PRO HG3  H N N 272 
PRO HD2  H N N 273 
PRO HD3  H N N 274 
PRO HXT  H N N 275 
SER N    N N N 276 
SER CA   C N S 277 
SER C    C N N 278 
SER O    O N N 279 
SER CB   C N N 280 
SER OG   O N N 281 
SER OXT  O N N 282 
SER H    H N N 283 
SER H2   H N N 284 
SER HA   H N N 285 
SER HB2  H N N 286 
SER HB3  H N N 287 
SER HG   H N N 288 
SER HXT  H N N 289 
THR N    N N N 290 
THR CA   C N S 291 
THR C    C N N 292 
THR O    O N N 293 
THR CB   C N R 294 
THR OG1  O N N 295 
THR CG2  C N N 296 
THR OXT  O N N 297 
THR H    H N N 298 
THR H2   H N N 299 
THR HA   H N N 300 
THR HB   H N N 301 
THR HG1  H N N 302 
THR HG21 H N N 303 
THR HG22 H N N 304 
THR HG23 H N N 305 
THR HXT  H N N 306 
TRP N    N N N 307 
TRP CA   C N S 308 
TRP C    C N N 309 
TRP O    O N N 310 
TRP CB   C N N 311 
TRP CG   C Y N 312 
TRP CD1  C Y N 313 
TRP CD2  C Y N 314 
TRP NE1  N Y N 315 
TRP CE2  C Y N 316 
TRP CE3  C Y N 317 
TRP CZ2  C Y N 318 
TRP CZ3  C Y N 319 
TRP CH2  C Y N 320 
TRP OXT  O N N 321 
TRP H    H N N 322 
TRP H2   H N N 323 
TRP HA   H N N 324 
TRP HB2  H N N 325 
TRP HB3  H N N 326 
TRP HD1  H N N 327 
TRP HE1  H N N 328 
TRP HE3  H N N 329 
TRP HZ2  H N N 330 
TRP HZ3  H N N 331 
TRP HH2  H N N 332 
TRP HXT  H N N 333 
TYR N    N N N 334 
TYR CA   C N S 335 
TYR C    C N N 336 
TYR O    O N N 337 
TYR CB   C N N 338 
TYR CG   C Y N 339 
TYR CD1  C Y N 340 
TYR CD2  C Y N 341 
TYR CE1  C Y N 342 
TYR CE2  C Y N 343 
TYR CZ   C Y N 344 
TYR OH   O N N 345 
TYR OXT  O N N 346 
TYR H    H N N 347 
TYR H2   H N N 348 
TYR HA   H N N 349 
TYR HB2  H N N 350 
TYR HB3  H N N 351 
TYR HD1  H N N 352 
TYR HD2  H N N 353 
TYR HE1  H N N 354 
TYR HE2  H N N 355 
TYR HH   H N N 356 
TYR HXT  H N N 357 
VAL N    N N N 358 
VAL CA   C N S 359 
VAL C    C N N 360 
VAL O    O N N 361 
VAL CB   C N N 362 
VAL CG1  C N N 363 
VAL CG2  C N N 364 
VAL OXT  O N N 365 
VAL H    H N N 366 
VAL H2   H N N 367 
VAL HA   H N N 368 
VAL HB   H N N 369 
VAL HG11 H N N 370 
VAL HG12 H N N 371 
VAL HG13 H N N 372 
VAL HG21 H N N 373 
VAL HG22 H N N 374 
VAL HG23 H N N 375 
VAL HXT  H N N 376 
# 
loop_
_chem_comp_bond.comp_id 
_chem_comp_bond.atom_id_1 
_chem_comp_bond.atom_id_2 
_chem_comp_bond.value_order 
_chem_comp_bond.pdbx_aromatic_flag 
_chem_comp_bond.pdbx_stereo_config 
_chem_comp_bond.pdbx_ordinal 
ALA N   CA   sing N N 1   
ALA N   H    sing N N 2   
ALA N   H2   sing N N 3   
ALA CA  C    sing N N 4   
ALA CA  CB   sing N N 5   
ALA CA  HA   sing N N 6   
ALA C   O    doub N N 7   
ALA C   OXT  sing N N 8   
ALA CB  HB1  sing N N 9   
ALA CB  HB2  sing N N 10  
ALA CB  HB3  sing N N 11  
ALA OXT HXT  sing N N 12  
ARG N   CA   sing N N 13  
ARG N   H    sing N N 14  
ARG N   H2   sing N N 15  
ARG CA  C    sing N N 16  
ARG CA  CB   sing N N 17  
ARG CA  HA   sing N N 18  
ARG C   O    doub N N 19  
ARG C   OXT  sing N N 20  
ARG CB  CG   sing N N 21  
ARG CB  HB2  sing N N 22  
ARG CB  HB3  sing N N 23  
ARG CG  CD   sing N N 24  
ARG CG  HG2  sing N N 25  
ARG CG  HG3  sing N N 26  
ARG CD  NE   sing N N 27  
ARG CD  HD2  sing N N 28  
ARG CD  HD3  sing N N 29  
ARG NE  CZ   sing N N 30  
ARG NE  HE   sing N N 31  
ARG CZ  NH1  sing N N 32  
ARG CZ  NH2  doub N N 33  
ARG NH1 HH11 sing N N 34  
ARG NH1 HH12 sing N N 35  
ARG NH2 HH21 sing N N 36  
ARG NH2 HH22 sing N N 37  
ARG OXT HXT  sing N N 38  
ASN N   CA   sing N N 39  
ASN N   H    sing N N 40  
ASN N   H2   sing N N 41  
ASN CA  C    sing N N 42  
ASN CA  CB   sing N N 43  
ASN CA  HA   sing N N 44  
ASN C   O    doub N N 45  
ASN C   OXT  sing N N 46  
ASN CB  CG   sing N N 47  
ASN CB  HB2  sing N N 48  
ASN CB  HB3  sing N N 49  
ASN CG  OD1  doub N N 50  
ASN CG  ND2  sing N N 51  
ASN ND2 HD21 sing N N 52  
ASN ND2 HD22 sing N N 53  
ASN OXT HXT  sing N N 54  
ASP N   CA   sing N N 55  
ASP N   H    sing N N 56  
ASP N   H2   sing N N 57  
ASP CA  C    sing N N 58  
ASP CA  CB   sing N N 59  
ASP CA  HA   sing N N 60  
ASP C   O    doub N N 61  
ASP C   OXT  sing N N 62  
ASP CB  CG   sing N N 63  
ASP CB  HB2  sing N N 64  
ASP CB  HB3  sing N N 65  
ASP CG  OD1  doub N N 66  
ASP CG  OD2  sing N N 67  
ASP OD2 HD2  sing N N 68  
ASP OXT HXT  sing N N 69  
GLN N   CA   sing N N 70  
GLN N   H    sing N N 71  
GLN N   H2   sing N N 72  
GLN CA  C    sing N N 73  
GLN CA  CB   sing N N 74  
GLN CA  HA   sing N N 75  
GLN C   O    doub N N 76  
GLN C   OXT  sing N N 77  
GLN CB  CG   sing N N 78  
GLN CB  HB2  sing N N 79  
GLN CB  HB3  sing N N 80  
GLN CG  CD   sing N N 81  
GLN CG  HG2  sing N N 82  
GLN CG  HG3  sing N N 83  
GLN CD  OE1  doub N N 84  
GLN CD  NE2  sing N N 85  
GLN NE2 HE21 sing N N 86  
GLN NE2 HE22 sing N N 87  
GLN OXT HXT  sing N N 88  
GLU N   CA   sing N N 89  
GLU N   H    sing N N 90  
GLU N   H2   sing N N 91  
GLU CA  C    sing N N 92  
GLU CA  CB   sing N N 93  
GLU CA  HA   sing N N 94  
GLU C   O    doub N N 95  
GLU C   OXT  sing N N 96  
GLU CB  CG   sing N N 97  
GLU CB  HB2  sing N N 98  
GLU CB  HB3  sing N N 99  
GLU CG  CD   sing N N 100 
GLU CG  HG2  sing N N 101 
GLU CG  HG3  sing N N 102 
GLU CD  OE1  doub N N 103 
GLU CD  OE2  sing N N 104 
GLU OE2 HE2  sing N N 105 
GLU OXT HXT  sing N N 106 
GLY N   CA   sing N N 107 
GLY N   H    sing N N 108 
GLY N   H2   sing N N 109 
GLY CA  C    sing N N 110 
GLY CA  HA2  sing N N 111 
GLY CA  HA3  sing N N 112 
GLY C   O    doub N N 113 
GLY C   OXT  sing N N 114 
GLY OXT HXT  sing N N 115 
HIS N   CA   sing N N 116 
HIS N   H    sing N N 117 
HIS N   H2   sing N N 118 
HIS CA  C    sing N N 119 
HIS CA  CB   sing N N 120 
HIS CA  HA   sing N N 121 
HIS C   O    doub N N 122 
HIS C   OXT  sing N N 123 
HIS CB  CG   sing N N 124 
HIS CB  HB2  sing N N 125 
HIS CB  HB3  sing N N 126 
HIS CG  ND1  sing Y N 127 
HIS CG  CD2  doub Y N 128 
HIS ND1 CE1  doub Y N 129 
HIS ND1 HD1  sing N N 130 
HIS CD2 NE2  sing Y N 131 
HIS CD2 HD2  sing N N 132 
HIS CE1 NE2  sing Y N 133 
HIS CE1 HE1  sing N N 134 
HIS NE2 HE2  sing N N 135 
HIS OXT HXT  sing N N 136 
HOH O   H1   sing N N 137 
HOH O   H2   sing N N 138 
ILE N   CA   sing N N 139 
ILE N   H    sing N N 140 
ILE N   H2   sing N N 141 
ILE CA  C    sing N N 142 
ILE CA  CB   sing N N 143 
ILE CA  HA   sing N N 144 
ILE C   O    doub N N 145 
ILE C   OXT  sing N N 146 
ILE CB  CG1  sing N N 147 
ILE CB  CG2  sing N N 148 
ILE CB  HB   sing N N 149 
ILE CG1 CD1  sing N N 150 
ILE CG1 HG12 sing N N 151 
ILE CG1 HG13 sing N N 152 
ILE CG2 HG21 sing N N 153 
ILE CG2 HG22 sing N N 154 
ILE CG2 HG23 sing N N 155 
ILE CD1 HD11 sing N N 156 
ILE CD1 HD12 sing N N 157 
ILE CD1 HD13 sing N N 158 
ILE OXT HXT  sing N N 159 
LEU N   CA   sing N N 160 
LEU N   H    sing N N 161 
LEU N   H2   sing N N 162 
LEU CA  C    sing N N 163 
LEU CA  CB   sing N N 164 
LEU CA  HA   sing N N 165 
LEU C   O    doub N N 166 
LEU C   OXT  sing N N 167 
LEU CB  CG   sing N N 168 
LEU CB  HB2  sing N N 169 
LEU CB  HB3  sing N N 170 
LEU CG  CD1  sing N N 171 
LEU CG  CD2  sing N N 172 
LEU CG  HG   sing N N 173 
LEU CD1 HD11 sing N N 174 
LEU CD1 HD12 sing N N 175 
LEU CD1 HD13 sing N N 176 
LEU CD2 HD21 sing N N 177 
LEU CD2 HD22 sing N N 178 
LEU CD2 HD23 sing N N 179 
LEU OXT HXT  sing N N 180 
LYS N   CA   sing N N 181 
LYS N   H    sing N N 182 
LYS N   H2   sing N N 183 
LYS CA  C    sing N N 184 
LYS CA  CB   sing N N 185 
LYS CA  HA   sing N N 186 
LYS C   O    doub N N 187 
LYS C   OXT  sing N N 188 
LYS CB  CG   sing N N 189 
LYS CB  HB2  sing N N 190 
LYS CB  HB3  sing N N 191 
LYS CG  CD   sing N N 192 
LYS CG  HG2  sing N N 193 
LYS CG  HG3  sing N N 194 
LYS CD  CE   sing N N 195 
LYS CD  HD2  sing N N 196 
LYS CD  HD3  sing N N 197 
LYS CE  NZ   sing N N 198 
LYS CE  HE2  sing N N 199 
LYS CE  HE3  sing N N 200 
LYS NZ  HZ1  sing N N 201 
LYS NZ  HZ2  sing N N 202 
LYS NZ  HZ3  sing N N 203 
LYS OXT HXT  sing N N 204 
MET N   CA   sing N N 205 
MET N   H    sing N N 206 
MET N   H2   sing N N 207 
MET CA  C    sing N N 208 
MET CA  CB   sing N N 209 
MET CA  HA   sing N N 210 
MET C   O    doub N N 211 
MET C   OXT  sing N N 212 
MET CB  CG   sing N N 213 
MET CB  HB2  sing N N 214 
MET CB  HB3  sing N N 215 
MET CG  SD   sing N N 216 
MET CG  HG2  sing N N 217 
MET CG  HG3  sing N N 218 
MET SD  CE   sing N N 219 
MET CE  HE1  sing N N 220 
MET CE  HE2  sing N N 221 
MET CE  HE3  sing N N 222 
MET OXT HXT  sing N N 223 
PHE N   CA   sing N N 224 
PHE N   H    sing N N 225 
PHE N   H2   sing N N 226 
PHE CA  C    sing N N 227 
PHE CA  CB   sing N N 228 
PHE CA  HA   sing N N 229 
PHE C   O    doub N N 230 
PHE C   OXT  sing N N 231 
PHE CB  CG   sing N N 232 
PHE CB  HB2  sing N N 233 
PHE CB  HB3  sing N N 234 
PHE CG  CD1  doub Y N 235 
PHE CG  CD2  sing Y N 236 
PHE CD1 CE1  sing Y N 237 
PHE CD1 HD1  sing N N 238 
PHE CD2 CE2  doub Y N 239 
PHE CD2 HD2  sing N N 240 
PHE CE1 CZ   doub Y N 241 
PHE CE1 HE1  sing N N 242 
PHE CE2 CZ   sing Y N 243 
PHE CE2 HE2  sing N N 244 
PHE CZ  HZ   sing N N 245 
PHE OXT HXT  sing N N 246 
PRO N   CA   sing N N 247 
PRO N   CD   sing N N 248 
PRO N   H    sing N N 249 
PRO CA  C    sing N N 250 
PRO CA  CB   sing N N 251 
PRO CA  HA   sing N N 252 
PRO C   O    doub N N 253 
PRO C   OXT  sing N N 254 
PRO CB  CG   sing N N 255 
PRO CB  HB2  sing N N 256 
PRO CB  HB3  sing N N 257 
PRO CG  CD   sing N N 258 
PRO CG  HG2  sing N N 259 
PRO CG  HG3  sing N N 260 
PRO CD  HD2  sing N N 261 
PRO CD  HD3  sing N N 262 
PRO OXT HXT  sing N N 263 
SER N   CA   sing N N 264 
SER N   H    sing N N 265 
SER N   H2   sing N N 266 
SER CA  C    sing N N 267 
SER CA  CB   sing N N 268 
SER CA  HA   sing N N 269 
SER C   O    doub N N 270 
SER C   OXT  sing N N 271 
SER CB  OG   sing N N 272 
SER CB  HB2  sing N N 273 
SER CB  HB3  sing N N 274 
SER OG  HG   sing N N 275 
SER OXT HXT  sing N N 276 
THR N   CA   sing N N 277 
THR N   H    sing N N 278 
THR N   H2   sing N N 279 
THR CA  C    sing N N 280 
THR CA  CB   sing N N 281 
THR CA  HA   sing N N 282 
THR C   O    doub N N 283 
THR C   OXT  sing N N 284 
THR CB  OG1  sing N N 285 
THR CB  CG2  sing N N 286 
THR CB  HB   sing N N 287 
THR OG1 HG1  sing N N 288 
THR CG2 HG21 sing N N 289 
THR CG2 HG22 sing N N 290 
THR CG2 HG23 sing N N 291 
THR OXT HXT  sing N N 292 
TRP N   CA   sing N N 293 
TRP N   H    sing N N 294 
TRP N   H2   sing N N 295 
TRP CA  C    sing N N 296 
TRP CA  CB   sing N N 297 
TRP CA  HA   sing N N 298 
TRP C   O    doub N N 299 
TRP C   OXT  sing N N 300 
TRP CB  CG   sing N N 301 
TRP CB  HB2  sing N N 302 
TRP CB  HB3  sing N N 303 
TRP CG  CD1  doub Y N 304 
TRP CG  CD2  sing Y N 305 
TRP CD1 NE1  sing Y N 306 
TRP CD1 HD1  sing N N 307 
TRP CD2 CE2  doub Y N 308 
TRP CD2 CE3  sing Y N 309 
TRP NE1 CE2  sing Y N 310 
TRP NE1 HE1  sing N N 311 
TRP CE2 CZ2  sing Y N 312 
TRP CE3 CZ3  doub Y N 313 
TRP CE3 HE3  sing N N 314 
TRP CZ2 CH2  doub Y N 315 
TRP CZ2 HZ2  sing N N 316 
TRP CZ3 CH2  sing Y N 317 
TRP CZ3 HZ3  sing N N 318 
TRP CH2 HH2  sing N N 319 
TRP OXT HXT  sing N N 320 
TYR N   CA   sing N N 321 
TYR N   H    sing N N 322 
TYR N   H2   sing N N 323 
TYR CA  C    sing N N 324 
TYR CA  CB   sing N N 325 
TYR CA  HA   sing N N 326 
TYR C   O    doub N N 327 
TYR C   OXT  sing N N 328 
TYR CB  CG   sing N N 329 
TYR CB  HB2  sing N N 330 
TYR CB  HB3  sing N N 331 
TYR CG  CD1  doub Y N 332 
TYR CG  CD2  sing Y N 333 
TYR CD1 CE1  sing Y N 334 
TYR CD1 HD1  sing N N 335 
TYR CD2 CE2  doub Y N 336 
TYR CD2 HD2  sing N N 337 
TYR CE1 CZ   doub Y N 338 
TYR CE1 HE1  sing N N 339 
TYR CE2 CZ   sing Y N 340 
TYR CE2 HE2  sing N N 341 
TYR CZ  OH   sing N N 342 
TYR OH  HH   sing N N 343 
TYR OXT HXT  sing N N 344 
VAL N   CA   sing N N 345 
VAL N   H    sing N N 346 
VAL N   H2   sing N N 347 
VAL CA  C    sing N N 348 
VAL CA  CB   sing N N 349 
VAL CA  HA   sing N N 350 
VAL C   O    doub N N 351 
VAL C   OXT  sing N N 352 
VAL CB  CG1  sing N N 353 
VAL CB  CG2  sing N N 354 
VAL CB  HB   sing N N 355 
VAL CG1 HG11 sing N N 356 
VAL CG1 HG12 sing N N 357 
VAL CG1 HG13 sing N N 358 
VAL CG2 HG21 sing N N 359 
VAL CG2 HG22 sing N N 360 
VAL CG2 HG23 sing N N 361 
VAL OXT HXT  sing N N 362 
# 
_atom_sites.entry_id                    1PHT 
_atom_sites.fract_transf_matrix[1][1]   0.00937471 
_atom_sites.fract_transf_matrix[1][2]   0.01258511 
_atom_sites.fract_transf_matrix[1][3]   0.01436804 
_atom_sites.fract_transf_matrix[2][1]   -0.01892378 
_atom_sites.fract_transf_matrix[2][2]   0.00829141 
_atom_sites.fract_transf_matrix[2][3]   0.00508467 
_atom_sites.fract_transf_matrix[3][1]   -0.00131958 
_atom_sites.fract_transf_matrix[3][2]   -0.00764763 
_atom_sites.fract_transf_matrix[3][3]   0.00755963 
_atom_sites.fract_transf_vector[1]      0.752691 
_atom_sites.fract_transf_vector[2]      0.506500 
_atom_sites.fract_transf_vector[3]      0.393707 
# 
loop_
_atom_type.symbol 
C 
H 
N 
O 
# 
loop_
_atom_site.group_PDB 
_atom_site.id 
_atom_site.type_symbol 
_atom_site.label_atom_id 
_atom_site.label_alt_id 
_atom_site.label_comp_id 
_atom_site.label_asym_id 
_atom_site.label_entity_id 
_atom_site.label_seq_id 
_atom_site.pdbx_PDB_ins_code 
_atom_site.Cartn_x 
_atom_site.Cartn_y 
_atom_site.Cartn_z 
_atom_site.occupancy 
_atom_site.B_iso_or_equiv 
_atom_site.pdbx_formal_charge 
_atom_site.auth_seq_id 
_atom_site.auth_comp_id 
_atom_site.auth_asym_id 
_atom_site.auth_atom_id 
_atom_site.pdbx_PDB_model_num 
ATOM   1   N N    . ALA A 1 3  ? -3.787  14.139  8.710   1.00 42.45 ? 3   ALA A N    1 
ATOM   2   C CA   . ALA A 1 3  ? -3.782  12.666  8.588   1.00 36.88 ? 3   ALA A CA   1 
ATOM   3   C C    . ALA A 1 3  ? -2.647  12.315  7.654   1.00 34.99 ? 3   ALA A C    1 
ATOM   4   O O    . ALA A 1 3  ? -2.309  13.103  6.779   1.00 37.90 ? 3   ALA A O    1 
ATOM   5   C CB   . ALA A 1 3  ? -5.090  12.200  7.999   1.00 39.12 ? 3   ALA A CB   1 
ATOM   6   N N    . GLU A 1 4  ? -2.034  11.154  7.847   1.00 32.58 ? 4   GLU A N    1 
ATOM   7   C CA   . GLU A 1 4  ? -0.949  10.751  6.969   1.00 32.45 ? 4   GLU A CA   1 
ATOM   8   C C    . GLU A 1 4  ? -0.997  9.283   6.581   1.00 27.74 ? 4   GLU A C    1 
ATOM   9   O O    . GLU A 1 4  ? -1.492  8.437   7.339   1.00 25.17 ? 4   GLU A O    1 
ATOM   10  C CB   . GLU A 1 4  ? 0.407   11.112  7.566   1.00 35.91 ? 4   GLU A CB   1 
ATOM   11  C CG   . GLU A 1 4  ? 0.731   10.470  8.883   1.00 41.82 ? 4   GLU A CG   1 
ATOM   12  C CD   . GLU A 1 4  ? 2.048   10.986  9.427   1.00 48.12 ? 4   GLU A CD   1 
ATOM   13  O OE1  . GLU A 1 4  ? 3.104   10.402  9.097   1.00 49.25 ? 4   GLU A OE1  1 
ATOM   14  O OE2  . GLU A 1 4  ? 2.023   12.007  10.148  1.00 51.08 ? 4   GLU A OE2  1 
ATOM   15  H H    . GLU A 1 4  ? -2.284  10.519  8.556   1.00 15.00 ? 4   GLU A H    1 
ATOM   16  N N    . GLY A 1 5  ? -0.555  9.007   5.357   1.00 25.06 ? 5   GLY A N    1 
ATOM   17  C CA   . GLY A 1 5  ? -0.530  7.655   4.854   1.00 21.09 ? 5   GLY A CA   1 
ATOM   18  C C    . GLY A 1 5  ? 0.891   7.241   4.563   1.00 19.19 ? 5   GLY A C    1 
ATOM   19  O O    . GLY A 1 5  ? 1.810   8.054   4.636   1.00 24.87 ? 5   GLY A O    1 
ATOM   20  H H    . GLY A 1 5  ? -0.201  9.729   4.801   1.00 15.00 ? 5   GLY A H    1 
ATOM   21  N N    . TYR A 1 6  ? 1.082   5.958   4.295   1.00 18.75 ? 6   TYR A N    1 
ATOM   22  C CA   . TYR A 1 6  ? 2.397   5.438   3.968   1.00 15.85 ? 6   TYR A CA   1 
ATOM   23  C C    . TYR A 1 6  ? 2.319   5.105   2.506   1.00 14.67 ? 6   TYR A C    1 
ATOM   24  O O    . TYR A 1 6  ? 1.324   4.546   2.047   1.00 13.93 ? 6   TYR A O    1 
ATOM   25  C CB   . TYR A 1 6  ? 2.701   4.188   4.782   1.00 16.48 ? 6   TYR A CB   1 
ATOM   26  C CG   . TYR A 1 6  ? 2.740   4.467   6.250   1.00 19.78 ? 6   TYR A CG   1 
ATOM   27  C CD1  . TYR A 1 6  ? 3.669   5.349   6.773   1.00 24.62 ? 6   TYR A CD1  1 
ATOM   28  C CD2  . TYR A 1 6  ? 1.851   3.849   7.122   1.00 20.98 ? 6   TYR A CD2  1 
ATOM   29  C CE1  . TYR A 1 6  ? 3.722   5.614   8.125   1.00 29.46 ? 6   TYR A CE1  1 
ATOM   30  C CE2  . TYR A 1 6  ? 1.893   4.099   8.487   1.00 25.16 ? 6   TYR A CE2  1 
ATOM   31  C CZ   . TYR A 1 6  ? 2.836   4.985   8.984   1.00 29.26 ? 6   TYR A CZ   1 
ATOM   32  O OH   . TYR A 1 6  ? 2.928   5.230   10.335  1.00 31.36 ? 6   TYR A OH   1 
ATOM   33  H H    . TYR A 1 6  ? 0.326   5.349   4.278   1.00 15.00 ? 6   TYR A H    1 
ATOM   34  H HH   . TYR A 1 6  ? 2.312   4.672   10.816  1.00 15.00 ? 6   TYR A HH   1 
ATOM   35  N N    . GLN A 1 7  ? 3.359   5.473   1.778   1.00 14.41 ? 7   GLN A N    1 
ATOM   36  C CA   . GLN A 1 7  ? 3.405   5.237   0.351   1.00 11.57 ? 7   GLN A CA   1 
ATOM   37  C C    . GLN A 1 7  ? 4.362   4.140   -0.089  1.00 7.38  ? 7   GLN A C    1 
ATOM   38  O O    . GLN A 1 7  ? 5.452   3.974   0.470   1.00 13.37 ? 7   GLN A O    1 
ATOM   39  C CB   . GLN A 1 7  ? 3.720   6.540   -0.373  1.00 10.16 ? 7   GLN A CB   1 
ATOM   40  C CG   . GLN A 1 7  ? 2.569   7.493   -0.362  1.00 11.72 ? 7   GLN A CG   1 
ATOM   41  C CD   . GLN A 1 7  ? 2.744   8.596   -1.347  1.00 16.32 ? 7   GLN A CD   1 
ATOM   42  O OE1  . GLN A 1 7  ? 3.758   9.278   -1.351  1.00 18.72 ? 7   GLN A OE1  1 
ATOM   43  N NE2  . GLN A 1 7  ? 1.746   8.787   -2.191  1.00 19.08 ? 7   GLN A NE2  1 
ATOM   44  H H    . GLN A 1 7  ? 4.117   5.910   2.197   1.00 15.00 ? 7   GLN A H    1 
ATOM   45  H HE21 . GLN A 1 7  ? 1.829   9.510   -2.839  1.00 15.00 ? 7   GLN A HE21 1 
ATOM   46  H HE22 . GLN A 1 7  ? 0.954   8.195   -2.106  1.00 15.00 ? 7   GLN A HE22 1 
ATOM   47  N N    . TYR A 1 8  ? 3.952   3.415   -1.125  1.00 10.66 ? 8   TYR A N    1 
ATOM   48  C CA   . TYR A 1 8  ? 4.728   2.320   -1.673  1.00 12.01 ? 8   TYR A CA   1 
ATOM   49  C C    . TYR A 1 8  ? 4.730   2.449   -3.179  1.00 11.08 ? 8   TYR A C    1 
ATOM   50  O O    . TYR A 1 8  ? 3.802   3.016   -3.743  1.00 11.92 ? 8   TYR A O    1 
ATOM   51  C CB   . TYR A 1 8  ? 4.058   0.987   -1.319  1.00 11.27 ? 8   TYR A CB   1 
ATOM   52  C CG   . TYR A 1 8  ? 3.983   0.752   0.162   1.00 12.65 ? 8   TYR A CG   1 
ATOM   53  C CD1  . TYR A 1 8  ? 2.925   1.244   0.903   1.00 12.52 ? 8   TYR A CD1  1 
ATOM   54  C CD2  . TYR A 1 8  ? 5.020   0.116   0.833   1.00 7.60  ? 8   TYR A CD2  1 
ATOM   55  C CE1  . TYR A 1 8  ? 2.903   1.121   2.267   1.00 10.84 ? 8   TYR A CE1  1 
ATOM   56  C CE2  . TYR A 1 8  ? 5.001   -0.015  2.199   1.00 11.96 ? 8   TYR A CE2  1 
ATOM   57  C CZ   . TYR A 1 8  ? 3.943   0.500   2.911   1.00 8.83  ? 8   TYR A CZ   1 
ATOM   58  O OH   . TYR A 1 8  ? 3.939   0.442   4.277   1.00 14.30 ? 8   TYR A OH   1 
ATOM   59  H H    . TYR A 1 8  ? 3.093   3.633   -1.546  1.00 15.00 ? 8   TYR A H    1 
ATOM   60  H HH   . TYR A 1 8  ? 4.764   0.019   4.537   1.00 15.00 ? 8   TYR A HH   1 
ATOM   61  N N    . ARG A 1 9  ? 5.763   1.925   -3.826  1.00 12.19 ? 9   ARG A N    1 
ATOM   62  C CA   . ARG A 1 9  ? 5.830   1.952   -5.276  1.00 11.33 ? 9   ARG A CA   1 
ATOM   63  C C    . ARG A 1 9  ? 5.924   0.523   -5.768  1.00 10.13 ? 9   ARG A C    1 
ATOM   64  O O    . ARG A 1 9  ? 6.707   -0.251  -5.244  1.00 12.84 ? 9   ARG A O    1 
ATOM   65  C CB   . ARG A 1 9  ? 7.027   2.759   -5.768  1.00 16.28 ? 9   ARG A CB   1 
ATOM   66  C CG   . ARG A 1 9  ? 7.214   2.648   -7.287  1.00 20.16 ? 9   ARG A CG   1 
ATOM   67  C CD   . ARG A 1 9  ? 7.882   3.872   -7.878  1.00 27.06 ? 9   ARG A CD   1 
ATOM   68  N NE   . ARG A 1 9  ? 9.014   4.262   -7.062  1.00 44.18 ? 9   ARG A NE   1 
ATOM   69  C CZ   . ARG A 1 9  ? 10.158  3.595   -7.015  1.00 57.74 ? 9   ARG A CZ   1 
ATOM   70  N NH1  . ARG A 1 9  ? 10.329  2.517   -7.763  1.00 67.04 ? 9   ARG A NH1  1 
ATOM   71  N NH2  . ARG A 1 9  ? 11.137  4.014   -6.226  1.00 60.81 ? 9   ARG A NH2  1 
ATOM   72  H H    . ARG A 1 9  ? 6.491   1.503   -3.336  1.00 15.00 ? 9   ARG A H    1 
ATOM   73  H HE   . ARG A 1 9  ? 8.919   5.050   -6.490  1.00 15.00 ? 9   ARG A HE   1 
ATOM   74  H HH11 . ARG A 1 9  ? 9.593   2.206   -8.353  1.00 34.00 ? 9   ARG A HH11 1 
ATOM   75  H HH12 . ARG A 1 9  ? 11.183  1.998   -7.730  1.00 34.00 ? 9   ARG A HH12 1 
ATOM   76  H HH21 . ARG A 1 9  ? 11.001  4.818   -5.662  1.00 34.00 ? 9   ARG A HH21 1 
ATOM   77  H HH22 . ARG A 1 9  ? 11.984  3.488   -6.197  1.00 34.00 ? 9   ARG A HH22 1 
ATOM   78  N N    . ALA A 1 10 ? 5.144   0.175   -6.783  1.00 8.01  ? 10  ALA A N    1 
ATOM   79  C CA   . ALA A 1 10 ? 5.140   -1.180  -7.331  1.00 7.67  ? 10  ALA A CA   1 
ATOM   80  C C    . ALA A 1 10 ? 6.394   -1.468  -8.145  1.00 13.75 ? 10  ALA A C    1 
ATOM   81  O O    . ALA A 1 10 ? 6.721   -0.723  -9.060  1.00 11.75 ? 10  ALA A O    1 
ATOM   82  C CB   . ALA A 1 10 ? 3.909   -1.391  -8.184  1.00 10.03 ? 10  ALA A CB   1 
ATOM   83  H H    . ALA A 1 10 ? 4.562   0.865   -7.172  1.00 15.00 ? 10  ALA A H    1 
ATOM   84  N N    . LEU A 1 11 ? 7.062   -2.573  -7.840  1.00 13.21 ? 11  LEU A N    1 
ATOM   85  C CA   . LEU A 1 11 ? 8.276   -2.973  -8.535  1.00 12.05 ? 11  LEU A CA   1 
ATOM   86  C C    . LEU A 1 11 ? 8.011   -4.086  -9.522  1.00 11.17 ? 11  LEU A C    1 
ATOM   87  O O    . LEU A 1 11 ? 8.862   -4.399  -10.357 1.00 5.76  ? 11  LEU A O    1 
ATOM   88  C CB   . LEU A 1 11 ? 9.313   -3.472  -7.542  1.00 14.64 ? 11  LEU A CB   1 
ATOM   89  C CG   . LEU A 1 11 ? 9.893   -2.452  -6.572  1.00 14.30 ? 11  LEU A CG   1 
ATOM   90  C CD1  . LEU A 1 11 ? 10.651  -3.163  -5.455  1.00 19.84 ? 11  LEU A CD1  1 
ATOM   91  C CD2  . LEU A 1 11 ? 10.790  -1.498  -7.335  1.00 14.27 ? 11  LEU A CD2  1 
ATOM   92  H H    . LEU A 1 11 ? 6.709   -3.132  -7.131  1.00 15.00 ? 11  LEU A H    1 
ATOM   93  N N    . TYR A 1 12 ? 6.851   -4.711  -9.380  1.00 13.62 ? 12  TYR A N    1 
ATOM   94  C CA   . TYR A 1 12 ? 6.433   -5.834  -10.216 1.00 15.47 ? 12  TYR A CA   1 
ATOM   95  C C    . TYR A 1 12 ? 4.969   -5.662  -10.580 1.00 16.81 ? 12  TYR A C    1 
ATOM   96  O O    . TYR A 1 12 ? 4.243   -4.933  -9.910  1.00 20.69 ? 12  TYR A O    1 
ATOM   97  C CB   . TYR A 1 12 ? 6.560   -7.152  -9.435  1.00 14.91 ? 12  TYR A CB   1 
ATOM   98  C CG   . TYR A 1 12 ? 7.954   -7.500  -8.993  1.00 13.00 ? 12  TYR A CG   1 
ATOM   99  C CD1  . TYR A 1 12 ? 8.847   -8.084  -9.888  1.00 14.95 ? 12  TYR A CD1  1 
ATOM   100 C CD2  . TYR A 1 12 ? 8.398   -7.205  -7.703  1.00 14.38 ? 12  TYR A CD2  1 
ATOM   101 C CE1  . TYR A 1 12 ? 10.147  -8.364  -9.520  1.00 10.49 ? 12  TYR A CE1  1 
ATOM   102 C CE2  . TYR A 1 12 ? 9.709   -7.478  -7.321  1.00 14.01 ? 12  TYR A CE2  1 
ATOM   103 C CZ   . TYR A 1 12 ? 10.581  -8.059  -8.244  1.00 10.13 ? 12  TYR A CZ   1 
ATOM   104 O OH   . TYR A 1 12 ? 11.899  -8.307  -7.917  1.00 18.35 ? 12  TYR A OH   1 
ATOM   105 H H    . TYR A 1 12 ? 6.204   -4.414  -8.698  1.00 15.00 ? 12  TYR A H    1 
ATOM   106 H HH   . TYR A 1 12 ? 12.358  -8.745  -8.638  1.00 15.00 ? 12  TYR A HH   1 
ATOM   107 N N    . ASP A 1 13 ? 4.551   -6.341  -11.643 1.00 21.37 ? 13  ASP A N    1 
ATOM   108 C CA   . ASP A 1 13 ? 3.165   -6.321  -12.096 1.00 19.65 ? 13  ASP A CA   1 
ATOM   109 C C    . ASP A 1 13 ? 2.371   -7.443  -11.416 1.00 21.92 ? 13  ASP A C    1 
ATOM   110 O O    . ASP A 1 13 ? 2.871   -8.561  -11.256 1.00 23.60 ? 13  ASP A O    1 
ATOM   111 C CB   . ASP A 1 13 ? 3.105   -6.491  -13.619 1.00 30.03 ? 13  ASP A CB   1 
ATOM   112 C CG   . ASP A 1 13 ? 3.107   -5.170  -14.344 1.00 32.93 ? 13  ASP A CG   1 
ATOM   113 O OD1  . ASP A 1 13 ? 4.078   -4.407  -14.194 1.00 32.59 ? 13  ASP A OD1  1 
ATOM   114 O OD2  . ASP A 1 13 ? 2.113   -4.885  -15.041 1.00 47.53 ? 13  ASP A OD2  1 
ATOM   115 H H    . ASP A 1 13 ? 5.192   -6.886  -12.123 1.00 15.00 ? 13  ASP A H    1 
ATOM   116 N N    . TYR A 1 14 ? 1.122   -7.163  -11.062 1.00 21.27 ? 14  TYR A N    1 
ATOM   117 C CA   . TYR A 1 14 ? 0.288   -8.145  -10.397 1.00 18.47 ? 14  TYR A CA   1 
ATOM   118 C C    . TYR A 1 14 ? -1.135  -8.100  -10.909 1.00 15.90 ? 14  TYR A C    1 
ATOM   119 O O    . TYR A 1 14 ? -1.734  -7.026  -11.010 1.00 19.00 ? 14  TYR A O    1 
ATOM   120 C CB   . TYR A 1 14 ? 0.280   -7.894  -8.880  1.00 20.75 ? 14  TYR A CB   1 
ATOM   121 C CG   . TYR A 1 14 ? -0.683  -8.767  -8.099  1.00 18.74 ? 14  TYR A CG   1 
ATOM   122 C CD1  . TYR A 1 14 ? -0.428  -10.117 -7.908  1.00 19.63 ? 14  TYR A CD1  1 
ATOM   123 C CD2  . TYR A 1 14 ? -1.869  -8.240  -7.587  1.00 18.95 ? 14  TYR A CD2  1 
ATOM   124 C CE1  . TYR A 1 14 ? -1.322  -10.924 -7.242  1.00 20.59 ? 14  TYR A CE1  1 
ATOM   125 C CE2  . TYR A 1 14 ? -2.771  -9.040  -6.921  1.00 16.85 ? 14  TYR A CE2  1 
ATOM   126 C CZ   . TYR A 1 14 ? -2.488  -10.385 -6.755  1.00 18.95 ? 14  TYR A CZ   1 
ATOM   127 O OH   . TYR A 1 14 ? -3.387  -11.197 -6.115  1.00 21.51 ? 14  TYR A OH   1 
ATOM   128 H H    . TYR A 1 14 ? 0.734   -6.285  -11.283 1.00 15.00 ? 14  TYR A H    1 
ATOM   129 H HH   . TYR A 1 14 ? -2.977  -12.063 -6.005  1.00 15.00 ? 14  TYR A HH   1 
ATOM   130 N N    . LYS A 1 15 ? -1.656  -9.276  -11.233 1.00 19.66 ? 15  LYS A N    1 
ATOM   131 C CA   . LYS A 1 15 ? -3.031  -9.426  -11.691 1.00 27.47 ? 15  LYS A CA   1 
ATOM   132 C C    . LYS A 1 15 ? -3.820  -9.968  -10.497 1.00 22.99 ? 15  LYS A C    1 
ATOM   133 O O    . LYS A 1 15 ? -3.448  -10.967 -9.888  1.00 23.40 ? 15  LYS A O    1 
ATOM   134 C CB   . LYS A 1 15 ? -3.107  -10.381 -12.884 1.00 34.31 ? 15  LYS A CB   1 
ATOM   135 C CG   . LYS A 1 15 ? -4.511  -10.537 -13.453 1.00 50.04 ? 15  LYS A CG   1 
ATOM   136 C CD   . LYS A 1 15 ? -4.493  -11.215 -14.811 1.00 57.61 ? 15  LYS A CD   1 
ATOM   137 C CE   . LYS A 1 15 ? -5.862  -11.150 -15.467 1.00 65.25 ? 15  LYS A CE   1 
ATOM   138 N NZ   . LYS A 1 15 ? -5.813  -11.641 -16.874 1.00 67.85 ? 15  LYS A NZ   1 
ATOM   139 H H    . LYS A 1 15 ? -1.097  -10.073 -11.165 1.00 15.00 ? 15  LYS A H    1 
ATOM   140 H HZ1  . LYS A 1 15 ? -5.155  -11.048 -17.420 1.00 15.00 ? 15  LYS A HZ1  1 
ATOM   141 H HZ2  . LYS A 1 15 ? -5.493  -12.631 -16.894 1.00 15.00 ? 15  LYS A HZ2  1 
ATOM   142 H HZ3  . LYS A 1 15 ? -6.762  -11.578 -17.289 1.00 15.00 ? 15  LYS A HZ3  1 
ATOM   143 N N    . LYS A 1 16 ? -4.886  -9.268  -10.156 1.00 22.43 ? 16  LYS A N    1 
ATOM   144 C CA   . LYS A 1 16 ? -5.709  -9.616  -9.018  1.00 24.05 ? 16  LYS A CA   1 
ATOM   145 C C    . LYS A 1 16 ? -6.239  -11.031 -9.019  1.00 26.79 ? 16  LYS A C    1 
ATOM   146 O O    . LYS A 1 16 ? -6.711  -11.518 -10.035 1.00 27.62 ? 16  LYS A O    1 
ATOM   147 C CB   . LYS A 1 16 ? -6.878  -8.647  -8.916  1.00 25.34 ? 16  LYS A CB   1 
ATOM   148 C CG   . LYS A 1 16 ? -7.793  -8.650  -10.118 1.00 31.91 ? 16  LYS A CG   1 
ATOM   149 C CD   . LYS A 1 16 ? -9.033  -7.840  -9.859  1.00 33.79 ? 16  LYS A CD   1 
ATOM   150 C CE   . LYS A 1 16 ? -8.698  -6.379  -9.726  1.00 40.10 ? 16  LYS A CE   1 
ATOM   151 N NZ   . LYS A 1 16 ? -9.910  -5.595  -9.348  1.00 46.07 ? 16  LYS A NZ   1 
ATOM   152 H H    . LYS A 1 16 ? -5.137  -8.499  -10.692 1.00 15.00 ? 16  LYS A H    1 
ATOM   153 H HZ1  . LYS A 1 16 ? -10.302 -5.976  -8.461  1.00 15.00 ? 16  LYS A HZ1  1 
ATOM   154 H HZ2  . LYS A 1 16 ? -9.653  -4.594  -9.222  1.00 15.00 ? 16  LYS A HZ2  1 
ATOM   155 H HZ3  . LYS A 1 16 ? -10.620 -5.678  -10.102 1.00 15.00 ? 16  LYS A HZ3  1 
ATOM   156 N N    . GLU A 1 17 ? -6.074  -11.716 -7.898  1.00 30.60 ? 17  GLU A N    1 
ATOM   157 C CA   . GLU A 1 17 ? -6.603  -13.059 -7.756  1.00 33.04 ? 17  GLU A CA   1 
ATOM   158 C C    . GLU A 1 17 ? -8.026  -12.887 -7.231  1.00 33.65 ? 17  GLU A C    1 
ATOM   159 O O    . GLU A 1 17 ? -8.982  -13.137 -7.952  1.00 38.12 ? 17  GLU A O    1 
ATOM   160 C CB   . GLU A 1 17 ? -5.776  -13.885 -6.773  1.00 40.80 ? 17  GLU A CB   1 
ATOM   161 C CG   . GLU A 1 17 ? -4.489  -14.446 -7.349  1.00 53.62 ? 17  GLU A CG   1 
ATOM   162 C CD   . GLU A 1 17 ? -3.512  -14.907 -6.278  1.00 60.90 ? 17  GLU A CD   1 
ATOM   163 O OE1  . GLU A 1 17 ? -3.917  -15.034 -5.099  1.00 62.82 ? 17  GLU A OE1  1 
ATOM   164 O OE2  . GLU A 1 17 ? -2.326  -15.132 -6.608  1.00 64.96 ? 17  GLU A OE2  1 
ATOM   165 H H    . GLU A 1 17 ? -5.562  -11.303 -7.176  1.00 15.00 ? 17  GLU A H    1 
ATOM   166 N N    . ARG A 1 18 ? -8.167  -12.366 -6.013  1.00 28.75 ? 18  ARG A N    1 
ATOM   167 C CA   . ARG A 1 18 ? -9.485  -12.168 -5.406  1.00 24.62 ? 18  ARG A CA   1 
ATOM   168 C C    . ARG A 1 18 ? -10.090 -10.839 -5.840  1.00 26.97 ? 18  ARG A C    1 
ATOM   169 O O    . ARG A 1 18 ? -9.358  -9.916  -6.205  1.00 30.04 ? 18  ARG A O    1 
ATOM   170 C CB   . ARG A 1 18 ? -9.371  -12.263 -3.886  1.00 20.68 ? 18  ARG A CB   1 
ATOM   171 C CG   . ARG A 1 18 ? -8.749  -13.580 -3.450  1.00 18.25 ? 18  ARG A CG   1 
ATOM   172 C CD   . ARG A 1 18 ? -8.486  -13.636 -1.961  1.00 15.80 ? 18  ARG A CD   1 
ATOM   173 N NE   . ARG A 1 18 ? -7.750  -14.846 -1.605  1.00 17.29 ? 18  ARG A NE   1 
ATOM   174 C CZ   . ARG A 1 18 ? -7.446  -15.211 -0.361  1.00 20.90 ? 18  ARG A CZ   1 
ATOM   175 N NH1  . ARG A 1 18 ? -7.804  -14.464 0.678   1.00 18.30 ? 18  ARG A NH1  1 
ATOM   176 N NH2  . ARG A 1 18 ? -6.779  -16.334 -0.151  1.00 24.32 ? 18  ARG A NH2  1 
ATOM   177 H H    . ARG A 1 18 ? -7.356  -12.078 -5.553  1.00 15.00 ? 18  ARG A H    1 
ATOM   178 H HE   . ARG A 1 18 ? -7.427  -15.414 -2.329  1.00 15.00 ? 18  ARG A HE   1 
ATOM   179 H HH11 . ARG A 1 18 ? -8.338  -13.630 0.542   1.00 15.00 ? 18  ARG A HH11 1 
ATOM   180 H HH12 . ARG A 1 18 ? -7.597  -14.781 1.602   1.00 15.00 ? 18  ARG A HH12 1 
ATOM   181 H HH21 . ARG A 1 18 ? -6.491  -16.901 -0.926  1.00 15.00 ? 18  ARG A HH21 1 
ATOM   182 H HH22 . ARG A 1 18 ? -6.552  -16.612 0.780   1.00 15.00 ? 18  ARG A HH22 1 
ATOM   183 N N    . GLU A 1 19 ? -11.412 -10.718 -5.783  1.00 24.66 ? 19  GLU A N    1 
ATOM   184 C CA   . GLU A 1 19 ? -12.051 -9.488  -6.223  1.00 32.19 ? 19  GLU A CA   1 
ATOM   185 C C    . GLU A 1 19 ? -11.748 -8.253  -5.380  1.00 33.68 ? 19  GLU A C    1 
ATOM   186 O O    . GLU A 1 19 ? -11.948 -7.130  -5.846  1.00 36.21 ? 19  GLU A O    1 
ATOM   187 C CB   . GLU A 1 19 ? -13.562 -9.666  -6.399  1.00 35.71 ? 19  GLU A CB   1 
ATOM   188 C CG   . GLU A 1 19 ? -14.162 -8.651  -7.371  1.00 41.30 ? 19  GLU A CG   1 
ATOM   189 C CD   . GLU A 1 19 ? -15.663 -8.771  -7.513  1.00 42.96 ? 19  GLU A CD   1 
ATOM   190 O OE1  . GLU A 1 19 ? -16.380 -8.385  -6.562  1.00 47.97 ? 19  GLU A OE1  1 
ATOM   191 O OE2  . GLU A 1 19 ? -16.128 -9.245  -8.575  1.00 43.26 ? 19  GLU A OE2  1 
ATOM   192 H H    . GLU A 1 19 ? -11.963 -11.476 -5.497  1.00 15.00 ? 19  GLU A H    1 
ATOM   193 N N    . GLU A 1 20 ? -11.278 -8.444  -4.147  1.00 33.44 ? 20  GLU A N    1 
ATOM   194 C CA   . GLU A 1 20 ? -10.942 -7.302  -3.292  1.00 35.27 ? 20  GLU A CA   1 
ATOM   195 C C    . GLU A 1 20 ? -9.491  -6.877  -3.460  1.00 28.33 ? 20  GLU A C    1 
ATOM   196 O O    . GLU A 1 20 ? -9.003  -6.023  -2.722  1.00 28.34 ? 20  GLU A O    1 
ATOM   197 C CB   . GLU A 1 20 ? -11.244 -7.575  -1.811  1.00 50.07 ? 20  GLU A CB   1 
ATOM   198 C CG   . GLU A 1 20 ? -12.719 -7.830  -1.486  1.00 67.43 ? 20  GLU A CG   1 
ATOM   199 C CD   . GLU A 1 20 ? -13.663 -6.837  -2.151  1.00 77.56 ? 20  GLU A CD   1 
ATOM   200 O OE1  . GLU A 1 20 ? -13.438 -5.611  -2.035  1.00 84.83 ? 20  GLU A OE1  1 
ATOM   201 O OE2  . GLU A 1 20 ? -14.644 -7.282  -2.792  1.00 83.21 ? 20  GLU A OE2  1 
ATOM   202 H H    . GLU A 1 20 ? -11.176 -9.358  -3.825  1.00 15.00 ? 20  GLU A H    1 
ATOM   203 N N    . ASP A 1 21 ? -8.796  -7.528  -4.393  1.00 24.34 ? 21  ASP A N    1 
ATOM   204 C CA   . ASP A 1 21 ? -7.407  -7.227  -4.722  1.00 21.62 ? 21  ASP A CA   1 
ATOM   205 C C    . ASP A 1 21 ? -7.402  -6.138  -5.790  1.00 21.47 ? 21  ASP A C    1 
ATOM   206 O O    . ASP A 1 21 ? -8.428  -5.858  -6.419  1.00 20.24 ? 21  ASP A O    1 
ATOM   207 C CB   . ASP A 1 21 ? -6.725  -8.445  -5.363  1.00 15.48 ? 21  ASP A CB   1 
ATOM   208 C CG   . ASP A 1 21 ? -6.380  -9.532  -4.376  1.00 12.62 ? 21  ASP A CG   1 
ATOM   209 O OD1  . ASP A 1 21 ? -6.646  -9.370  -3.170  1.00 17.65 ? 21  ASP A OD1  1 
ATOM   210 O OD2  . ASP A 1 21 ? -5.817  -10.548 -4.820  1.00 17.67 ? 21  ASP A OD2  1 
ATOM   211 H H    . ASP A 1 21 ? -9.239  -8.197  -4.949  1.00 15.00 ? 21  ASP A H    1 
ATOM   212 N N    . ILE A 1 22 ? -6.241  -5.535  -6.004  1.00 21.60 ? 22  ILE A N    1 
ATOM   213 C CA   . ILE A 1 22 ? -6.095  -4.546  -7.066  1.00 20.34 ? 22  ILE A CA   1 
ATOM   214 C C    . ILE A 1 22 ? -4.934  -5.007  -7.943  1.00 19.72 ? 22  ILE A C    1 
ATOM   215 O O    . ILE A 1 22 ? -4.116  -5.820  -7.514  1.00 15.28 ? 22  ILE A O    1 
ATOM   216 C CB   . ILE A 1 22 ? -5.807  -3.120  -6.554  1.00 20.02 ? 22  ILE A CB   1 
ATOM   217 C CG1  . ILE A 1 22 ? -4.676  -3.113  -5.538  1.00 19.41 ? 22  ILE A CG1  1 
ATOM   218 C CG2  . ILE A 1 22 ? -7.055  -2.512  -5.994  1.00 20.00 ? 22  ILE A CG2  1 
ATOM   219 C CD1  . ILE A 1 22 ? -4.253  -1.715  -5.140  1.00 19.10 ? 22  ILE A CD1  1 
ATOM   220 H H    . ILE A 1 22 ? -5.453  -5.782  -5.471  1.00 15.00 ? 22  ILE A H    1 
ATOM   221 N N    . ASP A 1 23 ? -4.930  -4.577  -9.197  1.00 19.73 ? 23  ASP A N    1 
ATOM   222 C CA   . ASP A 1 23 ? -3.853  -4.908  -10.112 1.00 16.30 ? 23  ASP A CA   1 
ATOM   223 C C    . ASP A 1 23 ? -2.739  -3.947  -9.777  1.00 15.97 ? 23  ASP A C    1 
ATOM   224 O O    . ASP A 1 23 ? -2.998  -2.797  -9.398  1.00 12.31 ? 23  ASP A O    1 
ATOM   225 C CB   . ASP A 1 23 ? -4.266  -4.633  -11.559 1.00 20.97 ? 23  ASP A CB   1 
ATOM   226 C CG   . ASP A 1 23 ? -5.369  -5.544  -12.043 1.00 23.36 ? 23  ASP A CG   1 
ATOM   227 O OD1  . ASP A 1 23 ? -5.297  -6.756  -11.780 1.00 23.26 ? 23  ASP A OD1  1 
ATOM   228 O OD2  . ASP A 1 23 ? -6.309  -5.053  -12.706 1.00 32.87 ? 23  ASP A OD2  1 
ATOM   229 H H    . ASP A 1 23 ? -5.654  -4.016  -9.498  1.00 15.00 ? 23  ASP A H    1 
ATOM   230 N N    . LEU A 1 24 ? -1.503  -4.409  -9.889  1.00 15.35 ? 24  LEU A N    1 
ATOM   231 C CA   . LEU A 1 24 ? -0.367  -3.535  -9.660  1.00 15.87 ? 24  LEU A CA   1 
ATOM   232 C C    . LEU A 1 24 ? 0.352   -3.469  -11.011 1.00 15.07 ? 24  LEU A C    1 
ATOM   233 O O    . LEU A 1 24 ? 0.333   -4.435  -11.779 1.00 17.77 ? 24  LEU A O    1 
ATOM   234 C CB   . LEU A 1 24 ? 0.593   -4.104  -8.615  1.00 16.25 ? 24  LEU A CB   1 
ATOM   235 C CG   . LEU A 1 24 ? 0.203   -4.138  -7.140  1.00 14.96 ? 24  LEU A CG   1 
ATOM   236 C CD1  . LEU A 1 24 ? 1.408   -4.583  -6.330  1.00 16.67 ? 24  LEU A CD1  1 
ATOM   237 C CD2  . LEU A 1 24 ? -0.245  -2.771  -6.677  1.00 16.01 ? 24  LEU A CD2  1 
ATOM   238 H H    . LEU A 1 24 ? -1.348  -5.346  -10.152 1.00 15.00 ? 24  LEU A H    1 
ATOM   239 N N    . HIS A 1 25 ? 0.923   -2.311  -11.323 1.00 14.21 ? 25  HIS A N    1 
ATOM   240 C CA   . HIS A 1 25 ? 1.675   -2.120  -12.555 1.00 14.79 ? 25  HIS A CA   1 
ATOM   241 C C    . HIS A 1 25 ? 2.948   -1.441  -12.105 1.00 11.78 ? 25  HIS A C    1 
ATOM   242 O O    . HIS A 1 25 ? 2.933   -0.626  -11.174 1.00 15.01 ? 25  HIS A O    1 
ATOM   243 C CB   . HIS A 1 25 ? 0.926   -1.193  -13.518 1.00 19.04 ? 25  HIS A CB   1 
ATOM   244 C CG   . HIS A 1 25 ? -0.498  -1.588  -13.760 1.00 22.23 ? 25  HIS A CG   1 
ATOM   245 N ND1  . HIS A 1 25 ? -1.554  -1.014  -13.093 1.00 23.49 ? 25  HIS A ND1  1 
ATOM   246 C CD2  . HIS A 1 25 ? -1.037  -2.504  -14.607 1.00 23.26 ? 25  HIS A CD2  1 
ATOM   247 C CE1  . HIS A 1 25 ? -2.687  -1.553  -13.509 1.00 27.43 ? 25  HIS A CE1  1 
ATOM   248 N NE2  . HIS A 1 25 ? -2.401  -2.456  -14.426 1.00 27.59 ? 25  HIS A NE2  1 
ATOM   249 H H    . HIS A 1 25 ? 0.902   -1.569  -10.673 1.00 15.00 ? 25  HIS A H    1 
ATOM   250 H HD1  . HIS A 1 25 ? -1.504  -0.218  -12.518 1.00 15.00 ? 25  HIS A HD1  1 
ATOM   251 H HE2  . HIS A 1 25 ? -3.058  -3.044  -14.875 1.00 15.00 ? 25  HIS A HE2  1 
ATOM   252 N N    . LEU A 1 26 ? 4.054   -1.772  -12.758 1.00 11.93 ? 26  LEU A N    1 
ATOM   253 C CA   . LEU A 1 26 ? 5.350   -1.194  -12.427 1.00 11.80 ? 26  LEU A CA   1 
ATOM   254 C C    . LEU A 1 26 ? 5.243   0.327   -12.386 1.00 10.24 ? 26  LEU A C    1 
ATOM   255 O O    . LEU A 1 26 ? 4.704   0.946   -13.295 1.00 17.91 ? 26  LEU A O    1 
ATOM   256 C CB   . LEU A 1 26 ? 6.387   -1.628  -13.474 1.00 15.79 ? 26  LEU A CB   1 
ATOM   257 C CG   . LEU A 1 26 ? 7.826   -1.101  -13.432 1.00 14.42 ? 26  LEU A CG   1 
ATOM   258 C CD1  . LEU A 1 26 ? 8.596   -1.641  -12.248 1.00 12.46 ? 26  LEU A CD1  1 
ATOM   259 C CD2  . LEU A 1 26 ? 8.512   -1.515  -14.715 1.00 16.59 ? 26  LEU A CD2  1 
ATOM   260 H H    . LEU A 1 26 ? 3.989   -2.366  -13.530 1.00 15.00 ? 26  LEU A H    1 
ATOM   261 N N    . GLY A 1 27 ? 5.674   0.913   -11.276 1.00 10.57 ? 27  GLY A N    1 
ATOM   262 C CA   . GLY A 1 27 ? 5.634   2.353   -11.141 1.00 14.20 ? 27  GLY A CA   1 
ATOM   263 C C    . GLY A 1 27 ? 4.443   2.918   -10.399 1.00 15.70 ? 27  GLY A C    1 
ATOM   264 O O    . GLY A 1 27 ? 4.483   4.075   -9.996  1.00 17.47 ? 27  GLY A O    1 
ATOM   265 H H    . GLY A 1 27 ? 6.015   0.371   -10.533 1.00 15.00 ? 27  GLY A H    1 
ATOM   266 N N    . ASP A 1 28 ? 3.389   2.120   -10.235 1.00 13.41 ? 28  ASP A N    1 
ATOM   267 C CA   . ASP A 1 28 ? 2.185   2.574   -9.527  1.00 12.82 ? 28  ASP A CA   1 
ATOM   268 C C    . ASP A 1 28 ? 2.522   3.019   -8.113  1.00 11.85 ? 28  ASP A C    1 
ATOM   269 O O    . ASP A 1 28 ? 3.342   2.394   -7.446  1.00 11.11 ? 28  ASP A O    1 
ATOM   270 C CB   . ASP A 1 28 ? 1.141   1.462   -9.447  1.00 15.70 ? 28  ASP A CB   1 
ATOM   271 C CG   . ASP A 1 28 ? 0.408   1.235   -10.758 1.00 17.10 ? 28  ASP A CG   1 
ATOM   272 O OD1  . ASP A 1 28 ? 0.660   1.958   -11.751 1.00 15.68 ? 28  ASP A OD1  1 
ATOM   273 O OD2  . ASP A 1 28 ? -0.437  0.318   -10.794 1.00 16.82 ? 28  ASP A OD2  1 
ATOM   274 H H    . ASP A 1 28 ? 3.436   1.202   -10.578 1.00 15.00 ? 28  ASP A H    1 
ATOM   275 N N    . ILE A 1 29 ? 1.918   4.114   -7.672  1.00 13.49 ? 29  ILE A N    1 
ATOM   276 C CA   . ILE A 1 29 ? 2.137   4.625   -6.320  1.00 12.29 ? 29  ILE A CA   1 
ATOM   277 C C    . ILE A 1 29 ? 0.898   4.271   -5.504  1.00 15.17 ? 29  ILE A C    1 
ATOM   278 O O    . ILE A 1 29 ? -0.221  4.497   -5.939  1.00 16.64 ? 29  ILE A O    1 
ATOM   279 C CB   . ILE A 1 29 ? 2.308   6.149   -6.312  1.00 16.68 ? 29  ILE A CB   1 
ATOM   280 C CG1  . ILE A 1 29 ? 3.435   6.572   -7.264  1.00 20.65 ? 29  ILE A CG1  1 
ATOM   281 C CG2  . ILE A 1 29 ? 2.580   6.640   -4.892  1.00 13.49 ? 29  ILE A CG2  1 
ATOM   282 C CD1  . ILE A 1 29 ? 4.784   5.937   -6.972  1.00 23.37 ? 29  ILE A CD1  1 
ATOM   283 H H    . ILE A 1 29 ? 1.318   4.594   -8.285  1.00 15.00 ? 29  ILE A H    1 
ATOM   284 N N    . LEU A 1 30 ? 1.106   3.711   -4.323  1.00 11.95 ? 30  LEU A N    1 
ATOM   285 C CA   . LEU A 1 30 ? 0.005   3.294   -3.473  1.00 13.42 ? 30  LEU A CA   1 
ATOM   286 C C    . LEU A 1 30 ? 0.099   4.011   -2.156  1.00 13.96 ? 30  LEU A C    1 
ATOM   287 O O    . LEU A 1 30 ? 1.193   4.240   -1.655  1.00 14.55 ? 30  LEU A O    1 
ATOM   288 C CB   . LEU A 1 30 ? 0.066   1.785   -3.188  1.00 17.65 ? 30  LEU A CB   1 
ATOM   289 C CG   . LEU A 1 30 ? 0.095   0.636   -4.214  1.00 13.22 ? 30  LEU A CG   1 
ATOM   290 C CD1  . LEU A 1 30 ? -1.031  0.788   -5.159  1.00 16.18 ? 30  LEU A CD1  1 
ATOM   291 C CD2  . LEU A 1 30 ? 1.412   0.508   -4.973  1.00 16.20 ? 30  LEU A CD2  1 
ATOM   292 H H    . LEU A 1 30 ? 2.021   3.570   -4.014  1.00 15.00 ? 30  LEU A H    1 
ATOM   293 N N    . THR A 1 31 ? -1.050  4.359   -1.592  1.00 14.73 ? 31  THR A N    1 
ATOM   294 C CA   . THR A 1 31 ? -1.084  5.029   -0.304  1.00 16.91 ? 31  THR A CA   1 
ATOM   295 C C    . THR A 1 31 ? -1.952  4.207   0.660   1.00 16.41 ? 31  THR A C    1 
ATOM   296 O O    . THR A 1 31 ? -3.076  3.838   0.336   1.00 14.17 ? 31  THR A O    1 
ATOM   297 C CB   . THR A 1 31 ? -1.597  6.471   -0.458  1.00 15.20 ? 31  THR A CB   1 
ATOM   298 O OG1  . THR A 1 31 ? -0.740  7.166   -1.376  1.00 16.85 ? 31  THR A OG1  1 
ATOM   299 C CG2  . THR A 1 31 ? -1.561  7.209   0.874   1.00 14.49 ? 31  THR A CG2  1 
ATOM   300 H H    . THR A 1 31 ? -1.897  4.181   -2.046  1.00 15.00 ? 31  THR A H    1 
ATOM   301 H HG1  . THR A 1 31 ? -0.837  6.692   -2.203  1.00 15.00 ? 31  THR A HG1  1 
ATOM   302 N N    . VAL A 1 32 ? -1.365  3.834   1.801   1.00 14.94 ? 32  VAL A N    1 
ATOM   303 C CA   . VAL A 1 32 ? -2.035  3.043   2.835   1.00 11.72 ? 32  VAL A CA   1 
ATOM   304 C C    . VAL A 1 32 ? -2.299  3.940   4.041   1.00 15.16 ? 32  VAL A C    1 
ATOM   305 O O    . VAL A 1 32 ? -1.377  4.601   4.529   1.00 17.66 ? 32  VAL A O    1 
ATOM   306 C CB   . VAL A 1 32 ? -1.111  1.875   3.312   1.00 11.70 ? 32  VAL A CB   1 
ATOM   307 C CG1  . VAL A 1 32 ? -1.781  1.050   4.392   1.00 8.83  ? 32  VAL A CG1  1 
ATOM   308 C CG2  . VAL A 1 32 ? -0.753  0.992   2.161   1.00 12.19 ? 32  VAL A CG2  1 
ATOM   309 H H    . VAL A 1 32 ? -0.441  4.096   1.957   1.00 15.00 ? 32  VAL A H    1 
ATOM   310 N N    . ASN A 1 33 ? -3.539  3.966   4.532   1.00 15.52 ? 33  ASN A N    1 
ATOM   311 C CA   . ASN A 1 33 ? -3.839  4.788   5.702   1.00 14.32 ? 33  ASN A CA   1 
ATOM   312 C C    . ASN A 1 33 ? -3.207  4.176   6.964   1.00 17.49 ? 33  ASN A C    1 
ATOM   313 O O    . ASN A 1 33 ? -3.244  2.949   7.161   1.00 18.07 ? 33  ASN A O    1 
ATOM   314 C CB   . ASN A 1 33 ? -5.354  4.987   5.879   1.00 12.91 ? 33  ASN A CB   1 
ATOM   315 C CG   . ASN A 1 33 ? -6.093  3.702   6.148   1.00 15.17 ? 33  ASN A CG   1 
ATOM   316 O OD1  . ASN A 1 33 ? -5.849  2.687   5.507   1.00 17.06 ? 33  ASN A OD1  1 
ATOM   317 N ND2  . ASN A 1 33 ? -7.017  3.741   7.097   1.00 11.79 ? 33  ASN A ND2  1 
ATOM   318 H H    . ASN A 1 33 ? -4.240  3.419   4.123   1.00 15.00 ? 33  ASN A H    1 
ATOM   319 H HD21 . ASN A 1 33 ? -7.536  2.927   7.278   1.00 15.00 ? 33  ASN A HD21 1 
ATOM   320 H HD22 . ASN A 1 33 ? -7.153  4.589   7.565   1.00 15.00 ? 33  ASN A HD22 1 
ATOM   321 N N    . LYS A 1 34 ? -2.599  5.016   7.795   1.00 20.15 ? 34  LYS A N    1 
ATOM   322 C CA   . LYS A 1 34 ? -1.960  4.531   9.021   1.00 21.63 ? 34  LYS A CA   1 
ATOM   323 C C    . LYS A 1 34 ? -2.914  3.699   9.882   1.00 22.16 ? 34  LYS A C    1 
ATOM   324 O O    . LYS A 1 34 ? -2.532  2.656   10.408  1.00 23.83 ? 34  LYS A O    1 
ATOM   325 C CB   . LYS A 1 34 ? -1.401  5.700   9.839   1.00 29.21 ? 34  LYS A CB   1 
ATOM   326 C CG   . LYS A 1 34 ? -0.677  5.255   11.102  1.00 37.37 ? 34  LYS A CG   1 
ATOM   327 C CD   . LYS A 1 34 ? -0.039  6.419   11.847  1.00 43.84 ? 34  LYS A CD   1 
ATOM   328 C CE   . LYS A 1 34 ? 0.894   7.234   10.958  1.00 48.82 ? 34  LYS A CE   1 
ATOM   329 N NZ   . LYS A 1 34 ? 2.140   7.632   11.685  1.00 56.16 ? 34  LYS A NZ   1 
ATOM   330 H H    . LYS A 1 34 ? -2.560  5.974   7.593   1.00 15.00 ? 34  LYS A H    1 
ATOM   331 H HZ1  . LYS A 1 34 ? 2.628   6.771   12.005  1.00 15.00 ? 34  LYS A HZ1  1 
ATOM   332 H HZ2  . LYS A 1 34 ? 2.757   8.163   11.035  1.00 15.00 ? 34  LYS A HZ2  1 
ATOM   333 H HZ3  . LYS A 1 34 ? 1.894   8.216   12.512  1.00 15.00 ? 34  LYS A HZ3  1 
ATOM   334 N N    . GLY A 1 35 ? -4.165  4.144   9.975   1.00 21.05 ? 35  GLY A N    1 
ATOM   335 C CA   . GLY A 1 35 ? -5.161  3.445   10.765  1.00 18.86 ? 35  GLY A CA   1 
ATOM   336 C C    . GLY A 1 35 ? -5.264  1.965   10.480  1.00 18.91 ? 35  GLY A C    1 
ATOM   337 O O    . GLY A 1 35 ? -5.349  1.165   11.402  1.00 22.27 ? 35  GLY A O    1 
ATOM   338 H H    . GLY A 1 35 ? -4.432  4.964   9.518   1.00 15.00 ? 35  GLY A H    1 
ATOM   339 N N    . SER A 1 36 ? -5.232  1.587   9.211   1.00 18.24 ? 36  SER A N    1 
ATOM   340 C CA   . SER A 1 36 ? -5.330  0.185   8.844   1.00 20.29 ? 36  SER A CA   1 
ATOM   341 C C    . SER A 1 36 ? -4.155  -0.642  9.363   1.00 19.63 ? 36  SER A C    1 
ATOM   342 O O    . SER A 1 36 ? -4.297  -1.833  9.598   1.00 24.78 ? 36  SER A O    1 
ATOM   343 C CB   . SER A 1 36 ? -5.438  0.045   7.319   1.00 19.44 ? 36  SER A CB   1 
ATOM   344 O OG   . SER A 1 36 ? -4.274  0.522   6.651   1.00 22.85 ? 36  SER A OG   1 
ATOM   345 H H    . SER A 1 36 ? -5.132  2.262   8.512   1.00 15.00 ? 36  SER A H    1 
ATOM   346 H HG   . SER A 1 36 ? -4.305  1.480   6.549   1.00 15.00 ? 36  SER A HG   1 
ATOM   347 N N    . LEU A 1 37 ? -2.986  -0.028  9.487   1.00 19.78 ? 37  LEU A N    1 
ATOM   348 C CA   . LEU A 1 37 ? -1.807  -0.725  9.984   1.00 21.94 ? 37  LEU A CA   1 
ATOM   349 C C    . LEU A 1 37 ? -1.850  -0.759  11.505  1.00 26.31 ? 37  LEU A C    1 
ATOM   350 O O    . LEU A 1 37 ? -1.497  -1.769  12.117  1.00 28.16 ? 37  LEU A O    1 
ATOM   351 C CB   . LEU A 1 37 ? -0.533  -0.037  9.499   1.00 17.44 ? 37  LEU A CB   1 
ATOM   352 C CG   . LEU A 1 37 ? 0.150   -0.640  8.272   1.00 20.24 ? 37  LEU A CG   1 
ATOM   353 C CD1  . LEU A 1 37 ? -0.833  -1.296  7.336   1.00 21.00 ? 37  LEU A CD1  1 
ATOM   354 C CD2  . LEU A 1 37 ? 0.931   0.439   7.572   1.00 19.91 ? 37  LEU A CD2  1 
ATOM   355 H H    . LEU A 1 37 ? -2.910  0.908   9.225   1.00 15.00 ? 37  LEU A H    1 
ATOM   356 N N    . VAL A 1 38 ? -2.301  0.332   12.117  1.00 27.69 ? 38  VAL A N    1 
ATOM   357 C CA   . VAL A 1 38 ? -2.412  0.403   13.569  1.00 27.94 ? 38  VAL A CA   1 
ATOM   358 C C    . VAL A 1 38 ? -3.385  -0.663  14.067  1.00 28.27 ? 38  VAL A C    1 
ATOM   359 O O    . VAL A 1 38 ? -3.137  -1.309  15.082  1.00 31.08 ? 38  VAL A O    1 
ATOM   360 C CB   . VAL A 1 38 ? -2.875  1.781   14.045  1.00 28.46 ? 38  VAL A CB   1 
ATOM   361 C CG1  . VAL A 1 38 ? -3.197  1.748   15.535  1.00 25.06 ? 38  VAL A CG1  1 
ATOM   362 C CG2  . VAL A 1 38 ? -1.789  2.811   13.785  1.00 22.77 ? 38  VAL A CG2  1 
ATOM   363 H H    . VAL A 1 38 ? -2.547  1.102   11.569  1.00 15.00 ? 38  VAL A H    1 
ATOM   364 N N    . ALA A 1 39 ? -4.464  -0.868  13.318  1.00 31.27 ? 39  ALA A N    1 
ATOM   365 C CA   . ALA A 1 39 ? -5.487  -1.863  13.657  1.00 33.76 ? 39  ALA A CA   1 
ATOM   366 C C    . ALA A 1 39 ? -4.927  -3.285  13.593  1.00 33.63 ? 39  ALA A C    1 
ATOM   367 O O    . ALA A 1 39 ? -5.456  -4.193  14.230  1.00 38.27 ? 39  ALA A O    1 
ATOM   368 C CB   . ALA A 1 39 ? -6.701  -1.718  12.725  1.00 33.24 ? 39  ALA A CB   1 
ATOM   369 H H    . ALA A 1 39 ? -4.596  -0.323  12.505  1.00 15.00 ? 39  ALA A H    1 
ATOM   370 N N    . LEU A 1 40 ? -3.862  -3.476  12.819  1.00 32.82 ? 40  LEU A N    1 
ATOM   371 C CA   . LEU A 1 40 ? -3.218  -4.782  12.681  1.00 34.68 ? 40  LEU A CA   1 
ATOM   372 C C    . LEU A 1 40 ? -2.073  -4.930  13.672  1.00 37.61 ? 40  LEU A C    1 
ATOM   373 O O    . LEU A 1 40 ? -1.272  -5.861  13.574  1.00 34.85 ? 40  LEU A O    1 
ATOM   374 C CB   . LEU A 1 40 ? -2.679  -4.969  11.263  1.00 37.86 ? 40  LEU A CB   1 
ATOM   375 C CG   . LEU A 1 40 ? -3.702  -5.308  10.170  1.00 38.29 ? 40  LEU A CG   1 
ATOM   376 C CD1  . LEU A 1 40 ? -3.072  -5.199  8.782   1.00 37.93 ? 40  LEU A CD1  1 
ATOM   377 C CD2  . LEU A 1 40 ? -4.267  -6.705  10.417  1.00 44.90 ? 40  LEU A CD2  1 
ATOM   378 H H    . LEU A 1 40 ? -3.493  -2.731  12.304  1.00 15.00 ? 40  LEU A H    1 
ATOM   379 N N    . GLY A 1 41 ? -1.983  -3.989  14.609  1.00 44.53 ? 41  GLY A N    1 
ATOM   380 C CA   . GLY A 1 41 ? -0.941  -4.033  15.618  1.00 50.89 ? 41  GLY A CA   1 
ATOM   381 C C    . GLY A 1 41 ? 0.449   -3.734  15.091  1.00 54.74 ? 41  GLY A C    1 
ATOM   382 O O    . GLY A 1 41 ? 1.441   -4.024  15.769  1.00 57.91 ? 41  GLY A O    1 
ATOM   383 H H    . GLY A 1 41 ? -2.614  -3.236  14.624  1.00 15.00 ? 41  GLY A H    1 
ATOM   384 N N    . PHE A 1 42 ? 0.528   -3.167  13.884  1.00 57.09 ? 42  PHE A N    1 
ATOM   385 C CA   . PHE A 1 42 ? 1.814   -2.822  13.272  1.00 58.50 ? 42  PHE A CA   1 
ATOM   386 C C    . PHE A 1 42 ? 2.414   -1.554  13.865  1.00 63.26 ? 42  PHE A C    1 
ATOM   387 O O    . PHE A 1 42 ? 2.236   -0.444  13.335  1.00 63.46 ? 42  PHE A O    1 
ATOM   388 C CB   . PHE A 1 42 ? 1.706   -2.705  11.748  1.00 50.63 ? 42  PHE A CB   1 
ATOM   389 C CG   . PHE A 1 42 ? 1.588   -4.027  11.058  1.00 46.79 ? 42  PHE A CG   1 
ATOM   390 C CD1  . PHE A 1 42 ? 2.485   -5.053  11.352  1.00 46.23 ? 42  PHE A CD1  1 
ATOM   391 C CD2  . PHE A 1 42 ? 0.557   -4.277  10.159  1.00 48.57 ? 42  PHE A CD2  1 
ATOM   392 C CE1  . PHE A 1 42 ? 2.351   -6.304  10.773  1.00 47.02 ? 42  PHE A CE1  1 
ATOM   393 C CE2  . PHE A 1 42 ? 0.411   -5.531  9.572   1.00 48.85 ? 42  PHE A CE2  1 
ATOM   394 C CZ   . PHE A 1 42 ? 1.309   -6.549  9.880   1.00 46.12 ? 42  PHE A CZ   1 
ATOM   395 H H    . PHE A 1 42 ? -0.289  -2.918  13.401  1.00 15.00 ? 42  PHE A H    1 
ATOM   396 N N    . SER A 1 43 ? 3.036   -1.735  15.029  1.00 68.06 ? 43  SER A N    1 
ATOM   397 C CA   . SER A 1 43 ? 3.709   -0.673  15.771  1.00 69.77 ? 43  SER A CA   1 
ATOM   398 C C    . SER A 1 43 ? 5.165   -0.627  15.286  1.00 69.60 ? 43  SER A C    1 
ATOM   399 O O    . SER A 1 43 ? 5.487   -1.180  14.233  1.00 69.91 ? 43  SER A O    1 
ATOM   400 C CB   . SER A 1 43 ? 3.655   -0.963  17.283  1.00 71.10 ? 43  SER A CB   1 
ATOM   401 O OG   . SER A 1 43 ? 2.343   -0.832  17.817  1.00 74.89 ? 43  SER A OG   1 
ATOM   402 H H    . SER A 1 43 ? 3.019   -2.644  15.387  1.00 15.00 ? 43  SER A H    1 
ATOM   403 H HG   . SER A 1 43 ? 1.670   -1.450  17.484  1.00 15.00 ? 43  SER A HG   1 
ATOM   404 N N    . ASP A 1 44 ? 6.051   0.009   16.046  1.00 68.47 ? 44  ASP A N    1 
ATOM   405 C CA   . ASP A 1 44 ? 7.452   0.088   15.639  1.00 66.15 ? 44  ASP A CA   1 
ATOM   406 C C    . ASP A 1 44 ? 7.495   0.792   14.270  1.00 61.14 ? 44  ASP A C    1 
ATOM   407 O O    . ASP A 1 44 ? 6.912   1.867   14.118  1.00 64.77 ? 44  ASP A O    1 
ATOM   408 C CB   . ASP A 1 44 ? 8.088   -1.320  15.572  1.00 72.17 ? 44  ASP A CB   1 
ATOM   409 C CG   . ASP A 1 44 ? 7.945   -2.105  16.889  1.00 77.54 ? 44  ASP A CG   1 
ATOM   410 O OD1  . ASP A 1 44 ? 8.813   -1.958  17.782  1.00 77.93 ? 44  ASP A OD1  1 
ATOM   411 O OD2  . ASP A 1 44 ? 6.967   -2.878  17.021  1.00 77.49 ? 44  ASP A OD2  1 
ATOM   412 H H    . ASP A 1 44 ? 5.749   0.484   16.841  1.00 15.00 ? 44  ASP A H    1 
ATOM   413 N N    . GLY A 1 45 ? 8.129   0.171   13.277  1.00 53.01 ? 45  GLY A N    1 
ATOM   414 C CA   . GLY A 1 45 ? 8.202   0.782   11.958  1.00 43.88 ? 45  GLY A CA   1 
ATOM   415 C C    . GLY A 1 45 ? 8.176   -0.253  10.852  1.00 38.78 ? 45  GLY A C    1 
ATOM   416 O O    . GLY A 1 45 ? 8.911   -0.143  9.871   1.00 36.20 ? 45  GLY A O    1 
ATOM   417 H H    . GLY A 1 45 ? 8.550   -0.701  13.388  1.00 15.00 ? 45  GLY A H    1 
ATOM   418 N N    . GLN A 1 46 ? 7.297   -1.242  10.993  1.00 34.87 ? 46  GLN A N    1 
ATOM   419 C CA   . GLN A 1 46 ? 7.179   -2.318  10.011  1.00 32.55 ? 46  GLN A CA   1 
ATOM   420 C C    . GLN A 1 46 ? 6.709   -1.828  8.663   1.00 28.93 ? 46  GLN A C    1 
ATOM   421 O O    . GLN A 1 46 ? 6.818   -2.547  7.682   1.00 29.31 ? 46  GLN A O    1 
ATOM   422 C CB   . GLN A 1 46 ? 6.228   -3.420  10.487  1.00 34.99 ? 46  GLN A CB   1 
ATOM   423 C CG   . GLN A 1 46 ? 6.647   -4.160  11.743  1.00 40.72 ? 46  GLN A CG   1 
ATOM   424 C CD   . GLN A 1 46 ? 5.910   -3.668  12.969  1.00 44.35 ? 46  GLN A CD   1 
ATOM   425 O OE1  . GLN A 1 46 ? 4.780   -3.203  12.874  1.00 47.33 ? 46  GLN A OE1  1 
ATOM   426 N NE2  . GLN A 1 46 ? 6.542   -3.772  14.130  1.00 49.75 ? 46  GLN A NE2  1 
ATOM   427 H H    . GLN A 1 46 ? 6.686   -1.228  11.769  1.00 15.00 ? 46  GLN A H    1 
ATOM   428 H HE21 . GLN A 1 46 ? 6.050   -3.416  14.899  1.00 15.00 ? 46  GLN A HE21 1 
ATOM   429 H HE22 . GLN A 1 46 ? 7.432   -4.178  14.178  1.00 15.00 ? 46  GLN A HE22 1 
ATOM   430 N N    . GLU A 1 47 ? 6.171   -0.617  8.610   1.00 26.74 ? 47  GLU A N    1 
ATOM   431 C CA   . GLU A 1 47 ? 5.699   -0.066  7.344   1.00 26.48 ? 47  GLU A CA   1 
ATOM   432 C C    . GLU A 1 47 ? 6.824   0.053   6.311   1.00 23.40 ? 47  GLU A C    1 
ATOM   433 O O    . GLU A 1 47 ? 6.572   0.028   5.110   1.00 24.55 ? 47  GLU A O    1 
ATOM   434 C CB   . GLU A 1 47 ? 5.005   1.293   7.530   1.00 28.52 ? 47  GLU A CB   1 
ATOM   435 C CG   . GLU A 1 47 ? 5.923   2.460   7.843   1.00 32.13 ? 47  GLU A CG   1 
ATOM   436 C CD   . GLU A 1 47 ? 6.281   2.580   9.320   1.00 40.32 ? 47  GLU A CD   1 
ATOM   437 O OE1  . GLU A 1 47 ? 5.630   1.931   10.174  1.00 40.65 ? 47  GLU A OE1  1 
ATOM   438 O OE2  . GLU A 1 47 ? 7.217   3.350   9.621   1.00 45.15 ? 47  GLU A OE2  1 
ATOM   439 H H    . GLU A 1 47 ? 6.082   -0.103  9.428   1.00 15.00 ? 47  GLU A H    1 
ATOM   440 N N    . ALA A 1 48 ? 8.065   0.143   6.787   1.00 21.24 ? 48  ALA A N    1 
ATOM   441 C CA   . ALA A 1 48 ? 9.221   0.251   5.901   1.00 17.57 ? 48  ALA A CA   1 
ATOM   442 C C    . ALA A 1 48 ? 9.630   -1.118  5.371   1.00 19.53 ? 48  ALA A C    1 
ATOM   443 O O    . ALA A 1 48 ? 10.599  -1.239  4.626   1.00 21.62 ? 48  ALA A O    1 
ATOM   444 C CB   . ALA A 1 48 ? 10.380  0.892   6.630   1.00 20.07 ? 48  ALA A CB   1 
ATOM   445 H H    . ALA A 1 48 ? 8.231   0.137   7.756   1.00 15.00 ? 48  ALA A H    1 
ATOM   446 N N    . ARG A 1 49 ? 8.899   -2.153  5.763   1.00 17.61 ? 49  ARG A N    1 
ATOM   447 C CA   . ARG A 1 49 ? 9.184   -3.505  5.322   1.00 21.05 ? 49  ARG A CA   1 
ATOM   448 C C    . ARG A 1 49 ? 7.883   -4.190  4.954   1.00 19.97 ? 49  ARG A C    1 
ATOM   449 O O    . ARG A 1 49 ? 7.449   -5.121  5.632   1.00 23.29 ? 49  ARG A O    1 
ATOM   450 C CB   . ARG A 1 49 ? 9.900   -4.256  6.438   1.00 24.69 ? 49  ARG A CB   1 
ATOM   451 C CG   . ARG A 1 49 ? 11.337  -3.827  6.638   1.00 29.49 ? 49  ARG A CG   1 
ATOM   452 C CD   . ARG A 1 49 ? 11.775  -4.033  8.073   1.00 36.73 ? 49  ARG A CD   1 
ATOM   453 N NE   . ARG A 1 49 ? 11.607  -2.819  8.874   1.00 42.66 ? 49  ARG A NE   1 
ATOM   454 C CZ   . ARG A 1 49 ? 11.274  -2.804  10.167  1.00 43.27 ? 49  ARG A CZ   1 
ATOM   455 N NH1  . ARG A 1 49 ? 11.051  -3.939  10.824  1.00 46.95 ? 49  ARG A NH1  1 
ATOM   456 N NH2  . ARG A 1 49 ? 11.182  -1.645  10.813  1.00 44.81 ? 49  ARG A NH2  1 
ATOM   457 H H    . ARG A 1 49 ? 8.142   -2.011  6.366   1.00 15.00 ? 49  ARG A H    1 
ATOM   458 H HE   . ARG A 1 49 ? 11.715  -1.959  8.432   1.00 15.00 ? 49  ARG A HE   1 
ATOM   459 H HH11 . ARG A 1 49 ? 11.115  -4.824  10.369  1.00 15.00 ? 49  ARG A HH11 1 
ATOM   460 H HH12 . ARG A 1 49 ? 10.794  -3.918  11.802  1.00 15.00 ? 49  ARG A HH12 1 
ATOM   461 H HH21 . ARG A 1 49 ? 11.346  -0.788  10.326  1.00 15.00 ? 49  ARG A HH21 1 
ATOM   462 H HH22 . ARG A 1 49 ? 10.923  -1.632  11.781  1.00 15.00 ? 49  ARG A HH22 1 
ATOM   463 N N    . PRO A 1 50 ? 7.256   -3.766  3.841   1.00 20.29 ? 50  PRO A N    1 
ATOM   464 C CA   . PRO A 1 50 ? 5.988   -4.340  3.376   1.00 18.22 ? 50  PRO A CA   1 
ATOM   465 C C    . PRO A 1 50 ? 6.042   -5.844  3.102   1.00 17.62 ? 50  PRO A C    1 
ATOM   466 O O    . PRO A 1 50 ? 5.042   -6.539  3.261   1.00 18.92 ? 50  PRO A O    1 
ATOM   467 C CB   . PRO A 1 50 ? 5.698   -3.543  2.110   1.00 15.29 ? 50  PRO A CB   1 
ATOM   468 C CG   . PRO A 1 50 ? 7.067   -3.177  1.618   1.00 17.52 ? 50  PRO A CG   1 
ATOM   469 C CD   . PRO A 1 50 ? 7.761   -2.775  2.871   1.00 18.46 ? 50  PRO A CD   1 
ATOM   470 N N    . GLU A 1 51 ? 7.205   -6.346  2.703   1.00 20.82 ? 51  GLU A N    1 
ATOM   471 C CA   . GLU A 1 51 ? 7.379   -7.779  2.435   1.00 27.35 ? 51  GLU A CA   1 
ATOM   472 C C    . GLU A 1 51 ? 7.108   -8.574  3.714   1.00 29.20 ? 51  GLU A C    1 
ATOM   473 O O    . GLU A 1 51 ? 6.469   -9.627  3.687   1.00 33.07 ? 51  GLU A O    1 
ATOM   474 C CB   . GLU A 1 51 ? 8.797   -8.082  1.927   1.00 27.01 ? 51  GLU A CB   1 
ATOM   475 C CG   . GLU A 1 51 ? 9.938   -7.732  2.883   1.00 37.81 ? 51  GLU A CG   1 
ATOM   476 C CD   . GLU A 1 51 ? 10.401  -6.274  2.806   1.00 38.75 ? 51  GLU A CD   1 
ATOM   477 O OE1  . GLU A 1 51 ? 9.760   -5.446  2.136   1.00 42.96 ? 51  GLU A OE1  1 
ATOM   478 O OE2  . GLU A 1 51 ? 11.440  -5.949  3.420   1.00 44.13 ? 51  GLU A OE2  1 
ATOM   479 H H    . GLU A 1 51 ? 7.905   -5.701  2.563   1.00 15.00 ? 51  GLU A H    1 
ATOM   480 N N    . GLU A 1 52 ? 7.529   -8.000  4.835   1.00 27.29 ? 52  GLU A N    1 
ATOM   481 C CA   . GLU A 1 52 ? 7.376   -8.576  6.155   1.00 30.97 ? 52  GLU A CA   1 
ATOM   482 C C    . GLU A 1 52 ? 5.911   -8.490  6.589   1.00 30.63 ? 52  GLU A C    1 
ATOM   483 O O    . GLU A 1 52 ? 5.407   -9.378  7.277   1.00 37.02 ? 52  GLU A O    1 
ATOM   484 C CB   . GLU A 1 52 ? 8.295   -7.803  7.102   1.00 34.03 ? 52  GLU A CB   1 
ATOM   485 C CG   . GLU A 1 52 ? 8.169   -8.112  8.573   1.00 39.36 ? 52  GLU A CG   1 
ATOM   486 C CD   . GLU A 1 52 ? 9.000   -7.161  9.434   1.00 41.71 ? 52  GLU A CD   1 
ATOM   487 O OE1  . GLU A 1 52 ? 10.238  -7.107  9.239   1.00 44.87 ? 52  GLU A OE1  1 
ATOM   488 O OE2  . GLU A 1 52 ? 8.411   -6.469  10.297  1.00 42.44 ? 52  GLU A OE2  1 
ATOM   489 H H    . GLU A 1 52 ? 7.944   -7.118  4.776   1.00 15.00 ? 52  GLU A H    1 
ATOM   490 N N    . ILE A 1 53 ? 5.223   -7.436  6.158   1.00 26.45 ? 53  ILE A N    1 
ATOM   491 C CA   . ILE A 1 53 ? 3.813   -7.241  6.488   1.00 22.80 ? 53  ILE A CA   1 
ATOM   492 C C    . ILE A 1 53 ? 2.880   -8.253  5.792   1.00 22.81 ? 53  ILE A C    1 
ATOM   493 O O    . ILE A 1 53 ? 1.879   -8.686  6.371   1.00 27.49 ? 53  ILE A O    1 
ATOM   494 C CB   . ILE A 1 53 ? 3.357   -5.785  6.154   1.00 20.54 ? 53  ILE A CB   1 
ATOM   495 C CG1  . ILE A 1 53 ? 4.086   -4.786  7.041   1.00 20.47 ? 53  ILE A CG1  1 
ATOM   496 C CG2  . ILE A 1 53 ? 1.876   -5.617  6.386   1.00 22.91 ? 53  ILE A CG2  1 
ATOM   497 C CD1  . ILE A 1 53 ? 3.724   -3.357  6.750   1.00 18.79 ? 53  ILE A CD1  1 
ATOM   498 H H    . ILE A 1 53 ? 5.675   -6.755  5.623   1.00 15.00 ? 53  ILE A H    1 
ATOM   499 N N    . GLY A 1 54 ? 3.184   -8.621  4.553   1.00 21.57 ? 54  GLY A N    1 
ATOM   500 C CA   . GLY A 1 54 ? 2.333   -9.565  3.851   1.00 16.79 ? 54  GLY A CA   1 
ATOM   501 C C    . GLY A 1 54 ? 1.408   -8.842  2.892   1.00 19.18 ? 54  GLY A C    1 
ATOM   502 O O    . GLY A 1 54 ? 1.849   -8.393  1.848   1.00 19.04 ? 54  GLY A O    1 
ATOM   503 H H    . GLY A 1 54 ? 3.943   -8.177  4.104   1.00 15.00 ? 54  GLY A H    1 
ATOM   504 N N    . TRP A 1 55 ? 0.138   -8.713  3.242   1.00 21.35 ? 55  TRP A N    1 
ATOM   505 C CA   . TRP A 1 55 ? -0.830  -8.036  2.386   1.00 18.53 ? 55  TRP A CA   1 
ATOM   506 C C    . TRP A 1 55 ? -1.251  -6.676  2.944   1.00 21.04 ? 55  TRP A C    1 
ATOM   507 O O    . TRP A 1 55 ? -1.567  -6.547  4.124   1.00 23.87 ? 55  TRP A O    1 
ATOM   508 C CB   . TRP A 1 55 ? -2.051  -8.934  2.145   1.00 17.51 ? 55  TRP A CB   1 
ATOM   509 C CG   . TRP A 1 55 ? -1.708  -10.111 1.283   1.00 14.86 ? 55  TRP A CG   1 
ATOM   510 C CD1  . TRP A 1 55 ? -1.008  -11.216 1.652   1.00 12.96 ? 55  TRP A CD1  1 
ATOM   511 C CD2  . TRP A 1 55 ? -1.984  -10.256 -0.118  1.00 14.04 ? 55  TRP A CD2  1 
ATOM   512 N NE1  . TRP A 1 55 ? -0.817  -12.038 0.575   1.00 14.01 ? 55  TRP A NE1  1 
ATOM   513 C CE2  . TRP A 1 55 ? -1.405  -11.480 -0.527  1.00 12.55 ? 55  TRP A CE2  1 
ATOM   514 C CE3  . TRP A 1 55 ? -2.652  -9.483  -1.073  1.00 15.02 ? 55  TRP A CE3  1 
ATOM   515 C CZ2  . TRP A 1 55 ? -1.479  -11.943 -1.842  1.00 11.38 ? 55  TRP A CZ2  1 
ATOM   516 C CZ3  . TRP A 1 55 ? -2.722  -9.944  -2.386  1.00 11.44 ? 55  TRP A CZ3  1 
ATOM   517 C CH2  . TRP A 1 55 ? -2.136  -11.165 -2.752  1.00 15.84 ? 55  TRP A CH2  1 
ATOM   518 H H    . TRP A 1 55 ? -0.154  -9.044  4.106   1.00 15.00 ? 55  TRP A H    1 
ATOM   519 H HE1  . TRP A 1 55 ? -0.295  -12.882 0.610   1.00 15.00 ? 55  TRP A HE1  1 
ATOM   520 N N    . LEU A 1 56 ? -1.242  -5.667  2.079   1.00 18.85 ? 56  LEU A N    1 
ATOM   521 C CA   . LEU A 1 56 ? -1.607  -4.314  2.455   1.00 16.30 ? 56  LEU A CA   1 
ATOM   522 C C    . LEU A 1 56 ? -2.873  -3.931  1.723   1.00 14.45 ? 56  LEU A C    1 
ATOM   523 O O    . LEU A 1 56 ? -3.211  -4.524  0.707   1.00 15.70 ? 56  LEU A O    1 
ATOM   524 C CB   . LEU A 1 56 ? -0.490  -3.342  2.080   1.00 21.97 ? 56  LEU A CB   1 
ATOM   525 C CG   . LEU A 1 56 ? 0.894   -3.573  2.695   1.00 22.15 ? 56  LEU A CG   1 
ATOM   526 C CD1  . LEU A 1 56 ? 1.981   -2.937  1.834   1.00 26.96 ? 56  LEU A CD1  1 
ATOM   527 C CD2  . LEU A 1 56 ? 0.928   -3.002  4.099   1.00 25.10 ? 56  LEU A CD2  1 
ATOM   528 H H    . LEU A 1 56 ? -1.012  -5.825  1.135   1.00 15.00 ? 56  LEU A H    1 
ATOM   529 N N    . ASN A 1 57 ? -3.600  -2.973  2.273   1.00 17.37 ? 57  ASN A N    1 
ATOM   530 C CA   . ASN A 1 57 ? -4.823  -2.499  1.652   1.00 17.74 ? 57  ASN A CA   1 
ATOM   531 C C    . ASN A 1 57 ? -4.578  -1.024  1.481   1.00 15.55 ? 57  ASN A C    1 
ATOM   532 O O    . ASN A 1 57 ? -4.151  -0.344  2.418   1.00 19.49 ? 57  ASN A O    1 
ATOM   533 C CB   . ASN A 1 57 ? -6.042  -2.732  2.549   1.00 16.68 ? 57  ASN A CB   1 
ATOM   534 C CG   . ASN A 1 57 ? -7.342  -2.200  1.943   1.00 17.51 ? 57  ASN A CG   1 
ATOM   535 O OD1  . ASN A 1 57 ? -7.728  -1.062  2.185   1.00 23.94 ? 57  ASN A OD1  1 
ATOM   536 N ND2  . ASN A 1 57 ? -8.034  -3.038  1.191   1.00 22.22 ? 57  ASN A ND2  1 
ATOM   537 H H    . ASN A 1 57 ? -3.277  -2.551  3.093   1.00 15.00 ? 57  ASN A H    1 
ATOM   538 H HD21 . ASN A 1 57 ? -8.886  -2.687  0.858   1.00 15.00 ? 57  ASN A HD21 1 
ATOM   539 H HD22 . ASN A 1 57 ? -7.710  -3.930  1.025   1.00 15.00 ? 57  ASN A HD22 1 
ATOM   540 N N    . GLY A 1 58 ? -4.769  -0.538  0.266   1.00 16.76 ? 58  GLY A N    1 
ATOM   541 C CA   . GLY A 1 58 ? -4.540  0.865   0.027   1.00 15.64 ? 58  GLY A CA   1 
ATOM   542 C C    . GLY A 1 58 ? -5.193  1.355   -1.240  1.00 15.47 ? 58  GLY A C    1 
ATOM   543 O O    . GLY A 1 58 ? -5.952  0.625   -1.914  1.00 17.94 ? 58  GLY A O    1 
ATOM   544 H H    . GLY A 1 58 ? -5.058  -1.111  -0.477  1.00 15.00 ? 58  GLY A H    1 
ATOM   545 N N    . TYR A 1 59 ? -4.857  2.599   -1.569  1.00 15.94 ? 59  TYR A N    1 
ATOM   546 C CA   . TYR A 1 59 ? -5.372  3.295   -2.738  1.00 14.35 ? 59  TYR A CA   1 
ATOM   547 C C    . TYR A 1 59 ? -4.295  3.423   -3.810  1.00 12.78 ? 59  TYR A C    1 
ATOM   548 O O    . TYR A 1 59 ? -3.248  4.011   -3.573  1.00 13.81 ? 59  TYR A O    1 
ATOM   549 C CB   . TYR A 1 59 ? -5.831  4.694   -2.306  1.00 17.01 ? 59  TYR A CB   1 
ATOM   550 C CG   . TYR A 1 59 ? -6.365  5.557   -3.425  1.00 20.68 ? 59  TYR A CG   1 
ATOM   551 C CD1  . TYR A 1 59 ? -7.528  5.202   -4.114  1.00 20.46 ? 59  TYR A CD1  1 
ATOM   552 C CD2  . TYR A 1 59 ? -5.677  6.703   -3.836  1.00 24.41 ? 59  TYR A CD2  1 
ATOM   553 C CE1  . TYR A 1 59 ? -7.983  5.953   -5.187  1.00 23.81 ? 59  TYR A CE1  1 
ATOM   554 C CE2  . TYR A 1 59 ? -6.127  7.460   -4.904  1.00 25.90 ? 59  TYR A CE2  1 
ATOM   555 C CZ   . TYR A 1 59 ? -7.274  7.071   -5.576  1.00 23.04 ? 59  TYR A CZ   1 
ATOM   556 O OH   . TYR A 1 59 ? -7.679  7.770   -6.681  1.00 32.74 ? 59  TYR A OH   1 
ATOM   557 H H    . TYR A 1 59 ? -4.263  3.094   -0.972  1.00 15.00 ? 59  TYR A H    1 
ATOM   558 H HH   . TYR A 1 59 ? -8.423  7.314   -7.068  1.00 15.00 ? 59  TYR A HH   1 
ATOM   559 N N    . ASN A 1 60 ? -4.531  2.850   -4.977  1.00 13.41 ? 60  ASN A N    1 
ATOM   560 C CA   . ASN A 1 60 ? -3.579  2.977   -6.055  1.00 14.53 ? 60  ASN A CA   1 
ATOM   561 C C    . ASN A 1 60 ? -3.736  4.386   -6.639  1.00 16.54 ? 60  ASN A C    1 
ATOM   562 O O    . ASN A 1 60 ? -4.670  4.648   -7.389  1.00 19.60 ? 60  ASN A O    1 
ATOM   563 C CB   . ASN A 1 60 ? -3.845  1.928   -7.129  1.00 12.20 ? 60  ASN A CB   1 
ATOM   564 C CG   . ASN A 1 60 ? -2.684  1.786   -8.122  1.00 12.33 ? 60  ASN A CG   1 
ATOM   565 O OD1  . ASN A 1 60 ? -2.018  2.760   -8.479  1.00 18.07 ? 60  ASN A OD1  1 
ATOM   566 N ND2  . ASN A 1 60 ? -2.453  0.562   -8.582  1.00 9.41  ? 60  ASN A ND2  1 
ATOM   567 H H    . ASN A 1 60 ? -5.330  2.307   -5.081  1.00 15.00 ? 60  ASN A H    1 
ATOM   568 H HD21 . ASN A 1 60 ? -1.720  0.470   -9.209  1.00 15.00 ? 60  ASN A HD21 1 
ATOM   569 H HD22 . ASN A 1 60 ? -3.023  -0.159  -8.241  1.00 15.00 ? 60  ASN A HD22 1 
ATOM   570 N N    . GLU A 1 61 ? -2.834  5.289   -6.255  1.00 18.73 ? 61  GLU A N    1 
ATOM   571 C CA   . GLU A 1 61 ? -2.824  6.686   -6.714  1.00 19.78 ? 61  GLU A CA   1 
ATOM   572 C C    . GLU A 1 61 ? -2.780  6.780   -8.230  1.00 19.92 ? 61  GLU A C    1 
ATOM   573 O O    . GLU A 1 61 ? -3.367  7.684   -8.818  1.00 22.50 ? 61  GLU A O    1 
ATOM   574 C CB   . GLU A 1 61 ? -1.590  7.426   -6.181  1.00 23.03 ? 61  GLU A CB   1 
ATOM   575 C CG   . GLU A 1 61 ? -1.453  7.489   -4.673  1.00 29.65 ? 61  GLU A CG   1 
ATOM   576 C CD   . GLU A 1 61 ? -2.326  8.549   -4.033  1.00 39.96 ? 61  GLU A CD   1 
ATOM   577 O OE1  . GLU A 1 61 ? -2.956  9.342   -4.764  1.00 46.39 ? 61  GLU A OE1  1 
ATOM   578 O OE2  . GLU A 1 61 ? -2.375  8.602   -2.789  1.00 45.57 ? 61  GLU A OE2  1 
ATOM   579 H H    . GLU A 1 61 ? -2.128  4.979   -5.652  1.00 15.00 ? 61  GLU A H    1 
ATOM   580 N N    . THR A 1 62 ? -2.075  5.845   -8.854  1.00 18.09 ? 62  THR A N    1 
ATOM   581 C CA   . THR A 1 62 ? -1.908  5.819   -10.295 1.00 19.72 ? 62  THR A CA   1 
ATOM   582 C C    . THR A 1 62 ? -3.112  5.309   -11.085 1.00 21.47 ? 62  THR A C    1 
ATOM   583 O O    . THR A 1 62 ? -3.319  5.713   -12.234 1.00 26.91 ? 62  THR A O    1 
ATOM   584 C CB   . THR A 1 62 ? -0.656  5.007   -10.666 1.00 18.05 ? 62  THR A CB   1 
ATOM   585 O OG1  . THR A 1 62 ? 0.450   5.491   -9.898  1.00 15.57 ? 62  THR A OG1  1 
ATOM   586 C CG2  . THR A 1 62 ? -0.329  5.164   -12.135 1.00 20.89 ? 62  THR A CG2  1 
ATOM   587 H H    . THR A 1 62 ? -1.642  5.137   -8.329  1.00 15.00 ? 62  THR A H    1 
ATOM   588 H HG1  . THR A 1 62 ? 0.509   6.437   -10.063 1.00 15.00 ? 62  THR A HG1  1 
ATOM   589 N N    . THR A 1 63 ? -3.901  4.418   -10.498 1.00 21.51 ? 63  THR A N    1 
ATOM   590 C CA   . THR A 1 63 ? -5.057  3.896   -11.209 1.00 21.83 ? 63  THR A CA   1 
ATOM   591 C C    . THR A 1 63 ? -6.384  4.306   -10.597 1.00 25.01 ? 63  THR A C    1 
ATOM   592 O O    . THR A 1 63 ? -7.422  4.117   -11.216 1.00 26.52 ? 63  THR A O    1 
ATOM   593 C CB   . THR A 1 63 ? -5.028  2.382   -11.269 1.00 20.89 ? 63  THR A CB   1 
ATOM   594 O OG1  . THR A 1 63 ? -5.098  1.868   -9.936  1.00 27.16 ? 63  THR A OG1  1 
ATOM   595 C CG2  . THR A 1 63 ? -3.758  1.905   -11.926 1.00 21.78 ? 63  THR A CG2  1 
ATOM   596 H H    . THR A 1 63 ? -3.704  4.110   -9.586  1.00 15.00 ? 63  THR A H    1 
ATOM   597 H HG1  . THR A 1 63 ? -5.289  0.931   -9.969  1.00 15.00 ? 63  THR A HG1  1 
ATOM   598 N N    . GLY A 1 64 ? -6.360  4.820   -9.370  1.00 25.12 ? 64  GLY A N    1 
ATOM   599 C CA   . GLY A 1 64 ? -7.586  5.232   -8.710  1.00 24.95 ? 64  GLY A CA   1 
ATOM   600 C C    . GLY A 1 64 ? -8.412  4.098   -8.129  1.00 27.82 ? 64  GLY A C    1 
ATOM   601 O O    . GLY A 1 64 ? -9.570  4.296   -7.773  1.00 29.67 ? 64  GLY A O    1 
ATOM   602 H H    . GLY A 1 64 ? -5.519  4.910   -8.921  1.00 15.00 ? 64  GLY A H    1 
ATOM   603 N N    . GLU A 1 65 ? -7.816  2.926   -8.005  1.00 30.69 ? 65  GLU A N    1 
ATOM   604 C CA   . GLU A 1 65 ? -8.502  1.763   -7.460  1.00 28.45 ? 65  GLU A CA   1 
ATOM   605 C C    . GLU A 1 65 ? -8.067  1.529   -6.018  1.00 25.73 ? 65  GLU A C    1 
ATOM   606 O O    . GLU A 1 65 ? -6.934  1.851   -5.677  1.00 22.42 ? 65  GLU A O    1 
ATOM   607 C CB   . GLU A 1 65 ? -8.133  0.530   -8.281  1.00 36.34 ? 65  GLU A CB   1 
ATOM   608 C CG   . GLU A 1 65 ? -8.729  0.479   -9.670  1.00 50.14 ? 65  GLU A CG   1 
ATOM   609 C CD   . GLU A 1 65 ? -10.231 0.287   -9.636  1.00 63.94 ? 65  GLU A CD   1 
ATOM   610 O OE1  . GLU A 1 65 ? -10.683 -0.836  -9.299  1.00 74.04 ? 65  GLU A OE1  1 
ATOM   611 O OE2  . GLU A 1 65 ? -10.960 1.263   -9.931  1.00 75.81 ? 65  GLU A OE2  1 
ATOM   612 H H    . GLU A 1 65 ? -6.883  2.839   -8.287  1.00 15.00 ? 65  GLU A H    1 
ATOM   613 N N    . ARG A 1 66 ? -8.951  0.978   -5.182  1.00 24.42 ? 66  ARG A N    1 
ATOM   614 C CA   . ARG A 1 66 ? -8.641  0.670   -3.774  1.00 21.65 ? 66  ARG A CA   1 
ATOM   615 C C    . ARG A 1 66 ? -8.736  -0.839  -3.589  1.00 18.90 ? 66  ARG A C    1 
ATOM   616 O O    . ARG A 1 66 ? -9.629  -1.482  -4.149  1.00 21.38 ? 66  ARG A O    1 
ATOM   617 C CB   . ARG A 1 66 ? -9.630  1.311   -2.785  1.00 22.52 ? 66  ARG A CB   1 
ATOM   618 C CG   . ARG A 1 66 ? -9.669  2.824   -2.759  1.00 31.42 ? 66  ARG A CG   1 
ATOM   619 C CD   . ARG A 1 66 ? -10.238 3.357   -1.438  1.00 32.26 ? 66  ARG A CD   1 
ATOM   620 N NE   . ARG A 1 66 ? -9.175  3.839   -0.555  1.00 32.14 ? 66  ARG A NE   1 
ATOM   621 C CZ   . ARG A 1 66 ? -8.531  3.086   0.334   1.00 33.75 ? 66  ARG A CZ   1 
ATOM   622 N NH1  . ARG A 1 66 ? -8.868  1.817   0.525   1.00 38.01 ? 66  ARG A NH1  1 
ATOM   623 N NH2  . ARG A 1 66 ? -7.575  3.624   1.070   1.00 37.99 ? 66  ARG A NH2  1 
ATOM   624 H H    . ARG A 1 66 ? -9.829  0.710   -5.523  1.00 15.00 ? 66  ARG A H    1 
ATOM   625 H HE   . ARG A 1 66 ? -8.919  4.786   -0.606  1.00 15.00 ? 66  ARG A HE   1 
ATOM   626 H HH11 . ARG A 1 66 ? -9.618  1.408   0.008   1.00 15.00 ? 66  ARG A HH11 1 
ATOM   627 H HH12 . ARG A 1 66 ? -8.384  1.279   1.217   1.00 15.00 ? 66  ARG A HH12 1 
ATOM   628 H HH21 . ARG A 1 66 ? -7.359  4.596   0.976   1.00 15.00 ? 66  ARG A HH21 1 
ATOM   629 H HH22 . ARG A 1 66 ? -7.110  3.091   1.769   1.00 15.00 ? 66  ARG A HH22 1 
ATOM   630 N N    . GLY A 1 67 ? -7.832  -1.408  -2.795  1.00 16.82 ? 67  GLY A N    1 
ATOM   631 C CA   . GLY A 1 67 ? -7.876  -2.842  -2.575  1.00 11.82 ? 67  GLY A CA   1 
ATOM   632 C C    . GLY A 1 67 ? -6.615  -3.423  -1.970  1.00 12.45 ? 67  GLY A C    1 
ATOM   633 O O    . GLY A 1 67 ? -5.702  -2.699  -1.570  1.00 14.98 ? 67  GLY A O    1 
ATOM   634 H H    . GLY A 1 67 ? -7.114  -0.880  -2.373  1.00 15.00 ? 67  GLY A H    1 
ATOM   635 N N    . ASP A 1 68 ? -6.585  -4.747  -1.901  1.00 12.90 ? 68  ASP A N    1 
ATOM   636 C CA   . ASP A 1 68 ? -5.454  -5.492  -1.351  1.00 16.31 ? 68  ASP A CA   1 
ATOM   637 C C    . ASP A 1 68 ? -4.385  -5.770  -2.392  1.00 11.26 ? 68  ASP A C    1 
ATOM   638 O O    . ASP A 1 68 ? -4.699  -6.116  -3.536  1.00 12.23 ? 68  ASP A O    1 
ATOM   639 C CB   . ASP A 1 68 ? -5.946  -6.816  -0.787  1.00 17.94 ? 68  ASP A CB   1 
ATOM   640 C CG   . ASP A 1 68 ? -6.964  -6.630  0.314   1.00 22.53 ? 68  ASP A CG   1 
ATOM   641 O OD1  . ASP A 1 68 ? -6.851  -5.649  1.074   1.00 24.07 ? 68  ASP A OD1  1 
ATOM   642 O OD2  . ASP A 1 68 ? -7.879  -7.463  0.419   1.00 28.57 ? 68  ASP A OD2  1 
ATOM   643 H H    . ASP A 1 68 ? -7.342  -5.247  -2.273  1.00 15.00 ? 68  ASP A H    1 
ATOM   644 N N    . PHE A 1 69 ? -3.124  -5.664  -1.987  1.00 10.87 ? 69  PHE A N    1 
ATOM   645 C CA   . PHE A 1 69 ? -2.002  -5.897  -2.894  1.00 12.25 ? 69  PHE A CA   1 
ATOM   646 C C    . PHE A 1 69 ? -0.883  -6.489  -2.091  1.00 13.95 ? 69  PHE A C    1 
ATOM   647 O O    . PHE A 1 69 ? -0.744  -6.181  -0.912  1.00 14.81 ? 69  PHE A O    1 
ATOM   648 C CB   . PHE A 1 69 ? -1.554  -4.590  -3.572  1.00 14.73 ? 69  PHE A CB   1 
ATOM   649 C CG   . PHE A 1 69 ? -1.095  -3.510  -2.619  1.00 15.97 ? 69  PHE A CG   1 
ATOM   650 C CD1  . PHE A 1 69 ? 0.235   -3.436  -2.220  1.00 13.73 ? 69  PHE A CD1  1 
ATOM   651 C CD2  . PHE A 1 69 ? -1.987  -2.544  -2.159  1.00 12.87 ? 69  PHE A CD2  1 
ATOM   652 C CE1  . PHE A 1 69 ? 0.672   -2.418  -1.389  1.00 13.17 ? 69  PHE A CE1  1 
ATOM   653 C CE2  . PHE A 1 69 ? -1.560  -1.519  -1.326  1.00 12.48 ? 69  PHE A CE2  1 
ATOM   654 C CZ   . PHE A 1 69 ? -0.224  -1.457  -0.940  1.00 15.50 ? 69  PHE A CZ   1 
ATOM   655 H H    . PHE A 1 69 ? -2.925  -5.419  -1.058  1.00 15.00 ? 69  PHE A H    1 
ATOM   656 N N    . PRO A 1 70 ? -0.059  -7.343  -2.704  1.00 12.44 ? 70  PRO A N    1 
ATOM   657 C CA   . PRO A 1 70 ? 1.058   -7.986  -1.998  1.00 13.22 ? 70  PRO A CA   1 
ATOM   658 C C    . PRO A 1 70 ? 2.264   -7.110  -1.658  1.00 14.89 ? 70  PRO A C    1 
ATOM   659 O O    . PRO A 1 70 ? 2.814   -6.426  -2.505  1.00 16.32 ? 70  PRO A O    1 
ATOM   660 C CB   . PRO A 1 70 ? 1.407   -9.157  -2.909  1.00 9.89  ? 70  PRO A CB   1 
ATOM   661 C CG   . PRO A 1 70 ? 1.069   -8.651  -4.260  1.00 14.09 ? 70  PRO A CG   1 
ATOM   662 C CD   . PRO A 1 70 ? -0.188  -7.838  -4.084  1.00 9.13  ? 70  PRO A CD   1 
ATOM   663 N N    . GLY A 1 71 ? 2.708   -7.214  -0.415  1.00 12.30 ? 71  GLY A N    1 
ATOM   664 C CA   . GLY A 1 71 ? 3.824   -6.427  0.079   1.00 13.23 ? 71  GLY A CA   1 
ATOM   665 C C    . GLY A 1 71 ? 5.171   -6.792  -0.495  1.00 14.23 ? 71  GLY A C    1 
ATOM   666 O O    . GLY A 1 71 ? 6.105   -6.007  -0.394  1.00 21.58 ? 71  GLY A O    1 
ATOM   667 H H    . GLY A 1 71 ? 2.277   -7.858  0.172   1.00 15.00 ? 71  GLY A H    1 
ATOM   668 N N    . THR A 1 72 ? 5.297   -7.991  -1.050  1.00 14.03 ? 72  THR A N    1 
ATOM   669 C CA   . THR A 1 72 ? 6.553   -8.428  -1.652  1.00 12.12 ? 72  THR A CA   1 
ATOM   670 C C    . THR A 1 72 ? 6.740   -7.821  -3.054  1.00 13.54 ? 72  THR A C    1 
ATOM   671 O O    . THR A 1 72 ? 7.803   -7.965  -3.657  1.00 13.68 ? 72  THR A O    1 
ATOM   672 C CB   . THR A 1 72 ? 6.585   -9.957  -1.809  1.00 16.45 ? 72  THR A CB   1 
ATOM   673 O OG1  . THR A 1 72 ? 5.342   -10.401 -2.365  1.00 16.22 ? 72  THR A OG1  1 
ATOM   674 C CG2  . THR A 1 72 ? 6.835   -10.627 -0.470  1.00 17.36 ? 72  THR A CG2  1 
ATOM   675 H H    . THR A 1 72 ? 4.551   -8.623  -1.075  1.00 15.00 ? 72  THR A H    1 
ATOM   676 H HG1  . THR A 1 72 ? 5.485   -11.323 -2.627  1.00 15.00 ? 72  THR A HG1  1 
ATOM   677 N N    . TYR A 1 73 ? 5.704   -7.161  -3.565  1.00 14.58 ? 73  TYR A N    1 
ATOM   678 C CA   . TYR A 1 73 ? 5.759   -6.564  -4.898  1.00 8.87  ? 73  TYR A CA   1 
ATOM   679 C C    . TYR A 1 73 ? 6.028   -5.064  -4.901  1.00 12.35 ? 73  TYR A C    1 
ATOM   680 O O    . TYR A 1 73 ? 6.100   -4.458  -5.973  1.00 14.07 ? 73  TYR A O    1 
ATOM   681 C CB   . TYR A 1 73 ? 4.431   -6.797  -5.620  1.00 11.91 ? 73  TYR A CB   1 
ATOM   682 C CG   . TYR A 1 73 ? 4.258   -8.166  -6.224  1.00 14.27 ? 73  TYR A CG   1 
ATOM   683 C CD1  . TYR A 1 73 ? 4.460   -9.327  -5.477  1.00 20.81 ? 73  TYR A CD1  1 
ATOM   684 C CD2  . TYR A 1 73 ? 3.883   -8.300  -7.560  1.00 15.77 ? 73  TYR A CD2  1 
ATOM   685 C CE1  . TYR A 1 73 ? 4.294   -10.595 -6.058  1.00 24.10 ? 73  TYR A CE1  1 
ATOM   686 C CE2  . TYR A 1 73 ? 3.714   -9.546  -8.142  1.00 17.54 ? 73  TYR A CE2  1 
ATOM   687 C CZ   . TYR A 1 73 ? 3.919   -10.692 -7.395  1.00 21.67 ? 73  TYR A CZ   1 
ATOM   688 O OH   . TYR A 1 73 ? 3.748   -11.926 -8.001  1.00 24.87 ? 73  TYR A OH   1 
ATOM   689 H H    . TYR A 1 73 ? 4.892   -7.047  -3.036  1.00 15.00 ? 73  TYR A H    1 
ATOM   690 H HH   . TYR A 1 73 ? 4.199   -12.597 -7.483  1.00 15.00 ? 73  TYR A HH   1 
ATOM   691 N N    . VAL A 1 74 ? 6.190   -4.460  -3.729  1.00 12.48 ? 74  VAL A N    1 
ATOM   692 C CA   . VAL A 1 74 ? 6.388   -3.013  -3.646  1.00 12.67 ? 74  VAL A CA   1 
ATOM   693 C C    . VAL A 1 74 ? 7.540   -2.568  -2.755  1.00 14.68 ? 74  VAL A C    1 
ATOM   694 O O    . VAL A 1 74 ? 8.111   -3.364  -2.017  1.00 18.06 ? 74  VAL A O    1 
ATOM   695 C CB   . VAL A 1 74 ? 5.111   -2.329  -3.099  1.00 8.16  ? 74  VAL A CB   1 
ATOM   696 C CG1  . VAL A 1 74 ? 3.909   -2.622  -3.998  1.00 13.95 ? 74  VAL A CG1  1 
ATOM   697 C CG2  . VAL A 1 74 ? 4.827   -2.809  -1.671  1.00 6.58  ? 74  VAL A CG2  1 
ATOM   698 H H    . VAL A 1 74 ? 6.224   -4.976  -2.898  1.00 15.00 ? 74  VAL A H    1 
ATOM   699 N N    . GLU A 1 75 ? 7.888   -1.291  -2.832  1.00 14.99 ? 75  GLU A N    1 
ATOM   700 C CA   . GLU A 1 75 ? 8.918   -0.740  -1.967  1.00 13.68 ? 75  GLU A CA   1 
ATOM   701 C C    . GLU A 1 75 ? 8.336   0.481   -1.257  1.00 12.56 ? 75  GLU A C    1 
ATOM   702 O O    . GLU A 1 75 ? 7.481   1.184   -1.803  1.00 13.11 ? 75  GLU A O    1 
ATOM   703 C CB   . GLU A 1 75 ? 10.181  -0.365  -2.738  1.00 14.36 ? 75  GLU A CB   1 
ATOM   704 C CG   . GLU A 1 75 ? 10.047  0.843   -3.627  1.00 20.73 ? 75  GLU A CG   1 
ATOM   705 C CD   . GLU A 1 75 ? 11.366  1.213   -4.261  1.00 26.93 ? 75  GLU A CD   1 
ATOM   706 O OE1  . GLU A 1 75 ? 12.371  1.326   -3.521  1.00 27.97 ? 75  GLU A OE1  1 
ATOM   707 O OE2  . GLU A 1 75 ? 11.397  1.369   -5.495  1.00 28.49 ? 75  GLU A OE2  1 
ATOM   708 H H    . GLU A 1 75 ? 7.437   -0.692  -3.469  1.00 15.00 ? 75  GLU A H    1 
ATOM   709 N N    . TYR A 1 76 ? 8.720   0.656   -0.001  1.00 15.73 ? 76  TYR A N    1 
ATOM   710 C CA   . TYR A 1 76 ? 8.272   1.769   0.806   1.00 15.02 ? 76  TYR A CA   1 
ATOM   711 C C    . TYR A 1 76 ? 9.013   3.010   0.367   1.00 16.66 ? 76  TYR A C    1 
ATOM   712 O O    . TYR A 1 76 ? 10.242  3.034   0.375   1.00 18.28 ? 76  TYR A O    1 
ATOM   713 C CB   . TYR A 1 76 ? 8.588   1.499   2.274   1.00 11.46 ? 76  TYR A CB   1 
ATOM   714 C CG   . TYR A 1 76 ? 8.274   2.648   3.195   1.00 16.24 ? 76  TYR A CG   1 
ATOM   715 C CD1  . TYR A 1 76 ? 6.954   3.012   3.461   1.00 15.97 ? 76  TYR A CD1  1 
ATOM   716 C CD2  . TYR A 1 76 ? 9.292   3.353   3.838   1.00 15.56 ? 76  TYR A CD2  1 
ATOM   717 C CE1  . TYR A 1 76 ? 6.657   4.033   4.340   1.00 14.53 ? 76  TYR A CE1  1 
ATOM   718 C CE2  . TYR A 1 76 ? 9.000   4.383   4.722   1.00 16.54 ? 76  TYR A CE2  1 
ATOM   719 C CZ   . TYR A 1 76 ? 7.687   4.712   4.968   1.00 15.19 ? 76  TYR A CZ   1 
ATOM   720 O OH   . TYR A 1 76 ? 7.398   5.708   5.862   1.00 22.39 ? 76  TYR A OH   1 
ATOM   721 H H    . TYR A 1 76 ? 9.356   0.016   0.397   1.00 15.00 ? 76  TYR A H    1 
ATOM   722 H HH   . TYR A 1 76 ? 6.461   5.685   6.068   1.00 15.00 ? 76  TYR A HH   1 
ATOM   723 N N    . ILE A 1 77 ? 8.282   4.045   -0.023  1.00 18.30 ? 77  ILE A N    1 
ATOM   724 C CA   . ILE A 1 77 ? 8.940   5.262   -0.441  1.00 16.41 ? 77  ILE A CA   1 
ATOM   725 C C    . ILE A 1 77 ? 8.768   6.409   0.551   1.00 18.88 ? 77  ILE A C    1 
ATOM   726 O O    . ILE A 1 77 ? 9.311   7.480   0.328   1.00 27.88 ? 77  ILE A O    1 
ATOM   727 C CB   . ILE A 1 77 ? 8.547   5.683   -1.881  1.00 16.73 ? 77  ILE A CB   1 
ATOM   728 C CG1  . ILE A 1 77 ? 7.076   6.094   -1.950  1.00 15.31 ? 77  ILE A CG1  1 
ATOM   729 C CG2  . ILE A 1 77 ? 8.816   4.536   -2.844  1.00 16.11 ? 77  ILE A CG2  1 
ATOM   730 C CD1  . ILE A 1 77 ? 6.595   6.441   -3.349  1.00 14.43 ? 77  ILE A CD1  1 
ATOM   731 H H    . ILE A 1 77 ? 7.307   3.975   -0.027  1.00 15.00 ? 77  ILE A H    1 
ATOM   732 N N    . GLY A 1 78 ? 8.014   6.188   1.629   1.00 18.17 ? 78  GLY A N    1 
ATOM   733 C CA   . GLY A 1 78 ? 7.842   7.223   2.643   1.00 22.17 ? 78  GLY A CA   1 
ATOM   734 C C    . GLY A 1 78 ? 6.439   7.631   3.063   1.00 23.67 ? 78  GLY A C    1 
ATOM   735 O O    . GLY A 1 78 ? 5.456   7.046   2.622   1.00 22.33 ? 78  GLY A O    1 
ATOM   736 H H    . GLY A 1 78 ? 7.538   5.344   1.728   1.00 15.00 ? 78  GLY A H    1 
ATOM   737 N N    . ARG A 1 79 ? 6.361   8.635   3.944   1.00 26.56 ? 79  ARG A N    1 
ATOM   738 C CA   . ARG A 1 79 ? 5.093   9.171   4.456   1.00 29.26 ? 79  ARG A CA   1 
ATOM   739 C C    . ARG A 1 79 ? 4.536   10.292  3.588   1.00 29.28 ? 79  ARG A C    1 
ATOM   740 O O    . ARG A 1 79 ? 5.286   11.055  2.974   1.00 30.13 ? 79  ARG A O    1 
ATOM   741 C CB   . ARG A 1 79 ? 5.269   9.717   5.878   1.00 29.93 ? 79  ARG A CB   1 
ATOM   742 C CG   . ARG A 1 79 ? 5.417   8.660   6.942   1.00 37.72 ? 79  ARG A CG   1 
ATOM   743 C CD   . ARG A 1 79 ? 5.848   9.266   8.261   1.00 47.25 ? 79  ARG A CD   1 
ATOM   744 N NE   . ARG A 1 79 ? 6.029   8.247   9.295   1.00 53.14 ? 79  ARG A NE   1 
ATOM   745 C CZ   . ARG A 1 79 ? 6.673   8.449   10.446  1.00 63.30 ? 79  ARG A CZ   1 
ATOM   746 N NH1  . ARG A 1 79 ? 7.209   9.641   10.713  1.00 63.34 ? 79  ARG A NH1  1 
ATOM   747 N NH2  . ARG A 1 79 ? 6.789   7.461   11.331  1.00 68.56 ? 79  ARG A NH2  1 
ATOM   748 H H    . ARG A 1 79 ? 7.187   9.062   4.241   1.00 15.00 ? 79  ARG A H    1 
ATOM   749 H HE   . ARG A 1 79 ? 5.658   7.354   9.132   1.00 15.00 ? 79  ARG A HE   1 
ATOM   750 H HH11 . ARG A 1 79 ? 7.130   10.392  10.054  1.00 15.00 ? 79  ARG A HH11 1 
ATOM   751 H HH12 . ARG A 1 79 ? 7.693   9.790   11.575  1.00 15.00 ? 79  ARG A HH12 1 
ATOM   752 H HH21 . ARG A 1 79 ? 6.400   6.564   11.123  1.00 15.00 ? 79  ARG A HH21 1 
ATOM   753 H HH22 . ARG A 1 79 ? 7.280   7.619   12.185  1.00 15.00 ? 79  ARG A HH22 1 
ATOM   754 N N    . LYS A 1 80 ? 3.214   10.421  3.608   1.00 27.91 ? 80  LYS A N    1 
ATOM   755 C CA   . LYS A 1 80 ? 2.506   11.438  2.850   1.00 30.54 ? 80  LYS A CA   1 
ATOM   756 C C    . LYS A 1 80 ? 1.405   12.045  3.699   1.00 28.96 ? 80  LYS A C    1 
ATOM   757 O O    . LYS A 1 80 ? 0.581   11.321  4.262   1.00 28.71 ? 80  LYS A O    1 
ATOM   758 C CB   . LYS A 1 80 ? 1.865   10.821  1.611   1.00 31.20 ? 80  LYS A CB   1 
ATOM   759 C CG   . LYS A 1 80 ? 0.891   11.738  0.913   1.00 33.22 ? 80  LYS A CG   1 
ATOM   760 C CD   . LYS A 1 80 ? 0.369   11.118  -0.354  1.00 39.64 ? 80  LYS A CD   1 
ATOM   761 C CE   . LYS A 1 80 ? -0.592  12.051  -1.069  1.00 40.09 ? 80  LYS A CE   1 
ATOM   762 N NZ   . LYS A 1 80 ? -1.021  11.498  -2.379  1.00 42.68 ? 80  LYS A NZ   1 
ATOM   763 H H    . LYS A 1 80 ? 2.679   9.806   4.165   1.00 15.00 ? 80  LYS A H    1 
ATOM   764 H HZ1  . LYS A 1 80 ? -0.189  11.352  -2.984  1.00 15.00 ? 80  LYS A HZ1  1 
ATOM   765 H HZ2  . LYS A 1 80 ? -1.499  10.589  -2.213  1.00 15.00 ? 80  LYS A HZ2  1 
ATOM   766 H HZ3  . LYS A 1 80 ? -1.670  12.164  -2.842  1.00 15.00 ? 80  LYS A HZ3  1 
ATOM   767 N N    . LYS A 1 81 ? 1.381   13.370  3.788   1.00 32.18 ? 81  LYS A N    1 
ATOM   768 C CA   . LYS A 1 81 ? 0.343   14.060  4.550   1.00 33.86 ? 81  LYS A CA   1 
ATOM   769 C C    . LYS A 1 81 ? -0.886  14.196  3.656   1.00 35.20 ? 81  LYS A C    1 
ATOM   770 O O    . LYS A 1 81 ? -0.798  14.708  2.534   1.00 38.63 ? 81  LYS A O    1 
ATOM   771 C CB   . LYS A 1 81 ? 0.808   15.455  4.980   1.00 37.71 ? 81  LYS A CB   1 
ATOM   772 C CG   . LYS A 1 81 ? 2.139   15.498  5.713   1.00 44.27 ? 81  LYS A CG   1 
ATOM   773 C CD   . LYS A 1 81 ? 2.158   14.675  6.996   1.00 50.12 ? 81  LYS A CD   1 
ATOM   774 C CE   . LYS A 1 81 ? 3.545   14.738  7.641   1.00 52.51 ? 81  LYS A CE   1 
ATOM   775 N NZ   . LYS A 1 81 ? 3.659   13.886  8.861   1.00 52.69 ? 81  LYS A NZ   1 
ATOM   776 H H    . LYS A 1 81 ? 2.057   13.897  3.313   1.00 15.00 ? 81  LYS A H    1 
ATOM   777 H HZ1  . LYS A 1 81 ? 3.395   12.905  8.641   1.00 15.00 ? 81  LYS A HZ1  1 
ATOM   778 H HZ2  . LYS A 1 81 ? 4.633   13.915  9.222   1.00 15.00 ? 81  LYS A HZ2  1 
ATOM   779 H HZ3  . LYS A 1 81 ? 3.005   14.280  9.552   1.00 15.00 ? 81  LYS A HZ3  1 
ATOM   780 N N    . ILE A 1 82 ? -2.015  13.683  4.137   1.00 32.38 ? 82  ILE A N    1 
ATOM   781 C CA   . ILE A 1 82 ? -3.275  13.747  3.408   1.00 30.92 ? 82  ILE A CA   1 
ATOM   782 C C    . ILE A 1 82 ? -3.895  15.086  3.770   1.00 34.25 ? 82  ILE A C    1 
ATOM   783 O O    . ILE A 1 82 ? -3.886  15.492  4.936   1.00 36.18 ? 82  ILE A O    1 
ATOM   784 C CB   . ILE A 1 82 ? -4.240  12.598  3.822   1.00 26.99 ? 82  ILE A CB   1 
ATOM   785 C CG1  . ILE A 1 82 ? -3.562  11.239  3.624   1.00 21.42 ? 82  ILE A CG1  1 
ATOM   786 C CG2  . ILE A 1 82 ? -5.499  12.628  2.977   1.00 24.40 ? 82  ILE A CG2  1 
ATOM   787 C CD1  . ILE A 1 82 ? -3.219  10.903  2.169   1.00 21.21 ? 82  ILE A CD1  1 
ATOM   788 H H    . ILE A 1 82 ? -1.975  13.244  4.998   1.00 15.00 ? 82  ILE A H    1 
ATOM   789 N N    . SER A 1 83 ? -4.428  15.773  2.771   1.00 35.83 ? 83  SER A N    1 
ATOM   790 C CA   . SER A 1 83 ? -5.034  17.078  2.985   1.00 35.12 ? 83  SER A CA   1 
ATOM   791 C C    . SER A 1 83 ? -6.419  17.136  2.366   1.00 36.08 ? 83  SER A C    1 
ATOM   792 O O    . SER A 1 83 ? -6.718  16.412  1.408   1.00 34.50 ? 83  SER A O    1 
ATOM   793 C CB   . SER A 1 83 ? -4.147  18.164  2.374   1.00 41.70 ? 83  SER A CB   1 
ATOM   794 O OG   . SER A 1 83 ? -4.634  19.463  2.676   1.00 55.41 ? 83  SER A OG   1 
ATOM   795 H H    . SER A 1 83 ? -4.407  15.409  1.862   1.00 15.00 ? 83  SER A H    1 
ATOM   796 H HG   . SER A 1 83 ? -5.307  19.740  2.038   1.00 15.00 ? 83  SER A HG   1 
ATOM   797 N N    . PRO A 1 84 ? -7.300  17.963  2.946   1.00 36.71 ? 84  PRO A N    1 
ATOM   798 C CA   . PRO A 1 84 ? -8.670  18.128  2.455   1.00 39.73 ? 84  PRO A CA   1 
ATOM   799 C C    . PRO A 1 84 ? -8.652  18.707  1.038   1.00 39.96 ? 84  PRO A C    1 
ATOM   800 O O    . PRO A 1 84 ? -7.618  19.214  0.592   1.00 43.46 ? 84  PRO A O    1 
ATOM   801 C CB   . PRO A 1 84 ? -9.254  19.134  3.444   1.00 33.64 ? 84  PRO A CB   1 
ATOM   802 C CG   . PRO A 1 84 ? -8.487  18.876  4.698   1.00 35.19 ? 84  PRO A CG   1 
ATOM   803 C CD   . PRO A 1 84 ? -7.094  18.717  4.194   1.00 35.07 ? 84  PRO A CD   1 
ATOM   804 N N    . PRO A 1 85 ? -9.754  18.550  0.280   1.00 40.84 ? 85  PRO A N    1 
ATOM   805 C CA   . PRO A 1 85 ? -9.833  19.080  -1.085  1.00 40.67 ? 85  PRO A CA   1 
ATOM   806 C C    . PRO A 1 85 ? -10.116 20.596  -1.082  1.00 41.17 ? 85  PRO A C    1 
ATOM   807 O O    . PRO A 1 85 ? -10.248 21.213  0.006   1.00 36.86 ? 85  PRO A O    1 
ATOM   808 C CB   . PRO A 1 85 ? -11.019 18.315  -1.688  1.00 37.90 ? 85  PRO A CB   1 
ATOM   809 C CG   . PRO A 1 85 ? -11.189 17.128  -0.807  1.00 38.51 ? 85  PRO A CG   1 
ATOM   810 C CD   . PRO A 1 85 ? -10.912 17.686  0.552   1.00 38.76 ? 85  PRO A CD   1 
ATOM   811 O OXT  . PRO A 1 85 ? -10.254 21.138  -2.194  1.00 46.32 ? 85  PRO A OXT  1 
HETATM 812 O O    . HOH B 2 .  ? -5.671  6.342   9.079   1.00 35.15 ? 86  HOH A O    1 
HETATM 813 H H1   . HOH B 2 .  ? -6.628  6.393   9.219   1.00 0.00  ? 86  HOH A H1   1 
HETATM 814 H H2   . HOH B 2 .  ? -5.479  7.196   8.677   1.00 0.00  ? 86  HOH A H2   1 
HETATM 815 O O    . HOH B 2 .  ? 10.973  -1.181  1.404   0.99 31.60 ? 87  HOH A O    1 
HETATM 816 H H1   . HOH B 2 .  ? 10.854  -1.156  2.369   1.00 0.00  ? 87  HOH A H1   1 
HETATM 817 H H2   . HOH B 2 .  ? 11.721  -0.595  1.257   1.00 0.00  ? 87  HOH A H2   1 
HETATM 818 O O    . HOH B 2 .  ? 3.216   6.211   -11.733 1.02 45.08 ? 88  HOH A O    1 
HETATM 819 H H1   . HOH B 2 .  ? 2.992   6.958   -11.158 1.00 0.00  ? 88  HOH A H1   1 
HETATM 820 H H2   . HOH B 2 .  ? 3.649   6.591   -12.501 1.00 0.00  ? 88  HOH A H2   1 
HETATM 821 O O    . HOH B 2 .  ? -0.728  2.102   -14.534 0.98 23.25 ? 89  HOH A O    1 
HETATM 822 H H1   . HOH B 2 .  ? -1.671  2.132   -14.814 1.00 0.00  ? 89  HOH A H1   1 
HETATM 823 H H2   . HOH B 2 .  ? -0.422  2.934   -14.951 1.00 0.00  ? 89  HOH A H2   1 
HETATM 824 O O    . HOH B 2 .  ? 2.665   2.870   -13.481 1.00 24.54 ? 90  HOH A O    1 
HETATM 825 H H1   . HOH B 2 .  ? 2.409   3.201   -12.620 1.00 0.00  ? 90  HOH A H1   1 
HETATM 826 H H2   . HOH B 2 .  ? 3.580   2.597   -13.348 1.00 0.00  ? 90  HOH A H2   1 
HETATM 827 O O    . HOH B 2 .  ? -3.238  -2.189  4.864   1.01 46.87 ? 91  HOH A O    1 
HETATM 828 H H1   . HOH B 2 .  ? -3.886  -2.117  5.564   1.00 0.00  ? 91  HOH A H1   1 
HETATM 829 H H2   . HOH B 2 .  ? -3.031  -1.257  4.717   1.00 0.00  ? 91  HOH A H2   1 
HETATM 830 O O    . HOH B 2 .  ? -6.892  2.078   14.759  1.00 46.53 ? 92  HOH A O    1 
HETATM 831 H H1   . HOH B 2 .  ? -7.409  1.336   15.109  1.00 0.00  ? 92  HOH A H1   1 
HETATM 832 H H2   . HOH B 2 .  ? -6.593  1.779   13.900  1.00 0.00  ? 92  HOH A H2   1 
HETATM 833 O O    . HOH B 2 .  ? -9.031  1.406   7.587   0.99 37.61 ? 93  HOH A O    1 
HETATM 834 H H1   . HOH B 2 .  ? -9.885  1.786   7.335   1.00 0.00  ? 93  HOH A H1   1 
HETATM 835 H H2   . HOH B 2 .  ? -8.760  1.094   6.692   1.00 0.00  ? 93  HOH A H2   1 
HETATM 836 O O    . HOH B 2 .  ? 5.459   10.912  -3.076  1.03 32.51 ? 94  HOH A O    1 
HETATM 837 H H1   . HOH B 2 .  ? 4.681   11.261  -3.506  1.00 0.00  ? 94  HOH A H1   1 
HETATM 838 H H2   . HOH B 2 .  ? 5.946   10.537  -3.815  1.00 0.00  ? 94  HOH A H2   1 
HETATM 839 O O    . HOH B 2 .  ? -4.994  -6.650  3.782   0.97 44.77 ? 95  HOH A O    1 
HETATM 840 H H1   . HOH B 2 .  ? -5.632  -5.938  3.854   1.00 0.00  ? 95  HOH A H1   1 
HETATM 841 H H2   . HOH B 2 .  ? -4.325  -6.317  3.181   1.00 0.00  ? 95  HOH A H2   1 
HETATM 842 O O    . HOH B 2 .  ? -16.372 -12.158 -4.838  1.00 43.28 ? 96  HOH A O    1 
HETATM 843 H H1   . HOH B 2 .  ? -16.861 -11.570 -4.247  1.00 0.00  ? 96  HOH A H1   1 
HETATM 844 H H2   . HOH B 2 .  ? -15.848 -11.565 -5.397  1.00 0.00  ? 96  HOH A H2   1 
HETATM 845 O O    . HOH B 2 .  ? -9.236  -11.863 0.801   1.01 39.14 ? 97  HOH A O    1 
HETATM 846 H H1   . HOH B 2 .  ? -9.751  -11.196 1.285   1.00 0.00  ? 97  HOH A H1   1 
HETATM 847 H H2   . HOH B 2 .  ? -8.642  -11.302 0.271   1.00 0.00  ? 97  HOH A H2   1 
HETATM 848 O O    . HOH B 2 .  ? -0.953  -8.820  7.293   0.99 45.73 ? 98  HOH A O    1 
HETATM 849 H H1   . HOH B 2 .  ? -1.584  -8.104  7.157   1.00 0.00  ? 98  HOH A H1   1 
HETATM 850 H H2   . HOH B 2 .  ? -0.113  -8.416  7.018   1.00 0.00  ? 98  HOH A H2   1 
HETATM 851 O O    . HOH B 2 .  ? -14.632 -8.038  -11.470 1.00 41.55 ? 99  HOH A O    1 
HETATM 852 H H1   . HOH B 2 .  ? -15.472 -7.690  -11.171 1.00 0.00  ? 99  HOH A H1   1 
HETATM 853 H H2   . HOH B 2 .  ? -14.385 -7.409  -12.152 1.00 0.00  ? 99  HOH A H2   1 
HETATM 854 O O    . HOH B 2 .  ? -3.635  14.262  -8.639  0.99 43.20 ? 100 HOH A O    1 
HETATM 855 H H1   . HOH B 2 .  ? -4.575  14.397  -8.772  1.00 0.00  ? 100 HOH A H1   1 
HETATM 856 H H2   . HOH B 2 .  ? -3.244  14.544  -9.474  1.00 0.00  ? 100 HOH A H2   1 
HETATM 857 O O    . HOH B 2 .  ? 3.388   0.852   -15.870 1.00 34.85 ? 101 HOH A O    1 
HETATM 858 H H1   . HOH B 2 .  ? 3.292   1.410   -15.076 1.00 0.00  ? 101 HOH A H1   1 
HETATM 859 H H2   . HOH B 2 .  ? 3.816   1.489   -16.470 1.00 0.00  ? 101 HOH A H2   1 
HETATM 860 O O    . HOH B 2 .  ? -4.853  8.688   -1.027  1.00 48.56 ? 102 HOH A O    1 
HETATM 861 H H1   . HOH B 2 .  ? -5.289  9.105   -0.286  1.00 0.00  ? 102 HOH A H1   1 
HETATM 862 H H2   . HOH B 2 .  ? -4.139  9.274   -1.289  1.00 0.00  ? 102 HOH A H2   1 
HETATM 863 O O    . HOH B 2 .  ? -3.206  16.980  6.807   1.02 45.39 ? 103 HOH A O    1 
HETATM 864 H H1   . HOH B 2 .  ? -3.938  17.379  6.327   1.00 0.00  ? 103 HOH A H1   1 
HETATM 865 H H2   . HOH B 2 .  ? -2.532  17.114  6.125   1.00 0.00  ? 103 HOH A H2   1 
HETATM 866 O O    . HOH B 2 .  ? 3.284   -1.915  -16.449 0.99 41.60 ? 104 HOH A O    1 
HETATM 867 H H1   . HOH B 2 .  ? 3.161   -0.995  -16.152 1.00 0.00  ? 104 HOH A H1   1 
HETATM 868 H H2   . HOH B 2 .  ? 3.831   -1.815  -17.230 1.00 0.00  ? 104 HOH A H2   1 
HETATM 869 O O    . HOH B 2 .  ? 6.254   -7.900  -13.414 0.99 37.17 ? 105 HOH A O    1 
HETATM 870 H H1   . HOH B 2 .  ? 5.496   -8.030  -13.992 1.00 0.00  ? 105 HOH A H1   1 
HETATM 871 H H2   . HOH B 2 .  ? 6.963   -7.651  -14.024 1.00 0.00  ? 105 HOH A H2   1 
HETATM 872 O O    . HOH B 2 .  ? -6.194  1.917   2.739   1.02 39.81 ? 106 HOH A O    1 
HETATM 873 H H1   . HOH B 2 .  ? -6.135  2.190   3.659   1.00 0.00  ? 106 HOH A H1   1 
HETATM 874 H H2   . HOH B 2 .  ? -5.296  1.718   2.470   1.00 0.00  ? 106 HOH A H2   1 
HETATM 875 O O    . HOH B 2 .  ? -8.554  0.506   5.038   0.96 59.23 ? 107 HOH A O    1 
HETATM 876 H H1   . HOH B 2 .  ? -9.278  0.386   4.396   1.00 0.00  ? 107 HOH A H1   1 
HETATM 877 H H2   . HOH B 2 .  ? -7.890  0.881   4.430   1.00 0.00  ? 107 HOH A H2   1 
HETATM 878 O O    . HOH B 2 .  ? 15.269  2.335   -1.394  0.99 54.69 ? 108 HOH A O    1 
HETATM 879 H H1   . HOH B 2 .  ? 14.793  3.054   -0.964  1.00 0.00  ? 108 HOH A H1   1 
HETATM 880 H H2   . HOH B 2 .  ? 15.826  2.800   -2.026  1.00 0.00  ? 108 HOH A H2   1 
HETATM 881 O O    . HOH B 2 .  ? 3.103   -5.358  17.329  1.01 48.81 ? 109 HOH A O    1 
HETATM 882 H H1   . HOH B 2 .  ? 2.181   -5.212  17.582  1.00 0.00  ? 109 HOH A H1   1 
HETATM 883 H H2   . HOH B 2 .  ? 3.120   -4.856  16.504  1.00 0.00  ? 109 HOH A H2   1 
HETATM 884 O O    . HOH B 2 .  ? -6.465  -9.036  3.825   0.99 50.49 ? 110 HOH A O    1 
HETATM 885 H H1   . HOH B 2 .  ? -7.064  -8.934  4.567   1.00 0.00  ? 110 HOH A H1   1 
HETATM 886 H H2   . HOH B 2 .  ? -5.864  -8.274  3.943   1.00 0.00  ? 110 HOH A H2   1 
HETATM 887 O O    . HOH B 2 .  ? 11.363  -5.919  -3.689  1.01 46.90 ? 111 HOH A O    1 
HETATM 888 H H1   . HOH B 2 .  ? 10.809  -6.287  -2.986  1.00 0.00  ? 111 HOH A H1   1 
HETATM 889 H H2   . HOH B 2 .  ? 12.250  -6.136  -3.407  1.00 0.00  ? 111 HOH A H2   1 
HETATM 890 O O    . HOH B 2 .  ? 13.256  -6.603  -6.385  1.02 41.12 ? 112 HOH A O    1 
HETATM 891 H H1   . HOH B 2 .  ? 12.972  -5.963  -5.727  1.00 0.00  ? 112 HOH A H1   1 
HETATM 892 H H2   . HOH B 2 .  ? 12.527  -7.234  -6.376  1.00 0.00  ? 112 HOH A H2   1 
HETATM 893 O O    . HOH B 2 .  ? 6.188   -11.539 8.664   1.00 44.82 ? 113 HOH A O    1 
HETATM 894 H H1   . HOH B 2 .  ? 5.383   -11.036 8.817   1.00 0.00  ? 113 HOH A H1   1 
HETATM 895 H H2   . HOH B 2 .  ? 6.562   -11.084 7.906   1.00 0.00  ? 113 HOH A H2   1 
HETATM 896 O O    . HOH B 2 .  ? -8.685  0.097   9.908   1.00 42.76 ? 114 HOH A O    1 
HETATM 897 H H1   . HOH B 2 .  ? -9.573  0.437   9.866   1.00 0.00  ? 114 HOH A H1   1 
HETATM 898 H H2   . HOH B 2 .  ? -8.377  0.335   9.008   1.00 0.00  ? 114 HOH A H2   1 
HETATM 899 O O    . HOH B 2 .  ? 12.219  5.095   1.549   1.00 45.94 ? 115 HOH A O    1 
HETATM 900 H H1   . HOH B 2 .  ? 11.931  4.684   0.734   1.00 0.00  ? 115 HOH A H1   1 
HETATM 901 H H2   . HOH B 2 .  ? 12.422  5.998   1.297   1.00 0.00  ? 115 HOH A H2   1 
HETATM 902 O O    . HOH B 2 .  ? -3.344  1.589   -15.325 1.00 57.79 ? 116 HOH A O    1 
HETATM 903 H H1   . HOH B 2 .  ? -3.498  0.857   -15.911 1.00 0.00  ? 116 HOH A H1   1 
HETATM 904 H H2   . HOH B 2 .  ? -3.932  2.293   -15.640 1.00 0.00  ? 116 HOH A H2   1 
HETATM 905 O O    . HOH B 2 .  ? 0.849   1.110   -16.626 1.00 43.64 ? 117 HOH A O    1 
HETATM 906 H H1   . HOH B 2 .  ? 0.472   1.386   -15.778 1.00 0.00  ? 117 HOH A H1   1 
HETATM 907 H H2   . HOH B 2 .  ? 1.776   0.898   -16.362 1.00 0.00  ? 117 HOH A H2   1 
HETATM 908 O O    . HOH B 2 .  ? 6.504   5.918   -10.123 1.00 38.19 ? 118 HOH A O    1 
HETATM 909 H H1   . HOH B 2 .  ? 5.634   5.542   -10.299 1.00 0.00  ? 118 HOH A H1   1 
HETATM 910 H H2   . HOH B 2 .  ? 6.774   6.295   -10.960 1.00 0.00  ? 118 HOH A H2   1 
HETATM 911 O O    . HOH B 2 .  ? -3.761  16.247  9.787   0.98 52.40 ? 119 HOH A O    1 
HETATM 912 H H1   . HOH B 2 .  ? -4.577  16.679  10.101  1.00 0.00  ? 119 HOH A H1   1 
HETATM 913 H H2   . HOH B 2 .  ? -3.399  16.979  9.255   1.00 0.00  ? 119 HOH A H2   1 
HETATM 914 O O    . HOH B 2 .  ? 9.546   4.668   9.102   0.98 53.13 ? 120 HOH A O    1 
HETATM 915 H H1   . HOH B 2 .  ? 9.275   5.096   8.289   1.00 0.00  ? 120 HOH A H1   1 
HETATM 916 H H2   . HOH B 2 .  ? 10.409  4.299   8.902   1.00 0.00  ? 120 HOH A H2   1 
HETATM 917 O O    . HOH B 2 .  ? -6.767  16.815  9.772   0.99 48.47 ? 121 HOH A O    1 
HETATM 918 H H1   . HOH B 2 .  ? -7.650  16.504  9.966   1.00 0.00  ? 121 HOH A H1   1 
HETATM 919 H H2   . HOH B 2 .  ? -6.767  16.841  8.806   1.00 0.00  ? 121 HOH A H2   1 
HETATM 920 O O    . HOH B 2 .  ? 9.044   -12.406 2.201   0.99 52.65 ? 122 HOH A O    1 
HETATM 921 H H1   . HOH B 2 .  ? 8.163   -12.468 2.629   1.00 0.00  ? 122 HOH A H1   1 
HETATM 922 H H2   . HOH B 2 .  ? 9.129   -13.292 1.830   1.00 0.00  ? 122 HOH A H2   1 
HETATM 923 O O    . HOH B 2 .  ? 6.725   5.068   -13.441 0.98 55.16 ? 123 HOH A O    1 
HETATM 924 H H1   . HOH B 2 .  ? 5.895   4.773   -13.066 1.00 0.00  ? 123 HOH A H1   1 
HETATM 925 H H2   . HOH B 2 .  ? 7.247   5.355   -12.693 1.00 0.00  ? 123 HOH A H2   1 
HETATM 926 O O    . HOH B 2 .  ? -4.874  -0.937  -9.673  1.02 26.39 ? 124 HOH A O    1 
HETATM 927 H H1   . HOH B 2 .  ? -4.644  -1.882  -9.691  1.00 0.00  ? 124 HOH A H1   1 
HETATM 928 H H2   . HOH B 2 .  ? -4.016  -0.548  -9.515  1.00 0.00  ? 124 HOH A H2   1 
HETATM 929 O O    . HOH B 2 .  ? -7.050  -3.522  -10.536 1.00 47.14 ? 125 HOH A O    1 
HETATM 930 H H1   . HOH B 2 .  ? -7.808  -3.482  -9.941  1.00 0.00  ? 125 HOH A H1   1 
HETATM 931 H H2   . HOH B 2 .  ? -6.986  -2.693  -11.005 1.00 0.00  ? 125 HOH A H2   1 
HETATM 932 O O    . HOH B 2 .  ? -4.643  -3.922  -15.605 1.00 59.69 ? 126 HOH A O    1 
HETATM 933 H H1   . HOH B 2 .  ? -5.026  -4.744  -15.919 1.00 0.00  ? 126 HOH A H1   1 
HETATM 934 H H2   . HOH B 2 .  ? -5.282  -3.279  -15.946 1.00 0.00  ? 126 HOH A H2   1 
HETATM 935 O O    . HOH B 2 .  ? -6.382  -3.895  6.060   0.98 46.10 ? 127 HOH A O    1 
HETATM 936 H H1   . HOH B 2 .  ? -7.085  -3.244  6.189   1.00 0.00  ? 127 HOH A H1   1 
HETATM 937 H H2   . HOH B 2 .  ? -5.823  -3.496  5.393   1.00 0.00  ? 127 HOH A H2   1 
HETATM 938 O O    . HOH B 2 .  ? -8.376  -9.951  -1.009  0.99 51.63 ? 128 HOH A O    1 
HETATM 939 H H1   . HOH B 2 .  ? -8.230  -9.064  -0.680  1.00 0.00  ? 128 HOH A H1   1 
HETATM 940 H H2   . HOH B 2 .  ? -8.028  -9.898  -1.888  1.00 0.00  ? 128 HOH A H2   1 
HETATM 941 O O    . HOH B 2 .  ? -11.551 0.259   -6.446  1.00 58.47 ? 129 HOH A O    1 
HETATM 942 H H1   . HOH B 2 .  ? -12.019 1.031   -6.782  1.00 0.00  ? 129 HOH A H1   1 
HETATM 943 H H2   . HOH B 2 .  ? -12.108 -0.053  -5.729  1.00 0.00  ? 129 HOH A H2   1 
HETATM 944 O O    . HOH B 2 .  ? -12.075 5.106   -9.544  1.00 58.94 ? 130 HOH A O    1 
HETATM 945 H H1   . HOH B 2 .  ? -12.726 5.773   -9.348  1.00 0.00  ? 130 HOH A H1   1 
HETATM 946 H H2   . HOH B 2 .  ? -11.398 5.574   -10.038 1.00 0.00  ? 130 HOH A H2   1 
HETATM 947 O O    . HOH B 2 .  ? 6.419   -12.673 3.000   1.00 49.73 ? 131 HOH A O    1 
HETATM 948 H H1   . HOH B 2 .  ? 5.772   -12.453 3.690   1.00 0.00  ? 131 HOH A H1   1 
HETATM 949 H H2   . HOH B 2 .  ? 5.923   -12.489 2.203   1.00 0.00  ? 131 HOH A H2   1 
HETATM 950 O O    . HOH B 2 .  ? 6.643   -3.917  20.093  1.00 48.81 ? 132 HOH A O    1 
HETATM 951 H H1   . HOH B 2 .  ? 5.737   -4.240  20.232  1.00 0.00  ? 132 HOH A H1   1 
HETATM 952 H H2   . HOH B 2 .  ? 6.738   -3.509  19.220  1.00 0.00  ? 132 HOH A H2   1 
HETATM 953 O O    . HOH B 2 .  ? 13.813  1.651   -6.846  1.01 50.62 ? 133 HOH A O    1 
HETATM 954 H H1   . HOH B 2 .  ? 12.967  2.066   -6.667  1.00 0.00  ? 133 HOH A H1   1 
HETATM 955 H H2   . HOH B 2 .  ? 14.132  2.149   -7.604  1.00 0.00  ? 133 HOH A H2   1 
HETATM 956 O O    . HOH B 2 .  ? -2.849  -8.319  13.782  0.93 59.32 ? 134 HOH A O    1 
HETATM 957 H H1   . HOH B 2 .  ? -3.410  -7.765  14.329  1.00 0.00  ? 134 HOH A H1   1 
HETATM 958 H H2   . HOH B 2 .  ? -2.164  -7.693  13.504  1.00 0.00  ? 134 HOH A H2   1 
HETATM 959 O O    . HOH B 2 .  ? -10.442 6.323   -2.533  1.07 55.29 ? 135 HOH A O    1 
HETATM 960 H H1   . HOH B 2 .  ? -11.169 5.701   -2.580  1.00 0.00  ? 135 HOH A H1   1 
HETATM 961 H H2   . HOH B 2 .  ? -10.642 6.862   -1.754  1.00 0.00  ? 135 HOH A H2   1 
HETATM 962 O O    . HOH B 2 .  ? 9.931   -12.223 -1.963  0.89 53.64 ? 136 HOH A O    1 
HETATM 963 H H1   . HOH B 2 .  ? 9.716   -11.727 -2.753  1.00 0.00  ? 136 HOH A H1   1 
HETATM 964 H H2   . HOH B 2 .  ? 9.183   -12.810 -1.848  1.00 0.00  ? 136 HOH A H2   1 
HETATM 965 O O    . HOH B 2 .  ? 7.768   -14.340 0.303   1.10 49.38 ? 137 HOH A O    1 
HETATM 966 H H1   . HOH B 2 .  ? 7.025   -14.185 0.889   1.00 0.00  ? 137 HOH A H1   1 
HETATM 967 H H2   . HOH B 2 .  ? 7.392   -14.324 -0.579  1.00 0.00  ? 137 HOH A H2   1 
HETATM 968 O O    . HOH B 2 .  ? -1.933  -13.348 -10.345 0.92 43.79 ? 138 HOH A O    1 
HETATM 969 H H1   . HOH B 2 .  ? -2.751  -12.959 -10.022 1.00 0.00  ? 138 HOH A H1   1 
HETATM 970 H H2   . HOH B 2 .  ? -1.646  -12.754 -11.030 1.00 0.00  ? 138 HOH A H2   1 
HETATM 971 O O    . HOH B 2 .  ? -11.998 -10.452 -2.481  1.09 45.67 ? 139 HOH A O    1 
HETATM 972 H H1   . HOH B 2 .  ? -11.496 -10.621 -1.665  1.00 0.00  ? 139 HOH A H1   1 
HETATM 973 H H2   . HOH B 2 .  ? -12.889 -10.610 -2.081  1.00 0.00  ? 139 HOH A H2   1 
HETATM 974 O O    . HOH B 2 .  ? -13.677 -11.923 -4.351  1.04 52.73 ? 140 HOH A O    1 
HETATM 975 H H1   . HOH B 2 .  ? -14.053 -11.735 -3.473  1.00 0.00  ? 140 HOH A H1   1 
HETATM 976 H H2   . HOH B 2 .  ? -12.727 -12.048 -4.135  1.00 0.00  ? 140 HOH A H2   1 
HETATM 977 O O    . HOH B 2 .  ? -14.586 -10.354 -1.762  0.96 54.32 ? 141 HOH A O    1 
HETATM 978 H H1   . HOH B 2 .  ? -15.124 -9.730  -1.197  1.00 0.00  ? 141 HOH A H1   1 
HETATM 979 H H2   . HOH B 2 .  ? -14.059 -9.684  -2.201  1.00 0.00  ? 141 HOH A H2   1 
HETATM 980 O O    . HOH B 2 .  ? -3.093  10.539  -7.260  0.89 58.73 ? 142 HOH A O    1 
HETATM 981 H H1   . HOH B 2 .  ? -3.672  11.057  -6.690  1.00 0.00  ? 142 HOH A H1   1 
HETATM 982 H H2   . HOH B 2 .  ? -3.591  10.406  -8.089  1.00 0.00  ? 142 HOH A H2   1 
HETATM 983 O O    . HOH B 2 .  ? 9.552   0.756   -9.546  0.76 59.71 ? 143 HOH A O    1 
HETATM 984 H H1   . HOH B 2 .  ? 9.169   0.390   -10.354 1.00 0.00  ? 143 HOH A H1   1 
HETATM 985 H H2   . HOH B 2 .  ? 9.641   1.706   -9.752  1.00 0.00  ? 143 HOH A H2   1 
HETATM 986 O O    . HOH B 2 .  ? -6.889  -2.589  9.093   0.91 53.69 ? 144 HOH A O    1 
HETATM 987 H H1   . HOH B 2 .  ? -7.148  -1.776  9.555   1.00 0.00  ? 144 HOH A H1   1 
HETATM 988 H H2   . HOH B 2 .  ? -5.954  -2.463  8.892   1.00 0.00  ? 144 HOH A H2   1 
# 
